data_1HNL
# 
_entry.id   1HNL 
# 
_audit_conform.dict_name       mmcif_pdbx.dic 
_audit_conform.dict_version    5.393 
_audit_conform.dict_location   http://mmcif.pdb.org/dictionaries/ascii/mmcif_pdbx.dic 
# 
loop_
_database_2.database_id 
_database_2.database_code 
_database_2.pdbx_database_accession 
_database_2.pdbx_DOI 
PDB   1HNL         pdb_00001hnl 10.2210/pdb1hnl/pdb 
WWPDB D_1000173935 ?            ?                   
# 
loop_
_pdbx_audit_revision_history.ordinal 
_pdbx_audit_revision_history.data_content_type 
_pdbx_audit_revision_history.major_revision 
_pdbx_audit_revision_history.minor_revision 
_pdbx_audit_revision_history.revision_date 
1 'Structure model' 1 0 1995-02-14 
2 'Structure model' 1 1 2008-03-24 
3 'Structure model' 1 2 2011-07-13 
4 'Structure model' 1 3 2024-06-05 
# 
_pdbx_audit_revision_details.ordinal             1 
_pdbx_audit_revision_details.revision_ordinal    1 
_pdbx_audit_revision_details.data_content_type   'Structure model' 
_pdbx_audit_revision_details.provider            repository 
_pdbx_audit_revision_details.type                'Initial release' 
_pdbx_audit_revision_details.description         ? 
_pdbx_audit_revision_details.details             ? 
# 
loop_
_pdbx_audit_revision_group.ordinal 
_pdbx_audit_revision_group.revision_ordinal 
_pdbx_audit_revision_group.data_content_type 
_pdbx_audit_revision_group.group 
1 2 'Structure model' 'Version format compliance' 
2 3 'Structure model' 'Version format compliance' 
3 4 'Structure model' 'Data collection'           
4 4 'Structure model' 'Database references'       
5 4 'Structure model' 'Derived calculations'      
6 4 'Structure model' Other                       
# 
loop_
_pdbx_audit_revision_category.ordinal 
_pdbx_audit_revision_category.revision_ordinal 
_pdbx_audit_revision_category.data_content_type 
_pdbx_audit_revision_category.category 
1 4 'Structure model' chem_comp_atom       
2 4 'Structure model' chem_comp_bond       
3 4 'Structure model' database_2           
4 4 'Structure model' pdbx_database_status 
5 4 'Structure model' struct_ref_seq_dif   
6 4 'Structure model' struct_site          
# 
loop_
_pdbx_audit_revision_item.ordinal 
_pdbx_audit_revision_item.revision_ordinal 
_pdbx_audit_revision_item.data_content_type 
_pdbx_audit_revision_item.item 
1 4 'Structure model' '_database_2.pdbx_DOI'                
2 4 'Structure model' '_database_2.pdbx_database_accession' 
3 4 'Structure model' '_pdbx_database_status.process_site'  
4 4 'Structure model' '_struct_ref_seq_dif.details'         
5 4 'Structure model' '_struct_site.pdbx_auth_asym_id'      
6 4 'Structure model' '_struct_site.pdbx_auth_comp_id'      
7 4 'Structure model' '_struct_site.pdbx_auth_seq_id'       
# 
_pdbx_database_status.status_code                     REL 
_pdbx_database_status.entry_id                        1HNL 
_pdbx_database_status.recvd_initial_deposition_date   1994-12-22 
_pdbx_database_status.deposit_site                    ? 
_pdbx_database_status.process_site                    BNL 
_pdbx_database_status.status_code_sf                  REL 
_pdbx_database_status.status_code_mr                  ? 
_pdbx_database_status.SG_entry                        ? 
_pdbx_database_status.status_code_cs                  ? 
_pdbx_database_status.pdb_format_compatible           Y 
_pdbx_database_status.status_code_nmr_data            ? 
_pdbx_database_status.methods_development_category    ? 
# 
loop_
_audit_author.name 
_audit_author.pdbx_ordinal 
'Inaka, K.'      1 
'Matsushima, M.' 2 
'Miki, K.'       3 
# 
loop_
_citation.id 
_citation.title 
_citation.journal_abbrev 
_citation.journal_volume 
_citation.page_first 
_citation.page_last 
_citation.year 
_citation.journal_id_ASTM 
_citation.country 
_citation.journal_id_ISSN 
_citation.journal_id_CSD 
_citation.book_publisher 
_citation.pdbx_database_id_PubMed 
_citation.pdbx_database_id_DOI 
primary 'Structure of a glutathionylated human lysozyme: a folding intermediate mimic in the formation of a disulfide bond.' 
'Acta Crystallogr.,Sect.D' 51  619 625 1995 ABCRE6 DK 0907-4449 0766 ? 15299791 10.1107/S0907444994013478 
1       'Pdi and Glutathione-Mediated Reduction of the Glutathionylated Variant of Human Lysozyme'                           
'FEBS Lett.'               323 203 ?   1993 FEBLAL NE 0014-5793 0165 ? ?        ?                         
# 
loop_
_citation_author.citation_id 
_citation_author.name 
_citation_author.ordinal 
_citation_author.identifier_ORCID 
primary 'Inaka, K.'      1  ? 
primary 'Miki, K.'       2  ? 
primary 'Kikuchi, M.'    3  ? 
primary 'Taniyama, Y.'   4  ? 
primary 'Matsushima, M.' 5  ? 
1       'Hayano, T.'     6  ? 
1       'Inaka, K.'      7  ? 
1       'Otsu, M.'       8  ? 
1       'Taniyama, Y.'   9  ? 
1       'Miki, K.'       10 ? 
1       'Matsushima, M.' 11 ? 
1       'Masakazu, K.'   12 ? 
# 
loop_
_entity.id 
_entity.type 
_entity.src_method 
_entity.pdbx_description 
_entity.formula_weight 
_entity.pdbx_number_of_molecules 
_entity.pdbx_ec 
_entity.pdbx_mutation 
_entity.pdbx_fragment 
_entity.details 
1 polymer     man 'HUMAN LYSOZYME' 14688.627 1   3.2.1.17 ? ? ? 
2 non-polymer syn GLUTATHIONE      307.323   1   ?        ? ? ? 
3 water       nat water            18.015    113 ?        ? ? ? 
# 
_entity_poly.entity_id                      1 
_entity_poly.type                           'polypeptide(L)' 
_entity_poly.nstd_linkage                   no 
_entity_poly.nstd_monomer                   no 
_entity_poly.pdbx_seq_one_letter_code       
;KVFERCELARTLKRLGMDGYRGISLANWMCLAKWESGYNTRATNYNAGDRSTDYGIFQINSRYWCNDGKTPGAVNAAHLS
CSALLQDNIADAVACAKRVVRDPQGIRAWVAWRNRCQNRDVRQYVQGCGV
;
_entity_poly.pdbx_seq_one_letter_code_can   
;KVFERCELARTLKRLGMDGYRGISLANWMCLAKWESGYNTRATNYNAGDRSTDYGIFQINSRYWCNDGKTPGAVNAAHLS
CSALLQDNIADAVACAKRVVRDPQGIRAWVAWRNRCQNRDVRQYVQGCGV
;
_entity_poly.pdbx_strand_id                 A 
_entity_poly.pdbx_target_identifier         ? 
# 
loop_
_pdbx_entity_nonpoly.entity_id 
_pdbx_entity_nonpoly.name 
_pdbx_entity_nonpoly.comp_id 
2 GLUTATHIONE GSH 
3 water       HOH 
# 
loop_
_entity_poly_seq.entity_id 
_entity_poly_seq.num 
_entity_poly_seq.mon_id 
_entity_poly_seq.hetero 
1 1   LYS n 
1 2   VAL n 
1 3   PHE n 
1 4   GLU n 
1 5   ARG n 
1 6   CYS n 
1 7   GLU n 
1 8   LEU n 
1 9   ALA n 
1 10  ARG n 
1 11  THR n 
1 12  LEU n 
1 13  LYS n 
1 14  ARG n 
1 15  LEU n 
1 16  GLY n 
1 17  MET n 
1 18  ASP n 
1 19  GLY n 
1 20  TYR n 
1 21  ARG n 
1 22  GLY n 
1 23  ILE n 
1 24  SER n 
1 25  LEU n 
1 26  ALA n 
1 27  ASN n 
1 28  TRP n 
1 29  MET n 
1 30  CYS n 
1 31  LEU n 
1 32  ALA n 
1 33  LYS n 
1 34  TRP n 
1 35  GLU n 
1 36  SER n 
1 37  GLY n 
1 38  TYR n 
1 39  ASN n 
1 40  THR n 
1 41  ARG n 
1 42  ALA n 
1 43  THR n 
1 44  ASN n 
1 45  TYR n 
1 46  ASN n 
1 47  ALA n 
1 48  GLY n 
1 49  ASP n 
1 50  ARG n 
1 51  SER n 
1 52  THR n 
1 53  ASP n 
1 54  TYR n 
1 55  GLY n 
1 56  ILE n 
1 57  PHE n 
1 58  GLN n 
1 59  ILE n 
1 60  ASN n 
1 61  SER n 
1 62  ARG n 
1 63  TYR n 
1 64  TRP n 
1 65  CYS n 
1 66  ASN n 
1 67  ASP n 
1 68  GLY n 
1 69  LYS n 
1 70  THR n 
1 71  PRO n 
1 72  GLY n 
1 73  ALA n 
1 74  VAL n 
1 75  ASN n 
1 76  ALA n 
1 77  ALA n 
1 78  HIS n 
1 79  LEU n 
1 80  SER n 
1 81  CYS n 
1 82  SER n 
1 83  ALA n 
1 84  LEU n 
1 85  LEU n 
1 86  GLN n 
1 87  ASP n 
1 88  ASN n 
1 89  ILE n 
1 90  ALA n 
1 91  ASP n 
1 92  ALA n 
1 93  VAL n 
1 94  ALA n 
1 95  CYS n 
1 96  ALA n 
1 97  LYS n 
1 98  ARG n 
1 99  VAL n 
1 100 VAL n 
1 101 ARG n 
1 102 ASP n 
1 103 PRO n 
1 104 GLN n 
1 105 GLY n 
1 106 ILE n 
1 107 ARG n 
1 108 ALA n 
1 109 TRP n 
1 110 VAL n 
1 111 ALA n 
1 112 TRP n 
1 113 ARG n 
1 114 ASN n 
1 115 ARG n 
1 116 CYS n 
1 117 GLN n 
1 118 ASN n 
1 119 ARG n 
1 120 ASP n 
1 121 VAL n 
1 122 ARG n 
1 123 GLN n 
1 124 TYR n 
1 125 VAL n 
1 126 GLN n 
1 127 GLY n 
1 128 CYS n 
1 129 GLY n 
1 130 VAL n 
# 
_entity_src_gen.entity_id                          1 
_entity_src_gen.pdbx_src_id                        1 
_entity_src_gen.pdbx_alt_source_flag               sample 
_entity_src_gen.pdbx_seq_type                      ? 
_entity_src_gen.pdbx_beg_seq_num                   ? 
_entity_src_gen.pdbx_end_seq_num                   ? 
_entity_src_gen.gene_src_common_name               human 
_entity_src_gen.gene_src_genus                     Homo 
_entity_src_gen.pdbx_gene_src_gene                 ? 
_entity_src_gen.gene_src_species                   ? 
_entity_src_gen.gene_src_strain                    ? 
_entity_src_gen.gene_src_tissue                    ? 
_entity_src_gen.gene_src_tissue_fraction           ? 
_entity_src_gen.gene_src_details                   ? 
_entity_src_gen.pdbx_gene_src_fragment             ? 
_entity_src_gen.pdbx_gene_src_scientific_name      'Homo sapiens' 
_entity_src_gen.pdbx_gene_src_ncbi_taxonomy_id     9606 
_entity_src_gen.pdbx_gene_src_variant              ? 
_entity_src_gen.pdbx_gene_src_cell_line            ? 
_entity_src_gen.pdbx_gene_src_atcc                 ? 
_entity_src_gen.pdbx_gene_src_organ                ? 
_entity_src_gen.pdbx_gene_src_organelle            ? 
_entity_src_gen.pdbx_gene_src_cell                 ? 
_entity_src_gen.pdbx_gene_src_cellular_location    ? 
_entity_src_gen.host_org_common_name               ? 
_entity_src_gen.pdbx_host_org_scientific_name      ? 
_entity_src_gen.pdbx_host_org_ncbi_taxonomy_id     ? 
_entity_src_gen.host_org_genus                     ? 
_entity_src_gen.pdbx_host_org_gene                 ? 
_entity_src_gen.pdbx_host_org_organ                ? 
_entity_src_gen.host_org_species                   ? 
_entity_src_gen.pdbx_host_org_tissue               ? 
_entity_src_gen.pdbx_host_org_tissue_fraction      ? 
_entity_src_gen.pdbx_host_org_strain               ? 
_entity_src_gen.pdbx_host_org_variant              ? 
_entity_src_gen.pdbx_host_org_cell_line            ? 
_entity_src_gen.pdbx_host_org_atcc                 ? 
_entity_src_gen.pdbx_host_org_culture_collection   ? 
_entity_src_gen.pdbx_host_org_cell                 ? 
_entity_src_gen.pdbx_host_org_organelle            ? 
_entity_src_gen.pdbx_host_org_cellular_location    ? 
_entity_src_gen.pdbx_host_org_vector_type          PLASMID 
_entity_src_gen.pdbx_host_org_vector               ? 
_entity_src_gen.host_org_details                   ? 
_entity_src_gen.expression_system_id               ? 
_entity_src_gen.plasmid_name                       ? 
_entity_src_gen.plasmid_details                    ? 
_entity_src_gen.pdbx_description                   ? 
# 
loop_
_chem_comp.id 
_chem_comp.type 
_chem_comp.mon_nstd_flag 
_chem_comp.name 
_chem_comp.pdbx_synonyms 
_chem_comp.formula 
_chem_comp.formula_weight 
ALA 'L-peptide linking' y ALANINE         ? 'C3 H7 N O2'      89.093  
ARG 'L-peptide linking' y ARGININE        ? 'C6 H15 N4 O2 1'  175.209 
ASN 'L-peptide linking' y ASPARAGINE      ? 'C4 H8 N2 O3'     132.118 
ASP 'L-peptide linking' y 'ASPARTIC ACID' ? 'C4 H7 N O4'      133.103 
CYS 'L-peptide linking' y CYSTEINE        ? 'C3 H7 N O2 S'    121.158 
GLN 'L-peptide linking' y GLUTAMINE       ? 'C5 H10 N2 O3'    146.144 
GLU 'L-peptide linking' y 'GLUTAMIC ACID' ? 'C5 H9 N O4'      147.129 
GLY 'peptide linking'   y GLYCINE         ? 'C2 H5 N O2'      75.067  
GSH non-polymer         . GLUTATHIONE     ? 'C10 H17 N3 O6 S' 307.323 
HIS 'L-peptide linking' y HISTIDINE       ? 'C6 H10 N3 O2 1'  156.162 
HOH non-polymer         . WATER           ? 'H2 O'            18.015  
ILE 'L-peptide linking' y ISOLEUCINE      ? 'C6 H13 N O2'     131.173 
LEU 'L-peptide linking' y LEUCINE         ? 'C6 H13 N O2'     131.173 
LYS 'L-peptide linking' y LYSINE          ? 'C6 H15 N2 O2 1'  147.195 
MET 'L-peptide linking' y METHIONINE      ? 'C5 H11 N O2 S'   149.211 
PHE 'L-peptide linking' y PHENYLALANINE   ? 'C9 H11 N O2'     165.189 
PRO 'L-peptide linking' y PROLINE         ? 'C5 H9 N O2'      115.130 
SER 'L-peptide linking' y SERINE          ? 'C3 H7 N O3'      105.093 
THR 'L-peptide linking' y THREONINE       ? 'C4 H9 N O3'      119.119 
TRP 'L-peptide linking' y TRYPTOPHAN      ? 'C11 H12 N2 O2'   204.225 
TYR 'L-peptide linking' y TYROSINE        ? 'C9 H11 N O3'     181.189 
VAL 'L-peptide linking' y VALINE          ? 'C5 H11 N O2'     117.146 
# 
loop_
_pdbx_poly_seq_scheme.asym_id 
_pdbx_poly_seq_scheme.entity_id 
_pdbx_poly_seq_scheme.seq_id 
_pdbx_poly_seq_scheme.mon_id 
_pdbx_poly_seq_scheme.ndb_seq_num 
_pdbx_poly_seq_scheme.pdb_seq_num 
_pdbx_poly_seq_scheme.auth_seq_num 
_pdbx_poly_seq_scheme.pdb_mon_id 
_pdbx_poly_seq_scheme.auth_mon_id 
_pdbx_poly_seq_scheme.pdb_strand_id 
_pdbx_poly_seq_scheme.pdb_ins_code 
_pdbx_poly_seq_scheme.hetero 
A 1 1   LYS 1   1   1   LYS LYS A . n 
A 1 2   VAL 2   2   2   VAL VAL A . n 
A 1 3   PHE 3   3   3   PHE PHE A . n 
A 1 4   GLU 4   4   4   GLU GLU A . n 
A 1 5   ARG 5   5   5   ARG ARG A . n 
A 1 6   CYS 6   6   6   CYS CYS A . n 
A 1 7   GLU 7   7   7   GLU GLU A . n 
A 1 8   LEU 8   8   8   LEU LEU A . n 
A 1 9   ALA 9   9   9   ALA ALA A . n 
A 1 10  ARG 10  10  10  ARG ARG A . n 
A 1 11  THR 11  11  11  THR THR A . n 
A 1 12  LEU 12  12  12  LEU LEU A . n 
A 1 13  LYS 13  13  13  LYS LYS A . n 
A 1 14  ARG 14  14  14  ARG ARG A . n 
A 1 15  LEU 15  15  15  LEU LEU A . n 
A 1 16  GLY 16  16  16  GLY GLY A . n 
A 1 17  MET 17  17  17  MET MET A . n 
A 1 18  ASP 18  18  18  ASP ASP A . n 
A 1 19  GLY 19  19  19  GLY GLY A . n 
A 1 20  TYR 20  20  20  TYR TYR A . n 
A 1 21  ARG 21  21  21  ARG ARG A . n 
A 1 22  GLY 22  22  22  GLY GLY A . n 
A 1 23  ILE 23  23  23  ILE ILE A . n 
A 1 24  SER 24  24  24  SER SER A . n 
A 1 25  LEU 25  25  25  LEU LEU A . n 
A 1 26  ALA 26  26  26  ALA ALA A . n 
A 1 27  ASN 27  27  27  ASN ASN A . n 
A 1 28  TRP 28  28  28  TRP TRP A . n 
A 1 29  MET 29  29  29  MET MET A . n 
A 1 30  CYS 30  30  30  CYS CYS A . n 
A 1 31  LEU 31  31  31  LEU LEU A . n 
A 1 32  ALA 32  32  32  ALA ALA A . n 
A 1 33  LYS 33  33  33  LYS LYS A . n 
A 1 34  TRP 34  34  34  TRP TRP A . n 
A 1 35  GLU 35  35  35  GLU GLU A . n 
A 1 36  SER 36  36  36  SER SER A . n 
A 1 37  GLY 37  37  37  GLY GLY A . n 
A 1 38  TYR 38  38  38  TYR TYR A . n 
A 1 39  ASN 39  39  39  ASN ASN A . n 
A 1 40  THR 40  40  40  THR THR A . n 
A 1 41  ARG 41  41  41  ARG ARG A . n 
A 1 42  ALA 42  42  42  ALA ALA A . n 
A 1 43  THR 43  43  43  THR THR A . n 
A 1 44  ASN 44  44  44  ASN ASN A . n 
A 1 45  TYR 45  45  45  TYR TYR A . n 
A 1 46  ASN 46  46  46  ASN ASN A . n 
A 1 47  ALA 47  47  47  ALA ALA A . n 
A 1 48  GLY 48  48  48  GLY GLY A . n 
A 1 49  ASP 49  49  49  ASP ASP A . n 
A 1 50  ARG 50  50  50  ARG ARG A . n 
A 1 51  SER 51  51  51  SER SER A . n 
A 1 52  THR 52  52  52  THR THR A . n 
A 1 53  ASP 53  53  53  ASP ASP A . n 
A 1 54  TYR 54  54  54  TYR TYR A . n 
A 1 55  GLY 55  55  55  GLY GLY A . n 
A 1 56  ILE 56  56  56  ILE ILE A . n 
A 1 57  PHE 57  57  57  PHE PHE A . n 
A 1 58  GLN 58  58  58  GLN GLN A . n 
A 1 59  ILE 59  59  59  ILE ILE A . n 
A 1 60  ASN 60  60  60  ASN ASN A . n 
A 1 61  SER 61  61  61  SER SER A . n 
A 1 62  ARG 62  62  62  ARG ARG A . n 
A 1 63  TYR 63  63  63  TYR TYR A . n 
A 1 64  TRP 64  64  64  TRP TRP A . n 
A 1 65  CYS 65  65  65  CYS CYS A . n 
A 1 66  ASN 66  66  66  ASN ASN A . n 
A 1 67  ASP 67  67  67  ASP ASP A . n 
A 1 68  GLY 68  68  68  GLY GLY A . n 
A 1 69  LYS 69  69  69  LYS LYS A . n 
A 1 70  THR 70  70  70  THR THR A . n 
A 1 71  PRO 71  71  71  PRO PRO A . n 
A 1 72  GLY 72  72  72  GLY GLY A . n 
A 1 73  ALA 73  73  73  ALA ALA A . n 
A 1 74  VAL 74  74  74  VAL VAL A . n 
A 1 75  ASN 75  75  75  ASN ASN A . n 
A 1 76  ALA 76  76  76  ALA ALA A . n 
A 1 77  ALA 77  77  77  ALA ALA A . n 
A 1 78  HIS 78  78  78  HIS HIS A . n 
A 1 79  LEU 79  79  79  LEU LEU A . n 
A 1 80  SER 80  80  80  SER SER A . n 
A 1 81  CYS 81  81  81  CYS CYS A . n 
A 1 82  SER 82  82  82  SER SER A . n 
A 1 83  ALA 83  83  83  ALA ALA A . n 
A 1 84  LEU 84  84  84  LEU LEU A . n 
A 1 85  LEU 85  85  85  LEU LEU A . n 
A 1 86  GLN 86  86  86  GLN GLN A . n 
A 1 87  ASP 87  87  87  ASP ASP A . n 
A 1 88  ASN 88  88  88  ASN ASN A . n 
A 1 89  ILE 89  89  89  ILE ILE A . n 
A 1 90  ALA 90  90  90  ALA ALA A . n 
A 1 91  ASP 91  91  91  ASP ASP A . n 
A 1 92  ALA 92  92  92  ALA ALA A . n 
A 1 93  VAL 93  93  93  VAL VAL A . n 
A 1 94  ALA 94  94  94  ALA ALA A . n 
A 1 95  CYS 95  95  95  CYS CYS A . n 
A 1 96  ALA 96  96  96  ALA ALA A . n 
A 1 97  LYS 97  97  97  LYS LYS A . n 
A 1 98  ARG 98  98  98  ARG ARG A . n 
A 1 99  VAL 99  99  99  VAL VAL A . n 
A 1 100 VAL 100 100 100 VAL VAL A . n 
A 1 101 ARG 101 101 101 ARG ARG A . n 
A 1 102 ASP 102 102 102 ASP ASP A . n 
A 1 103 PRO 103 103 103 PRO PRO A . n 
A 1 104 GLN 104 104 104 GLN GLN A . n 
A 1 105 GLY 105 105 105 GLY GLY A . n 
A 1 106 ILE 106 106 106 ILE ILE A . n 
A 1 107 ARG 107 107 107 ARG ARG A . n 
A 1 108 ALA 108 108 108 ALA ALA A . n 
A 1 109 TRP 109 109 109 TRP TRP A . n 
A 1 110 VAL 110 110 110 VAL VAL A . n 
A 1 111 ALA 111 111 111 ALA ALA A . n 
A 1 112 TRP 112 112 112 TRP TRP A . n 
A 1 113 ARG 113 113 113 ARG ARG A . n 
A 1 114 ASN 114 114 114 ASN ASN A . n 
A 1 115 ARG 115 115 115 ARG ARG A . n 
A 1 116 CYS 116 116 116 CYS CYS A . n 
A 1 117 GLN 117 117 117 GLN GLN A . n 
A 1 118 ASN 118 118 118 ASN ASN A . n 
A 1 119 ARG 119 119 119 ARG ARG A . n 
A 1 120 ASP 120 120 120 ASP ASP A . n 
A 1 121 VAL 121 121 121 VAL VAL A . n 
A 1 122 ARG 122 122 122 ARG ARG A . n 
A 1 123 GLN 123 123 123 GLN GLN A . n 
A 1 124 TYR 124 124 124 TYR TYR A . n 
A 1 125 VAL 125 125 125 VAL VAL A . n 
A 1 126 GLN 126 126 126 GLN GLN A . n 
A 1 127 GLY 127 127 127 GLY GLY A . n 
A 1 128 CYS 128 128 128 CYS CYS A . n 
A 1 129 GLY 129 129 129 GLY GLY A . n 
A 1 130 VAL 130 130 130 VAL VAL A . n 
# 
loop_
_pdbx_nonpoly_scheme.asym_id 
_pdbx_nonpoly_scheme.entity_id 
_pdbx_nonpoly_scheme.mon_id 
_pdbx_nonpoly_scheme.ndb_seq_num 
_pdbx_nonpoly_scheme.pdb_seq_num 
_pdbx_nonpoly_scheme.auth_seq_num 
_pdbx_nonpoly_scheme.pdb_mon_id 
_pdbx_nonpoly_scheme.auth_mon_id 
_pdbx_nonpoly_scheme.pdb_strand_id 
_pdbx_nonpoly_scheme.pdb_ins_code 
B 2 GSH 1   500 500 GSH GTT A . 
C 3 HOH 1   131 131 HOH HOH A . 
C 3 HOH 2   132 132 HOH HOH A . 
C 3 HOH 3   133 133 HOH HOH A . 
C 3 HOH 4   134 134 HOH HOH A . 
C 3 HOH 5   135 135 HOH HOH A . 
C 3 HOH 6   136 136 HOH HOH A . 
C 3 HOH 7   137 137 HOH HOH A . 
C 3 HOH 8   138 138 HOH HOH A . 
C 3 HOH 9   139 139 HOH HOH A . 
C 3 HOH 10  140 140 HOH HOH A . 
C 3 HOH 11  141 141 HOH HOH A . 
C 3 HOH 12  142 142 HOH HOH A . 
C 3 HOH 13  143 143 HOH HOH A . 
C 3 HOH 14  144 144 HOH HOH A . 
C 3 HOH 15  145 145 HOH HOH A . 
C 3 HOH 16  146 146 HOH HOH A . 
C 3 HOH 17  147 147 HOH HOH A . 
C 3 HOH 18  148 148 HOH HOH A . 
C 3 HOH 19  149 149 HOH HOH A . 
C 3 HOH 20  150 150 HOH HOH A . 
C 3 HOH 21  151 151 HOH HOH A . 
C 3 HOH 22  152 152 HOH HOH A . 
C 3 HOH 23  153 153 HOH HOH A . 
C 3 HOH 24  154 154 HOH HOH A . 
C 3 HOH 25  155 155 HOH HOH A . 
C 3 HOH 26  156 156 HOH HOH A . 
C 3 HOH 27  157 157 HOH HOH A . 
C 3 HOH 28  158 158 HOH HOH A . 
C 3 HOH 29  159 159 HOH HOH A . 
C 3 HOH 30  160 160 HOH HOH A . 
C 3 HOH 31  161 161 HOH HOH A . 
C 3 HOH 32  162 162 HOH HOH A . 
C 3 HOH 33  163 163 HOH HOH A . 
C 3 HOH 34  164 164 HOH HOH A . 
C 3 HOH 35  165 165 HOH HOH A . 
C 3 HOH 36  166 166 HOH HOH A . 
C 3 HOH 37  167 167 HOH HOH A . 
C 3 HOH 38  168 168 HOH HOH A . 
C 3 HOH 39  169 169 HOH HOH A . 
C 3 HOH 40  170 170 HOH HOH A . 
C 3 HOH 41  171 171 HOH HOH A . 
C 3 HOH 42  172 172 HOH HOH A . 
C 3 HOH 43  173 173 HOH HOH A . 
C 3 HOH 44  174 174 HOH HOH A . 
C 3 HOH 45  175 175 HOH HOH A . 
C 3 HOH 46  176 176 HOH HOH A . 
C 3 HOH 47  178 178 HOH HOH A . 
C 3 HOH 48  179 179 HOH HOH A . 
C 3 HOH 49  180 180 HOH HOH A . 
C 3 HOH 50  181 181 HOH HOH A . 
C 3 HOH 51  182 182 HOH HOH A . 
C 3 HOH 52  184 184 HOH HOH A . 
C 3 HOH 53  185 185 HOH HOH A . 
C 3 HOH 54  186 186 HOH HOH A . 
C 3 HOH 55  188 188 HOH HOH A . 
C 3 HOH 56  189 189 HOH HOH A . 
C 3 HOH 57  190 190 HOH HOH A . 
C 3 HOH 58  191 191 HOH HOH A . 
C 3 HOH 59  192 192 HOH HOH A . 
C 3 HOH 60  193 193 HOH HOH A . 
C 3 HOH 61  194 194 HOH HOH A . 
C 3 HOH 62  195 195 HOH HOH A . 
C 3 HOH 63  196 196 HOH HOH A . 
C 3 HOH 64  197 197 HOH HOH A . 
C 3 HOH 65  198 198 HOH HOH A . 
C 3 HOH 66  199 199 HOH HOH A . 
C 3 HOH 67  200 200 HOH HOH A . 
C 3 HOH 68  201 201 HOH HOH A . 
C 3 HOH 69  202 202 HOH HOH A . 
C 3 HOH 70  203 203 HOH HOH A . 
C 3 HOH 71  204 204 HOH HOH A . 
C 3 HOH 72  205 205 HOH HOH A . 
C 3 HOH 73  206 206 HOH HOH A . 
C 3 HOH 74  207 207 HOH HOH A . 
C 3 HOH 75  208 208 HOH HOH A . 
C 3 HOH 76  209 209 HOH HOH A . 
C 3 HOH 77  211 211 HOH HOH A . 
C 3 HOH 78  213 213 HOH HOH A . 
C 3 HOH 79  402 402 HOH HOH A . 
C 3 HOH 80  403 403 HOH HOH A . 
C 3 HOH 81  404 404 HOH HOH A . 
C 3 HOH 82  405 405 HOH HOH A . 
C 3 HOH 83  406 406 HOH HOH A . 
C 3 HOH 84  409 409 HOH HOH A . 
C 3 HOH 85  411 411 HOH HOH A . 
C 3 HOH 86  413 413 HOH HOH A . 
C 3 HOH 87  421 421 HOH HOH A . 
C 3 HOH 88  422 422 HOH HOH A . 
C 3 HOH 89  423 423 HOH HOH A . 
C 3 HOH 90  424 424 HOH HOH A . 
C 3 HOH 91  426 426 HOH HOH A . 
C 3 HOH 92  428 428 HOH HOH A . 
C 3 HOH 93  429 429 HOH HOH A . 
C 3 HOH 94  430 430 HOH HOH A . 
C 3 HOH 95  431 431 HOH HOH A . 
C 3 HOH 96  432 432 HOH HOH A . 
C 3 HOH 97  434 434 HOH HOH A . 
C 3 HOH 98  436 436 HOH HOH A . 
C 3 HOH 99  437 437 HOH HOH A . 
C 3 HOH 100 438 438 HOH HOH A . 
C 3 HOH 101 439 439 HOH HOH A . 
C 3 HOH 102 441 441 HOH HOH A . 
C 3 HOH 103 442 442 HOH HOH A . 
C 3 HOH 104 443 443 HOH HOH A . 
C 3 HOH 105 444 444 HOH HOH A . 
C 3 HOH 106 446 446 HOH HOH A . 
C 3 HOH 107 447 447 HOH HOH A . 
C 3 HOH 108 450 450 HOH HOH A . 
C 3 HOH 109 454 454 HOH HOH A . 
C 3 HOH 110 457 457 HOH HOH A . 
C 3 HOH 111 458 458 HOH HOH A . 
C 3 HOH 112 459 459 HOH HOH A . 
C 3 HOH 113 461 461 HOH HOH A . 
# 
_software.name             PROLSQ 
_software.classification   refinement 
_software.version          . 
_software.citation_id      ? 
_software.pdbx_ordinal     1 
# 
_cell.entry_id           1HNL 
_cell.length_a           57.190 
_cell.length_b           60.960 
_cell.length_c           33.220 
_cell.angle_alpha        90.00 
_cell.angle_beta         90.00 
_cell.angle_gamma        90.00 
_cell.Z_PDB              4 
_cell.pdbx_unique_axis   ? 
# 
_symmetry.entry_id                         1HNL 
_symmetry.space_group_name_H-M             'P 21 21 21' 
_symmetry.pdbx_full_space_group_name_H-M   ? 
_symmetry.cell_setting                     ? 
_symmetry.Int_Tables_number                19 
# 
_exptl.entry_id          1HNL 
_exptl.method            'X-RAY DIFFRACTION' 
_exptl.crystals_number   ? 
# 
_exptl_crystal.id                    1 
_exptl_crystal.density_meas          ? 
_exptl_crystal.density_Matthews      1.97 
_exptl_crystal.density_percent_sol   37.59 
_exptl_crystal.description           ? 
# 
_diffrn.id                     1 
_diffrn.ambient_temp           ? 
_diffrn.ambient_temp_details   ? 
_diffrn.crystal_id             1 
# 
_diffrn_radiation.diffrn_id                        1 
_diffrn_radiation.wavelength_id                    1 
_diffrn_radiation.pdbx_monochromatic_or_laue_m_l   ? 
_diffrn_radiation.monochromator                    ? 
_diffrn_radiation.pdbx_diffrn_protocol             ? 
_diffrn_radiation.pdbx_scattering_type             x-ray 
# 
_diffrn_radiation_wavelength.id           1 
_diffrn_radiation_wavelength.wavelength   . 
_diffrn_radiation_wavelength.wt           1.0 
# 
_reflns.entry_id                     1HNL 
_reflns.observed_criterion_sigma_I   ? 
_reflns.observed_criterion_sigma_F   ? 
_reflns.d_resolution_low             ? 
_reflns.d_resolution_high            ? 
_reflns.number_obs                   9501 
_reflns.number_all                   ? 
_reflns.percent_possible_obs         84. 
_reflns.pdbx_Rmerge_I_obs            ? 
_reflns.pdbx_Rsym_value              ? 
_reflns.pdbx_netI_over_sigmaI        ? 
_reflns.B_iso_Wilson_estimate        ? 
_reflns.pdbx_redundancy              ? 
_reflns.pdbx_ordinal                 1 
_reflns.pdbx_diffrn_id               1 
# 
_refine.entry_id                                 1HNL 
_refine.ls_number_reflns_obs                     8230 
_refine.ls_number_reflns_all                     ? 
_refine.pdbx_ls_sigma_I                          ? 
_refine.pdbx_ls_sigma_F                          ? 
_refine.pdbx_data_cutoff_high_absF               ? 
_refine.pdbx_data_cutoff_low_absF                ? 
_refine.pdbx_data_cutoff_high_rms_absF           ? 
_refine.ls_d_res_low                             5.0 
_refine.ls_d_res_high                            1.8 
_refine.ls_percent_reflns_obs                    ? 
_refine.ls_R_factor_obs                          0.125 
_refine.ls_R_factor_all                          ? 
_refine.ls_R_factor_R_work                       ? 
_refine.ls_R_factor_R_free                       ? 
_refine.ls_R_factor_R_free_error                 ? 
_refine.ls_R_factor_R_free_error_details         ? 
_refine.ls_percent_reflns_R_free                 ? 
_refine.ls_number_reflns_R_free                  ? 
_refine.ls_number_parameters                     ? 
_refine.ls_number_restraints                     ? 
_refine.occupancy_min                            ? 
_refine.occupancy_max                            ? 
_refine.B_iso_mean                               18.4 
_refine.aniso_B[1][1]                            ? 
_refine.aniso_B[2][2]                            ? 
_refine.aniso_B[3][3]                            ? 
_refine.aniso_B[1][2]                            ? 
_refine.aniso_B[1][3]                            ? 
_refine.aniso_B[2][3]                            ? 
_refine.solvent_model_details                    ? 
_refine.solvent_model_param_ksol                 ? 
_refine.solvent_model_param_bsol                 ? 
_refine.pdbx_ls_cross_valid_method               ? 
_refine.details                                  ? 
_refine.pdbx_starting_model                      ? 
_refine.pdbx_method_to_determine_struct          ? 
_refine.pdbx_isotropic_thermal_model             ? 
_refine.pdbx_stereochemistry_target_values       ? 
_refine.pdbx_stereochem_target_val_spec_case     ? 
_refine.pdbx_R_Free_selection_details            ? 
_refine.pdbx_overall_ESU_R                       ? 
_refine.pdbx_overall_ESU_R_Free                  ? 
_refine.overall_SU_ML                            ? 
_refine.overall_SU_B                             ? 
_refine.pdbx_refine_id                           'X-RAY DIFFRACTION' 
_refine.pdbx_diffrn_id                           1 
_refine.pdbx_TLS_residual_ADP_flag               ? 
_refine.correlation_coeff_Fo_to_Fc               ? 
_refine.correlation_coeff_Fo_to_Fc_free          ? 
_refine.pdbx_solvent_vdw_probe_radii             ? 
_refine.pdbx_solvent_ion_probe_radii             ? 
_refine.pdbx_solvent_shrinkage_radii             ? 
_refine.pdbx_overall_phase_error                 ? 
_refine.overall_SU_R_Cruickshank_DPI             ? 
_refine.pdbx_overall_SU_R_free_Cruickshank_DPI   ? 
_refine.pdbx_overall_SU_R_Blow_DPI               ? 
_refine.pdbx_overall_SU_R_free_Blow_DPI          ? 
# 
_refine_hist.pdbx_refine_id                   'X-RAY DIFFRACTION' 
_refine_hist.cycle_id                         LAST 
_refine_hist.pdbx_number_atoms_protein        1028 
_refine_hist.pdbx_number_atoms_nucleic_acid   0 
_refine_hist.pdbx_number_atoms_ligand         20 
_refine_hist.number_atoms_solvent             113 
_refine_hist.number_atoms_total               1161 
_refine_hist.d_res_high                       1.8 
_refine_hist.d_res_low                        5.0 
# 
loop_
_refine_ls_restr.type 
_refine_ls_restr.dev_ideal 
_refine_ls_restr.dev_ideal_target 
_refine_ls_restr.weight 
_refine_ls_restr.number 
_refine_ls_restr.pdbx_refine_id 
_refine_ls_restr.pdbx_restraint_function 
p_bond_d            0.017 0.020 ? ? 'X-RAY DIFFRACTION' ? 
p_angle_d           0.040 0.040 ? ? 'X-RAY DIFFRACTION' ? 
p_angle_deg         ?     ?     ? ? 'X-RAY DIFFRACTION' ? 
p_planar_d          0.050 0.050 ? ? 'X-RAY DIFFRACTION' ? 
p_hb_or_metal_coord ?     ?     ? ? 'X-RAY DIFFRACTION' ? 
p_mcbond_it         1.425 1.500 ? ? 'X-RAY DIFFRACTION' ? 
p_mcangle_it        2.313 2.000 ? ? 'X-RAY DIFFRACTION' ? 
p_scbond_it         2.283 2.000 ? ? 'X-RAY DIFFRACTION' ? 
p_scangle_it        3.552 2.500 ? ? 'X-RAY DIFFRACTION' ? 
p_plane_restr       0.014 0.020 ? ? 'X-RAY DIFFRACTION' ? 
p_chiral_restr      0.159 0.150 ? ? 'X-RAY DIFFRACTION' ? 
p_singtor_nbd       0.167 0.300 ? ? 'X-RAY DIFFRACTION' ? 
p_multtor_nbd       0.182 0.300 ? ? 'X-RAY DIFFRACTION' ? 
p_xhyhbond_nbd      0.221 0.300 ? ? 'X-RAY DIFFRACTION' ? 
p_xyhbond_nbd       ?     ?     ? ? 'X-RAY DIFFRACTION' ? 
p_planar_tor        2.6   3.0   ? ? 'X-RAY DIFFRACTION' ? 
p_staggered_tor     17.6  15.0  ? ? 'X-RAY DIFFRACTION' ? 
p_orthonormal_tor   20.2  20.0  ? ? 'X-RAY DIFFRACTION' ? 
p_transverse_tor    ?     ?     ? ? 'X-RAY DIFFRACTION' ? 
p_special_tor       ?     ?     ? ? 'X-RAY DIFFRACTION' ? 
# 
_struct.entry_id                  1HNL 
_struct.title                     
'CRYSTAL STRUCTURE OF A GLUTATHIONYLATED HUMAN LYSOZYME: A FOLDING INTERMEDIATE MIMIC IN THE FORMATION OF A DISULFIDE BOND' 
_struct.pdbx_model_details        ? 
_struct.pdbx_CASP_flag            ? 
_struct.pdbx_model_type_details   ? 
# 
_struct_keywords.entry_id        1HNL 
_struct_keywords.pdbx_keywords   'HYDROLASE (O-GLYCOSYL)' 
_struct_keywords.text            'HYDROLASE (O-GLYCOSYL)' 
# 
loop_
_struct_asym.id 
_struct_asym.pdbx_blank_PDB_chainid_flag 
_struct_asym.pdbx_modified 
_struct_asym.entity_id 
_struct_asym.details 
A N N 1 ? 
B N N 2 ? 
C N N 3 ? 
# 
_struct_ref.id                         1 
_struct_ref.db_name                    UNP 
_struct_ref.db_code                    LYSC_HUMAN 
_struct_ref.entity_id                  1 
_struct_ref.pdbx_db_accession          P61626 
_struct_ref.pdbx_align_begin           1 
_struct_ref.pdbx_seq_one_letter_code   
;MKALIVLGLVLLSVTVQGKVFERCELARTLKRLGMDGYRGISLANWMCLAKWESGYNTRATNYNAGDRSTDYGIFQINSR
YWCNDGKTPGAVNACHLSCSALLQDNIADAVACAKRVVRDPQGIRAWVAWRNRCQNRDVRQYVQGCGV
;
_struct_ref.pdbx_db_isoform            ? 
# 
_struct_ref_seq.align_id                      1 
_struct_ref_seq.ref_id                        1 
_struct_ref_seq.pdbx_PDB_id_code              1HNL 
_struct_ref_seq.pdbx_strand_id                A 
_struct_ref_seq.seq_align_beg                 1 
_struct_ref_seq.pdbx_seq_align_beg_ins_code   ? 
_struct_ref_seq.seq_align_end                 130 
_struct_ref_seq.pdbx_seq_align_end_ins_code   ? 
_struct_ref_seq.pdbx_db_accession             P61626 
_struct_ref_seq.db_align_beg                  19 
_struct_ref_seq.pdbx_db_align_beg_ins_code    ? 
_struct_ref_seq.db_align_end                  148 
_struct_ref_seq.pdbx_db_align_end_ins_code    ? 
_struct_ref_seq.pdbx_auth_seq_align_beg       1 
_struct_ref_seq.pdbx_auth_seq_align_end       130 
# 
_struct_ref_seq_dif.align_id                     1 
_struct_ref_seq_dif.pdbx_pdb_id_code             1HNL 
_struct_ref_seq_dif.mon_id                       ALA 
_struct_ref_seq_dif.pdbx_pdb_strand_id           A 
_struct_ref_seq_dif.seq_num                      77 
_struct_ref_seq_dif.pdbx_pdb_ins_code            ? 
_struct_ref_seq_dif.pdbx_seq_db_name             UNP 
_struct_ref_seq_dif.pdbx_seq_db_accession_code   P61626 
_struct_ref_seq_dif.db_mon_id                    CYS 
_struct_ref_seq_dif.pdbx_seq_db_seq_num          95 
_struct_ref_seq_dif.details                      conflict 
_struct_ref_seq_dif.pdbx_auth_seq_num            77 
_struct_ref_seq_dif.pdbx_ordinal                 1 
# 
_pdbx_struct_assembly.id                   1 
_pdbx_struct_assembly.details              author_defined_assembly 
_pdbx_struct_assembly.method_details       ? 
_pdbx_struct_assembly.oligomeric_details   monomeric 
_pdbx_struct_assembly.oligomeric_count     1 
# 
_pdbx_struct_assembly_gen.assembly_id       1 
_pdbx_struct_assembly_gen.oper_expression   1 
_pdbx_struct_assembly_gen.asym_id_list      A,B,C 
# 
_pdbx_struct_oper_list.id                   1 
_pdbx_struct_oper_list.type                 'identity operation' 
_pdbx_struct_oper_list.name                 1_555 
_pdbx_struct_oper_list.symmetry_operation   x,y,z 
_pdbx_struct_oper_list.matrix[1][1]         1.0000000000 
_pdbx_struct_oper_list.matrix[1][2]         0.0000000000 
_pdbx_struct_oper_list.matrix[1][3]         0.0000000000 
_pdbx_struct_oper_list.vector[1]            0.0000000000 
_pdbx_struct_oper_list.matrix[2][1]         0.0000000000 
_pdbx_struct_oper_list.matrix[2][2]         1.0000000000 
_pdbx_struct_oper_list.matrix[2][3]         0.0000000000 
_pdbx_struct_oper_list.vector[2]            0.0000000000 
_pdbx_struct_oper_list.matrix[3][1]         0.0000000000 
_pdbx_struct_oper_list.matrix[3][2]         0.0000000000 
_pdbx_struct_oper_list.matrix[3][3]         1.0000000000 
_pdbx_struct_oper_list.vector[3]            0.0000000000 
# 
_struct_biol.id   1 
# 
loop_
_struct_conf.conf_type_id 
_struct_conf.id 
_struct_conf.pdbx_PDB_helix_id 
_struct_conf.beg_label_comp_id 
_struct_conf.beg_label_asym_id 
_struct_conf.beg_label_seq_id 
_struct_conf.pdbx_beg_PDB_ins_code 
_struct_conf.end_label_comp_id 
_struct_conf.end_label_asym_id 
_struct_conf.end_label_seq_id 
_struct_conf.pdbx_end_PDB_ins_code 
_struct_conf.beg_auth_comp_id 
_struct_conf.beg_auth_asym_id 
_struct_conf.beg_auth_seq_id 
_struct_conf.end_auth_comp_id 
_struct_conf.end_auth_asym_id 
_struct_conf.end_auth_seq_id 
_struct_conf.pdbx_PDB_helix_class 
_struct_conf.details 
_struct_conf.pdbx_PDB_helix_length 
HELX_P HELX_P1 1 ARG A 5   ? ARG A 14  ? ARG A 5   ARG A 14  1 ? 10 
HELX_P HELX_P2 2 TYR A 20  ? GLY A 22  ? TYR A 20  GLY A 22  5 ? 3  
HELX_P HELX_P3 3 LEU A 25  ? SER A 36  ? LEU A 25  SER A 36  1 ? 12 
HELX_P HELX_P4 4 CYS A 81  ? LEU A 85  ? CYS A 81  LEU A 85  5 ? 5  
HELX_P HELX_P5 5 ALA A 90  ? ARG A 101 ? ALA A 90  ARG A 101 1 ? 12 
HELX_P HELX_P6 6 GLY A 105 ? ALA A 108 ? GLY A 105 ALA A 108 5 ? 4  
HELX_P HELX_P7 7 VAL A 110 ? ARG A 115 ? VAL A 110 ARG A 115 1 ? 6  
HELX_P HELX_P8 8 ARG A 122 ? TYR A 124 ? ARG A 122 TYR A 124 5 ? 3  
# 
_struct_conf_type.id          HELX_P 
_struct_conf_type.criteria    ? 
_struct_conf_type.reference   ? 
# 
loop_
_struct_conn.id 
_struct_conn.conn_type_id 
_struct_conn.pdbx_leaving_atom_flag 
_struct_conn.pdbx_PDB_id 
_struct_conn.ptnr1_label_asym_id 
_struct_conn.ptnr1_label_comp_id 
_struct_conn.ptnr1_label_seq_id 
_struct_conn.ptnr1_label_atom_id 
_struct_conn.pdbx_ptnr1_label_alt_id 
_struct_conn.pdbx_ptnr1_PDB_ins_code 
_struct_conn.pdbx_ptnr1_standard_comp_id 
_struct_conn.ptnr1_symmetry 
_struct_conn.ptnr2_label_asym_id 
_struct_conn.ptnr2_label_comp_id 
_struct_conn.ptnr2_label_seq_id 
_struct_conn.ptnr2_label_atom_id 
_struct_conn.pdbx_ptnr2_label_alt_id 
_struct_conn.pdbx_ptnr2_PDB_ins_code 
_struct_conn.ptnr1_auth_asym_id 
_struct_conn.ptnr1_auth_comp_id 
_struct_conn.ptnr1_auth_seq_id 
_struct_conn.ptnr2_auth_asym_id 
_struct_conn.ptnr2_auth_comp_id 
_struct_conn.ptnr2_auth_seq_id 
_struct_conn.ptnr2_symmetry 
_struct_conn.pdbx_ptnr3_label_atom_id 
_struct_conn.pdbx_ptnr3_label_seq_id 
_struct_conn.pdbx_ptnr3_label_comp_id 
_struct_conn.pdbx_ptnr3_label_asym_id 
_struct_conn.pdbx_ptnr3_label_alt_id 
_struct_conn.pdbx_ptnr3_PDB_ins_code 
_struct_conn.details 
_struct_conn.pdbx_dist_value 
_struct_conn.pdbx_value_order 
_struct_conn.pdbx_role 
disulf1 disulf ? ? A CYS 6  SG ? ? ? 1_555 A CYS 128 SG ? ? A CYS 6  A CYS 128 1_555 ? ? ? ? ? ? ? 2.033 ? ? 
disulf2 disulf ? ? A CYS 30 SG ? ? ? 1_555 A CYS 116 SG ? ? A CYS 30 A CYS 116 1_555 ? ? ? ? ? ? ? 2.015 ? ? 
disulf3 disulf ? ? A CYS 65 SG ? ? ? 1_555 A CYS 81  SG ? ? A CYS 65 A CYS 81  1_555 ? ? ? ? ? ? ? 2.040 ? ? 
# 
_struct_conn_type.id          disulf 
_struct_conn_type.criteria    ? 
_struct_conn_type.reference   ? 
# 
_struct_sheet.id               A 
_struct_sheet.type             ? 
_struct_sheet.number_strands   2 
_struct_sheet.details          ? 
# 
_struct_sheet_order.sheet_id     A 
_struct_sheet_order.range_id_1   1 
_struct_sheet_order.range_id_2   2 
_struct_sheet_order.offset       ? 
_struct_sheet_order.sense        anti-parallel 
# 
loop_
_struct_sheet_range.sheet_id 
_struct_sheet_range.id 
_struct_sheet_range.beg_label_comp_id 
_struct_sheet_range.beg_label_asym_id 
_struct_sheet_range.beg_label_seq_id 
_struct_sheet_range.pdbx_beg_PDB_ins_code 
_struct_sheet_range.end_label_comp_id 
_struct_sheet_range.end_label_asym_id 
_struct_sheet_range.end_label_seq_id 
_struct_sheet_range.pdbx_end_PDB_ins_code 
_struct_sheet_range.beg_auth_comp_id 
_struct_sheet_range.beg_auth_asym_id 
_struct_sheet_range.beg_auth_seq_id 
_struct_sheet_range.end_auth_comp_id 
_struct_sheet_range.end_auth_asym_id 
_struct_sheet_range.end_auth_seq_id 
A 1 THR A 43 ? ASN A 46 ? THR A 43 ASN A 46 
A 2 SER A 51 ? TYR A 54 ? SER A 51 TYR A 54 
# 
_pdbx_struct_sheet_hbond.sheet_id                A 
_pdbx_struct_sheet_hbond.range_id_1              1 
_pdbx_struct_sheet_hbond.range_id_2              2 
_pdbx_struct_sheet_hbond.range_1_label_atom_id   O 
_pdbx_struct_sheet_hbond.range_1_label_comp_id   ASN 
_pdbx_struct_sheet_hbond.range_1_label_asym_id   A 
_pdbx_struct_sheet_hbond.range_1_label_seq_id    44 
_pdbx_struct_sheet_hbond.range_1_PDB_ins_code    ? 
_pdbx_struct_sheet_hbond.range_1_auth_atom_id    O 
_pdbx_struct_sheet_hbond.range_1_auth_comp_id    ASN 
_pdbx_struct_sheet_hbond.range_1_auth_asym_id    A 
_pdbx_struct_sheet_hbond.range_1_auth_seq_id     44 
_pdbx_struct_sheet_hbond.range_2_label_atom_id   N 
_pdbx_struct_sheet_hbond.range_2_label_comp_id   ASP 
_pdbx_struct_sheet_hbond.range_2_label_asym_id   A 
_pdbx_struct_sheet_hbond.range_2_label_seq_id    53 
_pdbx_struct_sheet_hbond.range_2_PDB_ins_code    ? 
_pdbx_struct_sheet_hbond.range_2_auth_atom_id    N 
_pdbx_struct_sheet_hbond.range_2_auth_comp_id    ASP 
_pdbx_struct_sheet_hbond.range_2_auth_asym_id    A 
_pdbx_struct_sheet_hbond.range_2_auth_seq_id     53 
# 
_struct_site.id                   AC1 
_struct_site.pdbx_evidence_code   Software 
_struct_site.pdbx_auth_asym_id    A 
_struct_site.pdbx_auth_comp_id    GSH 
_struct_site.pdbx_auth_seq_id     500 
_struct_site.pdbx_auth_ins_code   ? 
_struct_site.pdbx_num_residues    9 
_struct_site.details              'BINDING SITE FOR RESIDUE GSH A 500' 
# 
loop_
_struct_site_gen.id 
_struct_site_gen.site_id 
_struct_site_gen.pdbx_num_res 
_struct_site_gen.label_comp_id 
_struct_site_gen.label_asym_id 
_struct_site_gen.label_seq_id 
_struct_site_gen.pdbx_auth_ins_code 
_struct_site_gen.auth_comp_id 
_struct_site_gen.auth_asym_id 
_struct_site_gen.auth_seq_id 
_struct_site_gen.label_atom_id 
_struct_site_gen.label_alt_id 
_struct_site_gen.symmetry 
_struct_site_gen.details 
1 AC1 9 LYS A 33 ? LYS A 33  . ? 1_556 ? 
2 AC1 9 TYR A 63 ? TYR A 63  . ? 1_555 ? 
3 AC1 9 TRP A 64 ? TRP A 64  . ? 1_555 ? 
4 AC1 9 ALA A 77 ? ALA A 77  . ? 1_555 ? 
5 AC1 9 LEU A 79 ? LEU A 79  . ? 1_555 ? 
6 AC1 9 CYS A 95 ? CYS A 95  . ? 1_555 ? 
7 AC1 9 ARG A 98 ? ARG A 98  . ? 1_555 ? 
8 AC1 9 HOH C .  ? HOH A 211 . ? 1_555 ? 
9 AC1 9 HOH C .  ? HOH A 461 . ? 1_555 ? 
# 
_pdbx_validate_close_contact.id               1 
_pdbx_validate_close_contact.PDB_model_num    1 
_pdbx_validate_close_contact.auth_atom_id_1   SG 
_pdbx_validate_close_contact.auth_asym_id_1   A 
_pdbx_validate_close_contact.auth_comp_id_1   CYS 
_pdbx_validate_close_contact.auth_seq_id_1    95 
_pdbx_validate_close_contact.PDB_ins_code_1   ? 
_pdbx_validate_close_contact.label_alt_id_1   ? 
_pdbx_validate_close_contact.auth_atom_id_2   SG2 
_pdbx_validate_close_contact.auth_asym_id_2   A 
_pdbx_validate_close_contact.auth_comp_id_2   GSH 
_pdbx_validate_close_contact.auth_seq_id_2    500 
_pdbx_validate_close_contact.PDB_ins_code_2   ? 
_pdbx_validate_close_contact.label_alt_id_2   ? 
_pdbx_validate_close_contact.dist             2.05 
# 
_pdbx_validate_symm_contact.id                1 
_pdbx_validate_symm_contact.PDB_model_num     1 
_pdbx_validate_symm_contact.auth_atom_id_1    O 
_pdbx_validate_symm_contact.auth_asym_id_1    A 
_pdbx_validate_symm_contact.auth_comp_id_1    HOH 
_pdbx_validate_symm_contact.auth_seq_id_1     131 
_pdbx_validate_symm_contact.PDB_ins_code_1    ? 
_pdbx_validate_symm_contact.label_alt_id_1    ? 
_pdbx_validate_symm_contact.site_symmetry_1   1_555 
_pdbx_validate_symm_contact.auth_atom_id_2    O 
_pdbx_validate_symm_contact.auth_asym_id_2    A 
_pdbx_validate_symm_contact.auth_comp_id_2    HOH 
_pdbx_validate_symm_contact.auth_seq_id_2     429 
_pdbx_validate_symm_contact.PDB_ins_code_2    ? 
_pdbx_validate_symm_contact.label_alt_id_2    ? 
_pdbx_validate_symm_contact.site_symmetry_2   4_556 
_pdbx_validate_symm_contact.dist              2.13 
# 
_pdbx_validate_rmsd_bond.id                        1 
_pdbx_validate_rmsd_bond.PDB_model_num             1 
_pdbx_validate_rmsd_bond.auth_atom_id_1            CD 
_pdbx_validate_rmsd_bond.auth_asym_id_1            A 
_pdbx_validate_rmsd_bond.auth_comp_id_1            GLU 
_pdbx_validate_rmsd_bond.auth_seq_id_1             35 
_pdbx_validate_rmsd_bond.PDB_ins_code_1            ? 
_pdbx_validate_rmsd_bond.label_alt_id_1            ? 
_pdbx_validate_rmsd_bond.auth_atom_id_2            OE1 
_pdbx_validate_rmsd_bond.auth_asym_id_2            A 
_pdbx_validate_rmsd_bond.auth_comp_id_2            GLU 
_pdbx_validate_rmsd_bond.auth_seq_id_2             35 
_pdbx_validate_rmsd_bond.PDB_ins_code_2            ? 
_pdbx_validate_rmsd_bond.label_alt_id_2            ? 
_pdbx_validate_rmsd_bond.bond_value                1.183 
_pdbx_validate_rmsd_bond.bond_target_value         1.252 
_pdbx_validate_rmsd_bond.bond_deviation            -0.069 
_pdbx_validate_rmsd_bond.bond_standard_deviation   0.011 
_pdbx_validate_rmsd_bond.linker_flag               N 
# 
loop_
_pdbx_validate_rmsd_angle.id 
_pdbx_validate_rmsd_angle.PDB_model_num 
_pdbx_validate_rmsd_angle.auth_atom_id_1 
_pdbx_validate_rmsd_angle.auth_asym_id_1 
_pdbx_validate_rmsd_angle.auth_comp_id_1 
_pdbx_validate_rmsd_angle.auth_seq_id_1 
_pdbx_validate_rmsd_angle.PDB_ins_code_1 
_pdbx_validate_rmsd_angle.label_alt_id_1 
_pdbx_validate_rmsd_angle.auth_atom_id_2 
_pdbx_validate_rmsd_angle.auth_asym_id_2 
_pdbx_validate_rmsd_angle.auth_comp_id_2 
_pdbx_validate_rmsd_angle.auth_seq_id_2 
_pdbx_validate_rmsd_angle.PDB_ins_code_2 
_pdbx_validate_rmsd_angle.label_alt_id_2 
_pdbx_validate_rmsd_angle.auth_atom_id_3 
_pdbx_validate_rmsd_angle.auth_asym_id_3 
_pdbx_validate_rmsd_angle.auth_comp_id_3 
_pdbx_validate_rmsd_angle.auth_seq_id_3 
_pdbx_validate_rmsd_angle.PDB_ins_code_3 
_pdbx_validate_rmsd_angle.label_alt_id_3 
_pdbx_validate_rmsd_angle.angle_value 
_pdbx_validate_rmsd_angle.angle_target_value 
_pdbx_validate_rmsd_angle.angle_deviation 
_pdbx_validate_rmsd_angle.angle_standard_deviation 
_pdbx_validate_rmsd_angle.linker_flag 
1  1 NE A ARG 10  ? ? CZ A ARG 10  ? ? NH1 A ARG 10  ? ? 115.93 120.30 -4.37 0.50 N 
2  1 NE A ARG 14  ? ? CZ A ARG 14  ? ? NH1 A ARG 14  ? ? 125.07 120.30 4.77  0.50 N 
3  1 CD A ARG 21  ? ? NE A ARG 21  ? ? CZ  A ARG 21  ? ? 139.15 123.60 15.55 1.40 N 
4  1 NE A ARG 21  ? ? CZ A ARG 21  ? ? NH1 A ARG 21  ? ? 123.89 120.30 3.59  0.50 N 
5  1 NE A ARG 21  ? ? CZ A ARG 21  ? ? NH2 A ARG 21  ? ? 115.20 120.30 -5.10 0.50 N 
6  1 CB A ASP 49  ? ? CG A ASP 49  ? ? OD1 A ASP 49  ? ? 123.96 118.30 5.66  0.90 N 
7  1 NE A ARG 50  ? ? CZ A ARG 50  ? ? NH1 A ARG 50  ? ? 126.40 120.30 6.10  0.50 N 
8  1 NE A ARG 50  ? ? CZ A ARG 50  ? ? NH2 A ARG 50  ? ? 116.31 120.30 -3.99 0.50 N 
9  1 N  A HIS 78  ? ? CA A HIS 78  ? ? CB  A HIS 78  ? ? 122.06 110.60 11.46 1.80 N 
10 1 CA A HIS 78  ? ? CB A HIS 78  ? ? CG  A HIS 78  ? ? 147.40 113.60 33.80 1.70 N 
11 1 NE A ARG 98  ? ? CZ A ARG 98  ? ? NH1 A ARG 98  ? ? 123.97 120.30 3.67  0.50 N 
12 1 NE A ARG 101 ? ? CZ A ARG 101 ? ? NH1 A ARG 101 ? ? 124.43 120.30 4.13  0.50 N 
13 1 NE A ARG 101 ? ? CZ A ARG 101 ? ? NH2 A ARG 101 ? ? 115.12 120.30 -5.18 0.50 N 
14 1 CD A ARG 107 ? ? NE A ARG 107 ? ? CZ  A ARG 107 ? ? 133.45 123.60 9.85  1.40 N 
15 1 NE A ARG 107 ? ? CZ A ARG 107 ? ? NH2 A ARG 107 ? ? 116.87 120.30 -3.43 0.50 N 
16 1 NE A ARG 119 ? ? CZ A ARG 119 ? ? NH2 A ARG 119 ? ? 116.88 120.30 -3.42 0.50 N 
# 
loop_
_pdbx_validate_torsion.id 
_pdbx_validate_torsion.PDB_model_num 
_pdbx_validate_torsion.auth_comp_id 
_pdbx_validate_torsion.auth_asym_id 
_pdbx_validate_torsion.auth_seq_id 
_pdbx_validate_torsion.PDB_ins_code 
_pdbx_validate_torsion.label_alt_id 
_pdbx_validate_torsion.phi 
_pdbx_validate_torsion.psi 
1 1 VAL A 74 ? ? -13.21 76.05   
2 1 ASN A 75 ? ? 50.50  -178.48 
3 1 ALA A 76 ? ? 84.92  117.27  
4 1 ALA A 77 ? ? 143.61 -73.50  
5 1 HIS A 78 ? ? 87.73  -38.08  
# 
_pdbx_entry_details.entry_id                 1HNL 
_pdbx_entry_details.compound_details         ? 
_pdbx_entry_details.source_details           
;THE EXPRESSION PLASMID OF THE MUTANT HUMAN LYSOZYME,
  C77A, IN WHICH CYS 77 IS REPLACED BY ALA, WAS PREVIOUSLY
  DESCRIBED (TANIYAMA,Y., SEKO,C., AND KIKUCHI,M. (1990)
  J.BIOL.CHEM. 265, 16767-16771).
;
_pdbx_entry_details.nonpolymer_details       ? 
_pdbx_entry_details.sequence_details         ? 
_pdbx_entry_details.has_ligand_of_interest   ? 
# 
loop_
_chem_comp_atom.comp_id 
_chem_comp_atom.atom_id 
_chem_comp_atom.type_symbol 
_chem_comp_atom.pdbx_aromatic_flag 
_chem_comp_atom.pdbx_stereo_config 
_chem_comp_atom.pdbx_ordinal 
ALA N    N N N 1   
ALA CA   C N S 2   
ALA C    C N N 3   
ALA O    O N N 4   
ALA CB   C N N 5   
ALA OXT  O N N 6   
ALA H    H N N 7   
ALA H2   H N N 8   
ALA HA   H N N 9   
ALA HB1  H N N 10  
ALA HB2  H N N 11  
ALA HB3  H N N 12  
ALA HXT  H N N 13  
ARG N    N N N 14  
ARG CA   C N S 15  
ARG C    C N N 16  
ARG O    O N N 17  
ARG CB   C N N 18  
ARG CG   C N N 19  
ARG CD   C N N 20  
ARG NE   N N N 21  
ARG CZ   C N N 22  
ARG NH1  N N N 23  
ARG NH2  N N N 24  
ARG OXT  O N N 25  
ARG H    H N N 26  
ARG H2   H N N 27  
ARG HA   H N N 28  
ARG HB2  H N N 29  
ARG HB3  H N N 30  
ARG HG2  H N N 31  
ARG HG3  H N N 32  
ARG HD2  H N N 33  
ARG HD3  H N N 34  
ARG HE   H N N 35  
ARG HH11 H N N 36  
ARG HH12 H N N 37  
ARG HH21 H N N 38  
ARG HH22 H N N 39  
ARG HXT  H N N 40  
ASN N    N N N 41  
ASN CA   C N S 42  
ASN C    C N N 43  
ASN O    O N N 44  
ASN CB   C N N 45  
ASN CG   C N N 46  
ASN OD1  O N N 47  
ASN ND2  N N N 48  
ASN OXT  O N N 49  
ASN H    H N N 50  
ASN H2   H N N 51  
ASN HA   H N N 52  
ASN HB2  H N N 53  
ASN HB3  H N N 54  
ASN HD21 H N N 55  
ASN HD22 H N N 56  
ASN HXT  H N N 57  
ASP N    N N N 58  
ASP CA   C N S 59  
ASP C    C N N 60  
ASP O    O N N 61  
ASP CB   C N N 62  
ASP CG   C N N 63  
ASP OD1  O N N 64  
ASP OD2  O N N 65  
ASP OXT  O N N 66  
ASP H    H N N 67  
ASP H2   H N N 68  
ASP HA   H N N 69  
ASP HB2  H N N 70  
ASP HB3  H N N 71  
ASP HD2  H N N 72  
ASP HXT  H N N 73  
CYS N    N N N 74  
CYS CA   C N R 75  
CYS C    C N N 76  
CYS O    O N N 77  
CYS CB   C N N 78  
CYS SG   S N N 79  
CYS OXT  O N N 80  
CYS H    H N N 81  
CYS H2   H N N 82  
CYS HA   H N N 83  
CYS HB2  H N N 84  
CYS HB3  H N N 85  
CYS HG   H N N 86  
CYS HXT  H N N 87  
GLN N    N N N 88  
GLN CA   C N S 89  
GLN C    C N N 90  
GLN O    O N N 91  
GLN CB   C N N 92  
GLN CG   C N N 93  
GLN CD   C N N 94  
GLN OE1  O N N 95  
GLN NE2  N N N 96  
GLN OXT  O N N 97  
GLN H    H N N 98  
GLN H2   H N N 99  
GLN HA   H N N 100 
GLN HB2  H N N 101 
GLN HB3  H N N 102 
GLN HG2  H N N 103 
GLN HG3  H N N 104 
GLN HE21 H N N 105 
GLN HE22 H N N 106 
GLN HXT  H N N 107 
GLU N    N N N 108 
GLU CA   C N S 109 
GLU C    C N N 110 
GLU O    O N N 111 
GLU CB   C N N 112 
GLU CG   C N N 113 
GLU CD   C N N 114 
GLU OE1  O N N 115 
GLU OE2  O N N 116 
GLU OXT  O N N 117 
GLU H    H N N 118 
GLU H2   H N N 119 
GLU HA   H N N 120 
GLU HB2  H N N 121 
GLU HB3  H N N 122 
GLU HG2  H N N 123 
GLU HG3  H N N 124 
GLU HE2  H N N 125 
GLU HXT  H N N 126 
GLY N    N N N 127 
GLY CA   C N N 128 
GLY C    C N N 129 
GLY O    O N N 130 
GLY OXT  O N N 131 
GLY H    H N N 132 
GLY H2   H N N 133 
GLY HA2  H N N 134 
GLY HA3  H N N 135 
GLY HXT  H N N 136 
GSH N1   N N N 137 
GSH CA1  C N S 138 
GSH C1   C N N 139 
GSH O11  O N N 140 
GSH O12  O N N 141 
GSH CB1  C N N 142 
GSH CG1  C N N 143 
GSH CD1  C N N 144 
GSH OE1  O N N 145 
GSH N2   N N N 146 
GSH CA2  C N R 147 
GSH C2   C N N 148 
GSH O2   O N N 149 
GSH CB2  C N N 150 
GSH SG2  S N N 151 
GSH N3   N N N 152 
GSH CA3  C N N 153 
GSH C3   C N N 154 
GSH O31  O N N 155 
GSH O32  O N N 156 
GSH HN11 H N N 157 
GSH HN12 H N N 158 
GSH HA1  H N N 159 
GSH H12  H N N 160 
GSH HB12 H N N 161 
GSH HB13 H N N 162 
GSH HG12 H N N 163 
GSH HG13 H N N 164 
GSH HN2  H N N 165 
GSH HA2  H N N 166 
GSH HB22 H N N 167 
GSH HB23 H N N 168 
GSH HSG  H N N 169 
GSH HN3  H N N 170 
GSH HA31 H N N 171 
GSH HA32 H N N 172 
GSH H32  H N N 173 
HIS N    N N N 174 
HIS CA   C N S 175 
HIS C    C N N 176 
HIS O    O N N 177 
HIS CB   C N N 178 
HIS CG   C Y N 179 
HIS ND1  N Y N 180 
HIS CD2  C Y N 181 
HIS CE1  C Y N 182 
HIS NE2  N Y N 183 
HIS OXT  O N N 184 
HIS H    H N N 185 
HIS H2   H N N 186 
HIS HA   H N N 187 
HIS HB2  H N N 188 
HIS HB3  H N N 189 
HIS HD1  H N N 190 
HIS HD2  H N N 191 
HIS HE1  H N N 192 
HIS HE2  H N N 193 
HIS HXT  H N N 194 
HOH O    O N N 195 
HOH H1   H N N 196 
HOH H2   H N N 197 
ILE N    N N N 198 
ILE CA   C N S 199 
ILE C    C N N 200 
ILE O    O N N 201 
ILE CB   C N S 202 
ILE CG1  C N N 203 
ILE CG2  C N N 204 
ILE CD1  C N N 205 
ILE OXT  O N N 206 
ILE H    H N N 207 
ILE H2   H N N 208 
ILE HA   H N N 209 
ILE HB   H N N 210 
ILE HG12 H N N 211 
ILE HG13 H N N 212 
ILE HG21 H N N 213 
ILE HG22 H N N 214 
ILE HG23 H N N 215 
ILE HD11 H N N 216 
ILE HD12 H N N 217 
ILE HD13 H N N 218 
ILE HXT  H N N 219 
LEU N    N N N 220 
LEU CA   C N S 221 
LEU C    C N N 222 
LEU O    O N N 223 
LEU CB   C N N 224 
LEU CG   C N N 225 
LEU CD1  C N N 226 
LEU CD2  C N N 227 
LEU OXT  O N N 228 
LEU H    H N N 229 
LEU H2   H N N 230 
LEU HA   H N N 231 
LEU HB2  H N N 232 
LEU HB3  H N N 233 
LEU HG   H N N 234 
LEU HD11 H N N 235 
LEU HD12 H N N 236 
LEU HD13 H N N 237 
LEU HD21 H N N 238 
LEU HD22 H N N 239 
LEU HD23 H N N 240 
LEU HXT  H N N 241 
LYS N    N N N 242 
LYS CA   C N S 243 
LYS C    C N N 244 
LYS O    O N N 245 
LYS CB   C N N 246 
LYS CG   C N N 247 
LYS CD   C N N 248 
LYS CE   C N N 249 
LYS NZ   N N N 250 
LYS OXT  O N N 251 
LYS H    H N N 252 
LYS H2   H N N 253 
LYS HA   H N N 254 
LYS HB2  H N N 255 
LYS HB3  H N N 256 
LYS HG2  H N N 257 
LYS HG3  H N N 258 
LYS HD2  H N N 259 
LYS HD3  H N N 260 
LYS HE2  H N N 261 
LYS HE3  H N N 262 
LYS HZ1  H N N 263 
LYS HZ2  H N N 264 
LYS HZ3  H N N 265 
LYS HXT  H N N 266 
MET N    N N N 267 
MET CA   C N S 268 
MET C    C N N 269 
MET O    O N N 270 
MET CB   C N N 271 
MET CG   C N N 272 
MET SD   S N N 273 
MET CE   C N N 274 
MET OXT  O N N 275 
MET H    H N N 276 
MET H2   H N N 277 
MET HA   H N N 278 
MET HB2  H N N 279 
MET HB3  H N N 280 
MET HG2  H N N 281 
MET HG3  H N N 282 
MET HE1  H N N 283 
MET HE2  H N N 284 
MET HE3  H N N 285 
MET HXT  H N N 286 
PHE N    N N N 287 
PHE CA   C N S 288 
PHE C    C N N 289 
PHE O    O N N 290 
PHE CB   C N N 291 
PHE CG   C Y N 292 
PHE CD1  C Y N 293 
PHE CD2  C Y N 294 
PHE CE1  C Y N 295 
PHE CE2  C Y N 296 
PHE CZ   C Y N 297 
PHE OXT  O N N 298 
PHE H    H N N 299 
PHE H2   H N N 300 
PHE HA   H N N 301 
PHE HB2  H N N 302 
PHE HB3  H N N 303 
PHE HD1  H N N 304 
PHE HD2  H N N 305 
PHE HE1  H N N 306 
PHE HE2  H N N 307 
PHE HZ   H N N 308 
PHE HXT  H N N 309 
PRO N    N N N 310 
PRO CA   C N S 311 
PRO C    C N N 312 
PRO O    O N N 313 
PRO CB   C N N 314 
PRO CG   C N N 315 
PRO CD   C N N 316 
PRO OXT  O N N 317 
PRO H    H N N 318 
PRO HA   H N N 319 
PRO HB2  H N N 320 
PRO HB3  H N N 321 
PRO HG2  H N N 322 
PRO HG3  H N N 323 
PRO HD2  H N N 324 
PRO HD3  H N N 325 
PRO HXT  H N N 326 
SER N    N N N 327 
SER CA   C N S 328 
SER C    C N N 329 
SER O    O N N 330 
SER CB   C N N 331 
SER OG   O N N 332 
SER OXT  O N N 333 
SER H    H N N 334 
SER H2   H N N 335 
SER HA   H N N 336 
SER HB2  H N N 337 
SER HB3  H N N 338 
SER HG   H N N 339 
SER HXT  H N N 340 
THR N    N N N 341 
THR CA   C N S 342 
THR C    C N N 343 
THR O    O N N 344 
THR CB   C N R 345 
THR OG1  O N N 346 
THR CG2  C N N 347 
THR OXT  O N N 348 
THR H    H N N 349 
THR H2   H N N 350 
THR HA   H N N 351 
THR HB   H N N 352 
THR HG1  H N N 353 
THR HG21 H N N 354 
THR HG22 H N N 355 
THR HG23 H N N 356 
THR HXT  H N N 357 
TRP N    N N N 358 
TRP CA   C N S 359 
TRP C    C N N 360 
TRP O    O N N 361 
TRP CB   C N N 362 
TRP CG   C Y N 363 
TRP CD1  C Y N 364 
TRP CD2  C Y N 365 
TRP NE1  N Y N 366 
TRP CE2  C Y N 367 
TRP CE3  C Y N 368 
TRP CZ2  C Y N 369 
TRP CZ3  C Y N 370 
TRP CH2  C Y N 371 
TRP OXT  O N N 372 
TRP H    H N N 373 
TRP H2   H N N 374 
TRP HA   H N N 375 
TRP HB2  H N N 376 
TRP HB3  H N N 377 
TRP HD1  H N N 378 
TRP HE1  H N N 379 
TRP HE3  H N N 380 
TRP HZ2  H N N 381 
TRP HZ3  H N N 382 
TRP HH2  H N N 383 
TRP HXT  H N N 384 
TYR N    N N N 385 
TYR CA   C N S 386 
TYR C    C N N 387 
TYR O    O N N 388 
TYR CB   C N N 389 
TYR CG   C Y N 390 
TYR CD1  C Y N 391 
TYR CD2  C Y N 392 
TYR CE1  C Y N 393 
TYR CE2  C Y N 394 
TYR CZ   C Y N 395 
TYR OH   O N N 396 
TYR OXT  O N N 397 
TYR H    H N N 398 
TYR H2   H N N 399 
TYR HA   H N N 400 
TYR HB2  H N N 401 
TYR HB3  H N N 402 
TYR HD1  H N N 403 
TYR HD2  H N N 404 
TYR HE1  H N N 405 
TYR HE2  H N N 406 
TYR HH   H N N 407 
TYR HXT  H N N 408 
VAL N    N N N 409 
VAL CA   C N S 410 
VAL C    C N N 411 
VAL O    O N N 412 
VAL CB   C N N 413 
VAL CG1  C N N 414 
VAL CG2  C N N 415 
VAL OXT  O N N 416 
VAL H    H N N 417 
VAL H2   H N N 418 
VAL HA   H N N 419 
VAL HB   H N N 420 
VAL HG11 H N N 421 
VAL HG12 H N N 422 
VAL HG13 H N N 423 
VAL HG21 H N N 424 
VAL HG22 H N N 425 
VAL HG23 H N N 426 
VAL HXT  H N N 427 
# 
loop_
_chem_comp_bond.comp_id 
_chem_comp_bond.atom_id_1 
_chem_comp_bond.atom_id_2 
_chem_comp_bond.value_order 
_chem_comp_bond.pdbx_aromatic_flag 
_chem_comp_bond.pdbx_stereo_config 
_chem_comp_bond.pdbx_ordinal 
ALA N   CA   sing N N 1   
ALA N   H    sing N N 2   
ALA N   H2   sing N N 3   
ALA CA  C    sing N N 4   
ALA CA  CB   sing N N 5   
ALA CA  HA   sing N N 6   
ALA C   O    doub N N 7   
ALA C   OXT  sing N N 8   
ALA CB  HB1  sing N N 9   
ALA CB  HB2  sing N N 10  
ALA CB  HB3  sing N N 11  
ALA OXT HXT  sing N N 12  
ARG N   CA   sing N N 13  
ARG N   H    sing N N 14  
ARG N   H2   sing N N 15  
ARG CA  C    sing N N 16  
ARG CA  CB   sing N N 17  
ARG CA  HA   sing N N 18  
ARG C   O    doub N N 19  
ARG C   OXT  sing N N 20  
ARG CB  CG   sing N N 21  
ARG CB  HB2  sing N N 22  
ARG CB  HB3  sing N N 23  
ARG CG  CD   sing N N 24  
ARG CG  HG2  sing N N 25  
ARG CG  HG3  sing N N 26  
ARG CD  NE   sing N N 27  
ARG CD  HD2  sing N N 28  
ARG CD  HD3  sing N N 29  
ARG NE  CZ   sing N N 30  
ARG NE  HE   sing N N 31  
ARG CZ  NH1  sing N N 32  
ARG CZ  NH2  doub N N 33  
ARG NH1 HH11 sing N N 34  
ARG NH1 HH12 sing N N 35  
ARG NH2 HH21 sing N N 36  
ARG NH2 HH22 sing N N 37  
ARG OXT HXT  sing N N 38  
ASN N   CA   sing N N 39  
ASN N   H    sing N N 40  
ASN N   H2   sing N N 41  
ASN CA  C    sing N N 42  
ASN CA  CB   sing N N 43  
ASN CA  HA   sing N N 44  
ASN C   O    doub N N 45  
ASN C   OXT  sing N N 46  
ASN CB  CG   sing N N 47  
ASN CB  HB2  sing N N 48  
ASN CB  HB3  sing N N 49  
ASN CG  OD1  doub N N 50  
ASN CG  ND2  sing N N 51  
ASN ND2 HD21 sing N N 52  
ASN ND2 HD22 sing N N 53  
ASN OXT HXT  sing N N 54  
ASP N   CA   sing N N 55  
ASP N   H    sing N N 56  
ASP N   H2   sing N N 57  
ASP CA  C    sing N N 58  
ASP CA  CB   sing N N 59  
ASP CA  HA   sing N N 60  
ASP C   O    doub N N 61  
ASP C   OXT  sing N N 62  
ASP CB  CG   sing N N 63  
ASP CB  HB2  sing N N 64  
ASP CB  HB3  sing N N 65  
ASP CG  OD1  doub N N 66  
ASP CG  OD2  sing N N 67  
ASP OD2 HD2  sing N N 68  
ASP OXT HXT  sing N N 69  
CYS N   CA   sing N N 70  
CYS N   H    sing N N 71  
CYS N   H2   sing N N 72  
CYS CA  C    sing N N 73  
CYS CA  CB   sing N N 74  
CYS CA  HA   sing N N 75  
CYS C   O    doub N N 76  
CYS C   OXT  sing N N 77  
CYS CB  SG   sing N N 78  
CYS CB  HB2  sing N N 79  
CYS CB  HB3  sing N N 80  
CYS SG  HG   sing N N 81  
CYS OXT HXT  sing N N 82  
GLN N   CA   sing N N 83  
GLN N   H    sing N N 84  
GLN N   H2   sing N N 85  
GLN CA  C    sing N N 86  
GLN CA  CB   sing N N 87  
GLN CA  HA   sing N N 88  
GLN C   O    doub N N 89  
GLN C   OXT  sing N N 90  
GLN CB  CG   sing N N 91  
GLN CB  HB2  sing N N 92  
GLN CB  HB3  sing N N 93  
GLN CG  CD   sing N N 94  
GLN CG  HG2  sing N N 95  
GLN CG  HG3  sing N N 96  
GLN CD  OE1  doub N N 97  
GLN CD  NE2  sing N N 98  
GLN NE2 HE21 sing N N 99  
GLN NE2 HE22 sing N N 100 
GLN OXT HXT  sing N N 101 
GLU N   CA   sing N N 102 
GLU N   H    sing N N 103 
GLU N   H2   sing N N 104 
GLU CA  C    sing N N 105 
GLU CA  CB   sing N N 106 
GLU CA  HA   sing N N 107 
GLU C   O    doub N N 108 
GLU C   OXT  sing N N 109 
GLU CB  CG   sing N N 110 
GLU CB  HB2  sing N N 111 
GLU CB  HB3  sing N N 112 
GLU CG  CD   sing N N 113 
GLU CG  HG2  sing N N 114 
GLU CG  HG3  sing N N 115 
GLU CD  OE1  doub N N 116 
GLU CD  OE2  sing N N 117 
GLU OE2 HE2  sing N N 118 
GLU OXT HXT  sing N N 119 
GLY N   CA   sing N N 120 
GLY N   H    sing N N 121 
GLY N   H2   sing N N 122 
GLY CA  C    sing N N 123 
GLY CA  HA2  sing N N 124 
GLY CA  HA3  sing N N 125 
GLY C   O    doub N N 126 
GLY C   OXT  sing N N 127 
GLY OXT HXT  sing N N 128 
GSH N1  CA1  sing N N 129 
GSH N1  HN11 sing N N 130 
GSH N1  HN12 sing N N 131 
GSH CA1 C1   sing N N 132 
GSH CA1 CB1  sing N N 133 
GSH CA1 HA1  sing N N 134 
GSH C1  O11  doub N N 135 
GSH C1  O12  sing N N 136 
GSH O12 H12  sing N N 137 
GSH CB1 CG1  sing N N 138 
GSH CB1 HB12 sing N N 139 
GSH CB1 HB13 sing N N 140 
GSH CG1 CD1  sing N N 141 
GSH CG1 HG12 sing N N 142 
GSH CG1 HG13 sing N N 143 
GSH CD1 OE1  doub N N 144 
GSH CD1 N2   sing N N 145 
GSH N2  CA2  sing N N 146 
GSH N2  HN2  sing N N 147 
GSH CA2 C2   sing N N 148 
GSH CA2 CB2  sing N N 149 
GSH CA2 HA2  sing N N 150 
GSH C2  O2   doub N N 151 
GSH C2  N3   sing N N 152 
GSH CB2 SG2  sing N N 153 
GSH CB2 HB22 sing N N 154 
GSH CB2 HB23 sing N N 155 
GSH SG2 HSG  sing N N 156 
GSH N3  CA3  sing N N 157 
GSH N3  HN3  sing N N 158 
GSH CA3 C3   sing N N 159 
GSH CA3 HA31 sing N N 160 
GSH CA3 HA32 sing N N 161 
GSH C3  O31  doub N N 162 
GSH C3  O32  sing N N 163 
GSH O32 H32  sing N N 164 
HIS N   CA   sing N N 165 
HIS N   H    sing N N 166 
HIS N   H2   sing N N 167 
HIS CA  C    sing N N 168 
HIS CA  CB   sing N N 169 
HIS CA  HA   sing N N 170 
HIS C   O    doub N N 171 
HIS C   OXT  sing N N 172 
HIS CB  CG   sing N N 173 
HIS CB  HB2  sing N N 174 
HIS CB  HB3  sing N N 175 
HIS CG  ND1  sing Y N 176 
HIS CG  CD2  doub Y N 177 
HIS ND1 CE1  doub Y N 178 
HIS ND1 HD1  sing N N 179 
HIS CD2 NE2  sing Y N 180 
HIS CD2 HD2  sing N N 181 
HIS CE1 NE2  sing Y N 182 
HIS CE1 HE1  sing N N 183 
HIS NE2 HE2  sing N N 184 
HIS OXT HXT  sing N N 185 
HOH O   H1   sing N N 186 
HOH O   H2   sing N N 187 
ILE N   CA   sing N N 188 
ILE N   H    sing N N 189 
ILE N   H2   sing N N 190 
ILE CA  C    sing N N 191 
ILE CA  CB   sing N N 192 
ILE CA  HA   sing N N 193 
ILE C   O    doub N N 194 
ILE C   OXT  sing N N 195 
ILE CB  CG1  sing N N 196 
ILE CB  CG2  sing N N 197 
ILE CB  HB   sing N N 198 
ILE CG1 CD1  sing N N 199 
ILE CG1 HG12 sing N N 200 
ILE CG1 HG13 sing N N 201 
ILE CG2 HG21 sing N N 202 
ILE CG2 HG22 sing N N 203 
ILE CG2 HG23 sing N N 204 
ILE CD1 HD11 sing N N 205 
ILE CD1 HD12 sing N N 206 
ILE CD1 HD13 sing N N 207 
ILE OXT HXT  sing N N 208 
LEU N   CA   sing N N 209 
LEU N   H    sing N N 210 
LEU N   H2   sing N N 211 
LEU CA  C    sing N N 212 
LEU CA  CB   sing N N 213 
LEU CA  HA   sing N N 214 
LEU C   O    doub N N 215 
LEU C   OXT  sing N N 216 
LEU CB  CG   sing N N 217 
LEU CB  HB2  sing N N 218 
LEU CB  HB3  sing N N 219 
LEU CG  CD1  sing N N 220 
LEU CG  CD2  sing N N 221 
LEU CG  HG   sing N N 222 
LEU CD1 HD11 sing N N 223 
LEU CD1 HD12 sing N N 224 
LEU CD1 HD13 sing N N 225 
LEU CD2 HD21 sing N N 226 
LEU CD2 HD22 sing N N 227 
LEU CD2 HD23 sing N N 228 
LEU OXT HXT  sing N N 229 
LYS N   CA   sing N N 230 
LYS N   H    sing N N 231 
LYS N   H2   sing N N 232 
LYS CA  C    sing N N 233 
LYS CA  CB   sing N N 234 
LYS CA  HA   sing N N 235 
LYS C   O    doub N N 236 
LYS C   OXT  sing N N 237 
LYS CB  CG   sing N N 238 
LYS CB  HB2  sing N N 239 
LYS CB  HB3  sing N N 240 
LYS CG  CD   sing N N 241 
LYS CG  HG2  sing N N 242 
LYS CG  HG3  sing N N 243 
LYS CD  CE   sing N N 244 
LYS CD  HD2  sing N N 245 
LYS CD  HD3  sing N N 246 
LYS CE  NZ   sing N N 247 
LYS CE  HE2  sing N N 248 
LYS CE  HE3  sing N N 249 
LYS NZ  HZ1  sing N N 250 
LYS NZ  HZ2  sing N N 251 
LYS NZ  HZ3  sing N N 252 
LYS OXT HXT  sing N N 253 
MET N   CA   sing N N 254 
MET N   H    sing N N 255 
MET N   H2   sing N N 256 
MET CA  C    sing N N 257 
MET CA  CB   sing N N 258 
MET CA  HA   sing N N 259 
MET C   O    doub N N 260 
MET C   OXT  sing N N 261 
MET CB  CG   sing N N 262 
MET CB  HB2  sing N N 263 
MET CB  HB3  sing N N 264 
MET CG  SD   sing N N 265 
MET CG  HG2  sing N N 266 
MET CG  HG3  sing N N 267 
MET SD  CE   sing N N 268 
MET CE  HE1  sing N N 269 
MET CE  HE2  sing N N 270 
MET CE  HE3  sing N N 271 
MET OXT HXT  sing N N 272 
PHE N   CA   sing N N 273 
PHE N   H    sing N N 274 
PHE N   H2   sing N N 275 
PHE CA  C    sing N N 276 
PHE CA  CB   sing N N 277 
PHE CA  HA   sing N N 278 
PHE C   O    doub N N 279 
PHE C   OXT  sing N N 280 
PHE CB  CG   sing N N 281 
PHE CB  HB2  sing N N 282 
PHE CB  HB3  sing N N 283 
PHE CG  CD1  doub Y N 284 
PHE CG  CD2  sing Y N 285 
PHE CD1 CE1  sing Y N 286 
PHE CD1 HD1  sing N N 287 
PHE CD2 CE2  doub Y N 288 
PHE CD2 HD2  sing N N 289 
PHE CE1 CZ   doub Y N 290 
PHE CE1 HE1  sing N N 291 
PHE CE2 CZ   sing Y N 292 
PHE CE2 HE2  sing N N 293 
PHE CZ  HZ   sing N N 294 
PHE OXT HXT  sing N N 295 
PRO N   CA   sing N N 296 
PRO N   CD   sing N N 297 
PRO N   H    sing N N 298 
PRO CA  C    sing N N 299 
PRO CA  CB   sing N N 300 
PRO CA  HA   sing N N 301 
PRO C   O    doub N N 302 
PRO C   OXT  sing N N 303 
PRO CB  CG   sing N N 304 
PRO CB  HB2  sing N N 305 
PRO CB  HB3  sing N N 306 
PRO CG  CD   sing N N 307 
PRO CG  HG2  sing N N 308 
PRO CG  HG3  sing N N 309 
PRO CD  HD2  sing N N 310 
PRO CD  HD3  sing N N 311 
PRO OXT HXT  sing N N 312 
SER N   CA   sing N N 313 
SER N   H    sing N N 314 
SER N   H2   sing N N 315 
SER CA  C    sing N N 316 
SER CA  CB   sing N N 317 
SER CA  HA   sing N N 318 
SER C   O    doub N N 319 
SER C   OXT  sing N N 320 
SER CB  OG   sing N N 321 
SER CB  HB2  sing N N 322 
SER CB  HB3  sing N N 323 
SER OG  HG   sing N N 324 
SER OXT HXT  sing N N 325 
THR N   CA   sing N N 326 
THR N   H    sing N N 327 
THR N   H2   sing N N 328 
THR CA  C    sing N N 329 
THR CA  CB   sing N N 330 
THR CA  HA   sing N N 331 
THR C   O    doub N N 332 
THR C   OXT  sing N N 333 
THR CB  OG1  sing N N 334 
THR CB  CG2  sing N N 335 
THR CB  HB   sing N N 336 
THR OG1 HG1  sing N N 337 
THR CG2 HG21 sing N N 338 
THR CG2 HG22 sing N N 339 
THR CG2 HG23 sing N N 340 
THR OXT HXT  sing N N 341 
TRP N   CA   sing N N 342 
TRP N   H    sing N N 343 
TRP N   H2   sing N N 344 
TRP CA  C    sing N N 345 
TRP CA  CB   sing N N 346 
TRP CA  HA   sing N N 347 
TRP C   O    doub N N 348 
TRP C   OXT  sing N N 349 
TRP CB  CG   sing N N 350 
TRP CB  HB2  sing N N 351 
TRP CB  HB3  sing N N 352 
TRP CG  CD1  doub Y N 353 
TRP CG  CD2  sing Y N 354 
TRP CD1 NE1  sing Y N 355 
TRP CD1 HD1  sing N N 356 
TRP CD2 CE2  doub Y N 357 
TRP CD2 CE3  sing Y N 358 
TRP NE1 CE2  sing Y N 359 
TRP NE1 HE1  sing N N 360 
TRP CE2 CZ2  sing Y N 361 
TRP CE3 CZ3  doub Y N 362 
TRP CE3 HE3  sing N N 363 
TRP CZ2 CH2  doub Y N 364 
TRP CZ2 HZ2  sing N N 365 
TRP CZ3 CH2  sing Y N 366 
TRP CZ3 HZ3  sing N N 367 
TRP CH2 HH2  sing N N 368 
TRP OXT HXT  sing N N 369 
TYR N   CA   sing N N 370 
TYR N   H    sing N N 371 
TYR N   H2   sing N N 372 
TYR CA  C    sing N N 373 
TYR CA  CB   sing N N 374 
TYR CA  HA   sing N N 375 
TYR C   O    doub N N 376 
TYR C   OXT  sing N N 377 
TYR CB  CG   sing N N 378 
TYR CB  HB2  sing N N 379 
TYR CB  HB3  sing N N 380 
TYR CG  CD1  doub Y N 381 
TYR CG  CD2  sing Y N 382 
TYR CD1 CE1  sing Y N 383 
TYR CD1 HD1  sing N N 384 
TYR CD2 CE2  doub Y N 385 
TYR CD2 HD2  sing N N 386 
TYR CE1 CZ   doub Y N 387 
TYR CE1 HE1  sing N N 388 
TYR CE2 CZ   sing Y N 389 
TYR CE2 HE2  sing N N 390 
TYR CZ  OH   sing N N 391 
TYR OH  HH   sing N N 392 
TYR OXT HXT  sing N N 393 
VAL N   CA   sing N N 394 
VAL N   H    sing N N 395 
VAL N   H2   sing N N 396 
VAL CA  C    sing N N 397 
VAL CA  CB   sing N N 398 
VAL CA  HA   sing N N 399 
VAL C   O    doub N N 400 
VAL C   OXT  sing N N 401 
VAL CB  CG1  sing N N 402 
VAL CB  CG2  sing N N 403 
VAL CB  HB   sing N N 404 
VAL CG1 HG11 sing N N 405 
VAL CG1 HG12 sing N N 406 
VAL CG1 HG13 sing N N 407 
VAL CG2 HG21 sing N N 408 
VAL CG2 HG22 sing N N 409 
VAL CG2 HG23 sing N N 410 
VAL OXT HXT  sing N N 411 
# 
_atom_sites.entry_id                    1HNL 
_atom_sites.fract_transf_matrix[1][1]   0.01638929 
_atom_sites.fract_transf_matrix[1][2]   -0.00587683 
_atom_sites.fract_transf_matrix[1][3]   -0.00161680 
_atom_sites.fract_transf_matrix[2][1]   -0.00407515 
_atom_sites.fract_transf_matrix[2][2]   -0.01361748 
_atom_sites.fract_transf_matrix[2][3]   0.00818832 
_atom_sites.fract_transf_matrix[3][1]   -0.00736054 
_atom_sites.fract_transf_matrix[3][2]   -0.01339205 
_atom_sites.fract_transf_matrix[3][3]   -0.02593465 
_atom_sites.fract_transf_vector[1]      0.224312 
_atom_sites.fract_transf_vector[2]      0.243684 
_atom_sites.fract_transf_vector[3]      0.868816 
# 
loop_
_atom_type.symbol 
C 
N 
O 
S 
# 
loop_
_atom_site.group_PDB 
_atom_site.id 
_atom_site.type_symbol 
_atom_site.label_atom_id 
_atom_site.label_alt_id 
_atom_site.label_comp_id 
_atom_site.label_asym_id 
_atom_site.label_entity_id 
_atom_site.label_seq_id 
_atom_site.pdbx_PDB_ins_code 
_atom_site.Cartn_x 
_atom_site.Cartn_y 
_atom_site.Cartn_z 
_atom_site.occupancy 
_atom_site.B_iso_or_equiv 
_atom_site.pdbx_formal_charge 
_atom_site.auth_seq_id 
_atom_site.auth_comp_id 
_atom_site.auth_asym_id 
_atom_site.auth_atom_id 
_atom_site.pdbx_PDB_model_num 
ATOM   1    N N   . LYS A 1 1   ? -10.425 2.914   9.050   1.00 15.14 ? 1   LYS A N   1 
ATOM   2    C CA  . LYS A 1 1   ? -9.912  2.434   10.328  1.00 14.35 ? 1   LYS A CA  1 
ATOM   3    C C   . LYS A 1 1   ? -8.444  2.829   10.445  1.00 14.16 ? 1   LYS A C   1 
ATOM   4    O O   . LYS A 1 1   ? -7.693  2.728   9.450   1.00 13.46 ? 1   LYS A O   1 
ATOM   5    C CB  . LYS A 1 1   ? -9.989  0.912   10.314  1.00 15.93 ? 1   LYS A CB  1 
ATOM   6    C CG  . LYS A 1 1   ? -8.867  0.197   11.095  1.00 19.14 ? 1   LYS A CG  1 
ATOM   7    C CD  . LYS A 1 1   ? -9.286  -1.239  11.330  1.00 22.54 ? 1   LYS A CD  1 
ATOM   8    C CE  . LYS A 1 1   ? -8.491  -1.840  12.480  1.00 21.59 ? 1   LYS A CE  1 
ATOM   9    N NZ  . LYS A 1 1   ? -8.396  -3.289  12.158  1.00 25.91 ? 1   LYS A NZ  1 
ATOM   10   N N   . VAL A 1 2   ? -8.049  3.207   11.638  1.00 13.38 ? 2   VAL A N   1 
ATOM   11   C CA  . VAL A 1 2   ? -6.632  3.518   11.893  1.00 12.67 ? 2   VAL A CA  1 
ATOM   12   C C   . VAL A 1 2   ? -6.081  2.308   12.693  1.00 13.27 ? 2   VAL A C   1 
ATOM   13   O O   . VAL A 1 2   ? -6.520  2.089   13.843  1.00 11.88 ? 2   VAL A O   1 
ATOM   14   C CB  . VAL A 1 2   ? -6.521  4.871   12.633  1.00 14.05 ? 2   VAL A CB  1 
ATOM   15   C CG1 . VAL A 1 2   ? -5.081  5.097   13.104  1.00 13.56 ? 2   VAL A CG1 1 
ATOM   16   C CG2 . VAL A 1 2   ? -7.045  6.034   11.809  1.00 10.41 ? 2   VAL A CG2 1 
ATOM   17   N N   . PHE A 1 3   ? -5.210  1.548   12.045  1.00 11.87 ? 3   PHE A N   1 
ATOM   18   C CA  . PHE A 1 3   ? -4.640  0.370   12.724  1.00 11.41 ? 3   PHE A CA  1 
ATOM   19   C C   . PHE A 1 3   ? -3.622  0.712   13.803  1.00 12.40 ? 3   PHE A C   1 
ATOM   20   O O   . PHE A 1 3   ? -2.989  1.770   13.724  1.00 10.97 ? 3   PHE A O   1 
ATOM   21   C CB  . PHE A 1 3   ? -3.881  -0.455  11.645  1.00 12.80 ? 3   PHE A CB  1 
ATOM   22   C CG  . PHE A 1 3   ? -4.750  -1.457  10.935  1.00 10.64 ? 3   PHE A CG  1 
ATOM   23   C CD1 . PHE A 1 3   ? -5.455  -1.120  9.789   1.00 10.16 ? 3   PHE A CD1 1 
ATOM   24   C CD2 . PHE A 1 3   ? -4.844  -2.764  11.438  1.00 10.61 ? 3   PHE A CD2 1 
ATOM   25   C CE1 . PHE A 1 3   ? -6.279  -2.040  9.146   1.00 12.40 ? 3   PHE A CE1 1 
ATOM   26   C CE2 . PHE A 1 3   ? -5.626  -3.702  10.764  1.00 12.41 ? 3   PHE A CE2 1 
ATOM   27   C CZ  . PHE A 1 3   ? -6.364  -3.389  9.618   1.00 10.91 ? 3   PHE A CZ  1 
ATOM   28   N N   . GLU A 1 4   ? -3.471  -0.192  14.773  1.00 11.29 ? 4   GLU A N   1 
ATOM   29   C CA  . GLU A 1 4   ? -2.427  -0.069  15.762  1.00 14.64 ? 4   GLU A CA  1 
ATOM   30   C C   . GLU A 1 4   ? -1.236  -0.761  15.088  1.00 13.84 ? 4   GLU A C   1 
ATOM   31   O O   . GLU A 1 4   ? -1.431  -1.689  14.250  1.00 12.85 ? 4   GLU A O   1 
ATOM   32   C CB  . GLU A 1 4   ? -2.777  -0.759  17.078  1.00 20.63 ? 4   GLU A CB  1 
ATOM   33   C CG  . GLU A 1 4   ? -4.006  -0.215  17.813  1.00 28.61 ? 4   GLU A CG  1 
ATOM   34   C CD  . GLU A 1 4   ? -3.644  0.588   19.031  1.00 33.98 ? 4   GLU A CD  1 
ATOM   35   O OE1 . GLU A 1 4   ? -3.098  1.705   18.766  1.00 37.75 ? 4   GLU A OE1 1 
ATOM   36   O OE2 . GLU A 1 4   ? -3.824  0.210   20.174  1.00 36.95 ? 4   GLU A OE2 1 
ATOM   37   N N   . ARG A 1 5   ? -0.010  -0.377  15.359  1.00 11.64 ? 5   ARG A N   1 
ATOM   38   C CA  . ARG A 1 5   ? 1.162   -1.013  14.748  1.00 10.58 ? 5   ARG A CA  1 
ATOM   39   C C   . ARG A 1 5   ? 1.168   -2.534  14.735  1.00 10.64 ? 5   ARG A C   1 
ATOM   40   O O   . ARG A 1 5   ? 1.227   -3.189  13.640  1.00 9.10  ? 5   ARG A O   1 
ATOM   41   C CB  . ARG A 1 5   ? 2.462   -0.525  15.399  1.00 10.43 ? 5   ARG A CB  1 
ATOM   42   C CG  . ARG A 1 5   ? 3.740   -0.990  14.712  1.00 9.90  ? 5   ARG A CG  1 
ATOM   43   C CD  . ARG A 1 5   ? 4.939   -0.312  15.345  1.00 13.40 ? 5   ARG A CD  1 
ATOM   44   N NE  . ARG A 1 5   ? 5.079   -0.669  16.765  1.00 13.84 ? 5   ARG A NE  1 
ATOM   45   C CZ  . ARG A 1 5   ? 5.823   -1.704  17.187  1.00 14.48 ? 5   ARG A CZ  1 
ATOM   46   N NH1 . ARG A 1 5   ? 6.528   -2.437  16.349  1.00 16.13 ? 5   ARG A NH1 1 
ATOM   47   N NH2 . ARG A 1 5   ? 5.818   -2.068  18.485  1.00 15.77 ? 5   ARG A NH2 1 
ATOM   48   N N   . CYS A 1 6   ? 1.189   -3.135  15.930  1.00 8.54  ? 6   CYS A N   1 
ATOM   49   C CA  . CYS A 1 6   ? 1.251   -4.644  15.928  1.00 9.18  ? 6   CYS A CA  1 
ATOM   50   C C   . CYS A 1 6   ? 0.007   -5.301  15.385  1.00 9.14  ? 6   CYS A C   1 
ATOM   51   O O   . CYS A 1 6   ? 0.133   -6.425  14.837  1.00 8.82  ? 6   CYS A O   1 
ATOM   52   C CB  . CYS A 1 6   ? 1.710   -5.093  17.313  1.00 10.89 ? 6   CYS A CB  1 
ATOM   53   S SG  . CYS A 1 6   ? 3.399   -4.620  17.758  1.00 12.61 ? 6   CYS A SG  1 
ATOM   54   N N   . GLU A 1 7   ? -1.145  -4.703  15.506  1.00 9.33  ? 7   GLU A N   1 
ATOM   55   C CA  . GLU A 1 7   ? -2.406  -5.250  14.959  1.00 10.19 ? 7   GLU A CA  1 
ATOM   56   C C   . GLU A 1 7   ? -2.261  -5.368  13.446  1.00 10.04 ? 7   GLU A C   1 
ATOM   57   O O   . GLU A 1 7   ? -2.494  -6.421  12.791  1.00 9.63  ? 7   GLU A O   1 
ATOM   58   C CB  . GLU A 1 7   ? -3.580  -4.357  15.301  1.00 12.31 ? 7   GLU A CB  1 
ATOM   59   C CG  . GLU A 1 7   ? -4.924  -4.710  14.646  1.00 14.61 ? 7   GLU A CG  1 
ATOM   60   C CD  . GLU A 1 7   ? -5.971  -3.641  14.691  1.00 17.48 ? 7   GLU A CD  1 
ATOM   61   O OE1 . GLU A 1 7   ? -5.740  -2.446  14.928  1.00 19.93 ? 7   GLU A OE1 1 
ATOM   62   O OE2 . GLU A 1 7   ? -7.139  -4.022  14.429  1.00 19.59 ? 7   GLU A OE2 1 
ATOM   63   N N   . LEU A 1 8   ? -1.710  -4.294  12.809  1.00 8.94  ? 8   LEU A N   1 
ATOM   64   C CA  . LEU A 1 8   ? -1.479  -4.365  11.348  1.00 6.98  ? 8   LEU A CA  1 
ATOM   65   C C   . LEU A 1 8   ? -0.468  -5.463  10.982  1.00 7.45  ? 8   LEU A C   1 
ATOM   66   O O   . LEU A 1 8   ? -0.628  -6.176  9.962   1.00 7.70  ? 8   LEU A O   1 
ATOM   67   C CB  . LEU A 1 8   ? -0.979  -2.996  10.809  1.00 6.17  ? 8   LEU A CB  1 
ATOM   68   C CG  . LEU A 1 8   ? -0.801  -2.963  9.271   1.00 6.12  ? 8   LEU A CG  1 
ATOM   69   C CD1 . LEU A 1 8   ? -2.108  -3.226  8.563   1.00 5.00  ? 8   LEU A CD1 1 
ATOM   70   C CD2 . LEU A 1 8   ? -0.278  -1.545  8.893   1.00 6.50  ? 8   LEU A CD2 1 
ATOM   71   N N   . ALA A 1 9   ? 0.667   -5.498  11.708  1.00 8.44  ? 9   ALA A N   1 
ATOM   72   C CA  . ALA A 1 9   ? 1.748   -6.437  11.431  1.00 8.81  ? 9   ALA A CA  1 
ATOM   73   C C   . ALA A 1 9   ? 1.215   -7.868  11.405  1.00 9.31  ? 9   ALA A C   1 
ATOM   74   O O   . ALA A 1 9   ? 1.493   -8.655  10.482  1.00 8.16  ? 9   ALA A O   1 
ATOM   75   C CB  . ALA A 1 9   ? 2.851   -6.264  12.463  1.00 9.23  ? 9   ALA A CB  1 
ATOM   76   N N   . ARG A 1 10  ? 0.441   -8.222  12.441  1.00 9.59  ? 10  ARG A N   1 
ATOM   77   C CA  . ARG A 1 10  ? -0.121  -9.594  12.452  1.00 10.56 ? 10  ARG A CA  1 
ATOM   78   C C   . ARG A 1 10  ? -1.102  -9.824  11.321  1.00 11.67 ? 10  ARG A C   1 
ATOM   79   O O   . ARG A 1 10  ? -1.160  -10.956 10.751  1.00 11.31 ? 10  ARG A O   1 
ATOM   80   C CB  . ARG A 1 10  ? -0.804  -9.835  13.827  1.00 13.12 ? 10  ARG A CB  1 
ATOM   81   C CG  . ARG A 1 10  ? 0.279   -9.944  14.917  1.00 13.33 ? 10  ARG A CG  1 
ATOM   82   C CD  . ARG A 1 10  ? -0.451  -10.329 16.182  1.00 15.02 ? 10  ARG A CD  1 
ATOM   83   N NE  . ARG A 1 10  ? -1.420  -9.363  16.689  1.00 14.05 ? 10  ARG A NE  1 
ATOM   84   C CZ  . ARG A 1 10  ? -1.025  -8.440  17.599  1.00 11.92 ? 10  ARG A CZ  1 
ATOM   85   N NH1 . ARG A 1 10  ? 0.266   -8.446  17.909  1.00 12.32 ? 10  ARG A NH1 1 
ATOM   86   N NH2 . ARG A 1 10  ? -1.894  -7.626  18.127  1.00 12.80 ? 10  ARG A NH2 1 
ATOM   87   N N   . THR A 1 11  ? -1.866  -8.790  11.001  1.00 8.98  ? 11  THR A N   1 
ATOM   88   C CA  . THR A 1 11  ? -2.829  -8.871  9.915   1.00 10.14 ? 11  THR A CA  1 
ATOM   89   C C   . THR A 1 11  ? -2.077  -9.085  8.590   1.00 10.04 ? 11  THR A C   1 
ATOM   90   O O   . THR A 1 11  ? -2.520  -9.948  7.816   1.00 9.09  ? 11  THR A O   1 
ATOM   91   C CB  . THR A 1 11  ? -3.772  -7.629  9.811   1.00 10.12 ? 11  THR A CB  1 
ATOM   92   O OG1 . THR A 1 11  ? -4.363  -7.492  11.120  1.00 12.95 ? 11  THR A OG1 1 
ATOM   93   C CG2 . THR A 1 11  ? -4.804  -7.694  8.667   1.00 12.44 ? 11  THR A CG2 1 
ATOM   94   N N   . LEU A 1 12  ? -1.027  -8.310  8.325   1.00 10.24 ? 12  LEU A N   1 
ATOM   95   C CA  . LEU A 1 12  ? -0.293  -8.514  7.032   1.00 10.72 ? 12  LEU A CA  1 
ATOM   96   C C   . LEU A 1 12  ? 0.336   -9.887  6.994   1.00 10.84 ? 12  LEU A C   1 
ATOM   97   O O   . LEU A 1 12  ? 0.376   -10.536 5.953   1.00 11.36 ? 12  LEU A O   1 
ATOM   98   C CB  . LEU A 1 12  ? 0.716   -7.386  6.859   1.00 11.74 ? 12  LEU A CB  1 
ATOM   99   C CG  . LEU A 1 12  ? 0.236   -5.950  6.601   1.00 13.62 ? 12  LEU A CG  1 
ATOM   100  C CD1 . LEU A 1 12  ? 1.439   -5.014  6.298   1.00 10.41 ? 12  LEU A CD1 1 
ATOM   101  C CD2 . LEU A 1 12  ? -0.679  -5.945  5.399   1.00 14.33 ? 12  LEU A CD2 1 
ATOM   102  N N   . LYS A 1 13  ? 0.824   -10.376 8.135   1.00 11.11 ? 13  LYS A N   1 
ATOM   103  C CA  . LYS A 1 13  ? 1.472   -11.689 8.193   1.00 11.82 ? 13  LYS A CA  1 
ATOM   104  C C   . LYS A 1 13  ? 0.472   -12.741 7.684   1.00 13.09 ? 13  LYS A C   1 
ATOM   105  O O   . LYS A 1 13  ? 0.765   -13.598 6.839   1.00 12.81 ? 13  LYS A O   1 
ATOM   106  C CB  . LYS A 1 13  ? 1.752   -12.046 9.684   1.00 15.70 ? 13  LYS A CB  1 
ATOM   107  C CG  . LYS A 1 13  ? 2.438   -13.437 9.794   1.00 16.70 ? 13  LYS A CG  1 
ATOM   108  C CD  . LYS A 1 13  ? 3.906   -13.196 10.042  1.00 20.08 ? 13  LYS A CD  1 
ATOM   109  C CE  . LYS A 1 13  ? 4.609   -14.339 10.733  1.00 23.03 ? 13  LYS A CE  1 
ATOM   110  N NZ  . LYS A 1 13  ? 4.817   -15.401 9.704   1.00 26.20 ? 13  LYS A NZ  1 
ATOM   111  N N   . ARG A 1 14  ? -0.716  -12.691 8.229   1.00 13.37 ? 14  ARG A N   1 
ATOM   112  C CA  . ARG A 1 14  ? -1.822  -13.607 7.975   1.00 14.49 ? 14  ARG A CA  1 
ATOM   113  C C   . ARG A 1 14  ? -2.245  -13.573 6.494   1.00 15.35 ? 14  ARG A C   1 
ATOM   114  O O   . ARG A 1 14  ? -2.585  -14.665 6.021   1.00 14.45 ? 14  ARG A O   1 
ATOM   115  C CB  . ARG A 1 14  ? -2.970  -13.345 8.913   1.00 18.66 ? 14  ARG A CB  1 
ATOM   116  C CG  . ARG A 1 14  ? -4.065  -14.355 9.136   1.00 25.10 ? 14  ARG A CG  1 
ATOM   117  C CD  . ARG A 1 14  ? -5.225  -13.699 9.865   1.00 27.94 ? 14  ARG A CD  1 
ATOM   118  N NE  . ARG A 1 14  ? -4.746  -12.990 11.030  1.00 29.46 ? 14  ARG A NE  1 
ATOM   119  C CZ  . ARG A 1 14  ? -5.027  -11.770 11.476  1.00 30.10 ? 14  ARG A CZ  1 
ATOM   120  N NH1 . ARG A 1 14  ? -5.864  -10.929 10.903  1.00 29.10 ? 14  ARG A NH1 1 
ATOM   121  N NH2 . ARG A 1 14  ? -4.436  -11.353 12.617  1.00 32.10 ? 14  ARG A NH2 1 
ATOM   122  N N   . LEU A 1 15  ? -2.164  -12.397 5.887   1.00 12.78 ? 15  LEU A N   1 
ATOM   123  C CA  . LEU A 1 15  ? -2.553  -12.229 4.471   1.00 12.47 ? 15  LEU A CA  1 
ATOM   124  C C   . LEU A 1 15  ? -1.436  -12.621 3.512   1.00 11.25 ? 15  LEU A C   1 
ATOM   125  O O   . LEU A 1 15  ? -1.511  -12.404 2.293   1.00 10.78 ? 15  LEU A O   1 
ATOM   126  C CB  . LEU A 1 15  ? -3.133  -10.798 4.258   1.00 11.83 ? 15  LEU A CB  1 
ATOM   127  C CG  . LEU A 1 15  ? -4.429  -10.449 4.960   1.00 13.34 ? 15  LEU A CG  1 
ATOM   128  C CD1 . LEU A 1 15  ? -4.869  -8.988  4.740   1.00 13.62 ? 15  LEU A CD1 1 
ATOM   129  C CD2 . LEU A 1 15  ? -5.612  -11.327 4.560   1.00 14.43 ? 15  LEU A CD2 1 
ATOM   130  N N   . GLY A 1 16  ? -0.388  -13.209 4.073   1.00 9.77  ? 16  GLY A N   1 
ATOM   131  C CA  . GLY A 1 16  ? 0.763   -13.723 3.391   1.00 10.94 ? 16  GLY A CA  1 
ATOM   132  C C   . GLY A 1 16  ? 1.699   -12.715 2.762   1.00 11.49 ? 16  GLY A C   1 
ATOM   133  O O   . GLY A 1 16  ? 2.303   -13.004 1.711   1.00 12.42 ? 16  GLY A O   1 
ATOM   134  N N   . MET A 1 17  ? 1.897   -11.561 3.390   1.00 10.99 ? 17  MET A N   1 
ATOM   135  C CA  . MET A 1 17  ? 2.807   -10.535 2.856   1.00 10.17 ? 17  MET A CA  1 
ATOM   136  C C   . MET A 1 17  ? 4.253   -10.719 3.222   1.00 10.42 ? 17  MET A C   1 
ATOM   137  O O   . MET A 1 17  ? 5.125   -10.137 2.537   1.00 10.05 ? 17  MET A O   1 
ATOM   138  C CB  . MET A 1 17  ? 2.340   -9.154  3.304   1.00 10.18 ? 17  MET A CB  1 
ATOM   139  C CG  . MET A 1 17  ? 0.955   -8.829  2.811   1.00 14.59 ? 17  MET A CG  1 
ATOM   140  S SD  . MET A 1 17  ? 1.242   -8.300  1.051   1.00 18.43 ? 17  MET A SD  1 
ATOM   141  C CE  . MET A 1 17  ? 1.166   -6.482  1.394   1.00 17.74 ? 17  MET A CE  1 
ATOM   142  N N   . ASP A 1 18  ? 4.597   -11.490 4.239   1.00 10.47 ? 18  ASP A N   1 
ATOM   143  C CA  . ASP A 1 18  ? 6.018   -11.671 4.641   1.00 11.77 ? 18  ASP A CA  1 
ATOM   144  C C   . ASP A 1 18  ? 6.844   -12.410 3.616   1.00 12.10 ? 18  ASP A C   1 
ATOM   145  O O   . ASP A 1 18  ? 6.651   -13.621 3.372   1.00 12.51 ? 18  ASP A O   1 
ATOM   146  C CB  . ASP A 1 18  ? 6.047   -12.256 6.082   1.00 13.45 ? 18  ASP A CB  1 
ATOM   147  C CG  . ASP A 1 18  ? 7.437   -12.102 6.676   1.00 17.39 ? 18  ASP A CG  1 
ATOM   148  O OD1 . ASP A 1 18  ? 8.220   -11.183 6.345   1.00 16.32 ? 18  ASP A OD1 1 
ATOM   149  O OD2 . ASP A 1 18  ? 7.797   -12.946 7.572   1.00 19.99 ? 18  ASP A OD2 1 
ATOM   150  N N   . GLY A 1 19  ? 7.775   -11.709 2.971   1.00 10.08 ? 19  GLY A N   1 
ATOM   151  C CA  . GLY A 1 19  ? 8.660   -12.251 1.934   1.00 11.37 ? 19  GLY A CA  1 
ATOM   152  C C   . GLY A 1 19  ? 8.002   -12.303 0.574   1.00 11.82 ? 19  GLY A C   1 
ATOM   153  O O   . GLY A 1 19  ? 8.605   -12.937 -0.317  1.00 13.28 ? 19  GLY A O   1 
ATOM   154  N N   . TYR A 1 20  ? 6.848   -11.693 0.389   1.00 11.27 ? 20  TYR A N   1 
ATOM   155  C CA  . TYR A 1 20  ? 6.151   -11.717 -0.934  1.00 10.16 ? 20  TYR A CA  1 
ATOM   156  C C   . TYR A 1 20  ? 7.061   -11.014 -1.921  1.00 9.80  ? 20  TYR A C   1 
ATOM   157  O O   . TYR A 1 20  ? 7.468   -9.857  -1.711  1.00 8.36  ? 20  TYR A O   1 
ATOM   158  C CB  . TYR A 1 20  ? 4.708   -11.168 -0.823  1.00 9.64  ? 20  TYR A CB  1 
ATOM   159  C CG  . TYR A 1 20  ? 3.961   -11.387 -2.117  1.00 11.93 ? 20  TYR A CG  1 
ATOM   160  C CD1 . TYR A 1 20  ? 4.042   -10.442 -3.137  1.00 9.26  ? 20  TYR A CD1 1 
ATOM   161  C CD2 . TYR A 1 20  ? 3.166   -12.551 -2.324  1.00 11.26 ? 20  TYR A CD2 1 
ATOM   162  C CE1 . TYR A 1 20  ? 3.374   -10.605 -4.352  1.00 10.87 ? 20  TYR A CE1 1 
ATOM   163  C CE2 . TYR A 1 20  ? 2.517   -12.713 -3.535  1.00 12.96 ? 20  TYR A CE2 1 
ATOM   164  C CZ  . TYR A 1 20  ? 2.623   -11.754 -4.540  1.00 13.16 ? 20  TYR A CZ  1 
ATOM   165  O OH  . TYR A 1 20  ? 1.997   -11.872 -5.763  1.00 16.13 ? 20  TYR A OH  1 
ATOM   166  N N   . ARG A 1 21  ? 7.415   -11.726 -2.992  1.00 10.21 ? 21  ARG A N   1 
ATOM   167  C CA  . ARG A 1 21  ? 8.342   -11.207 -4.000  1.00 11.59 ? 21  ARG A CA  1 
ATOM   168  C C   . ARG A 1 21  ? 9.616   -10.628 -3.364  1.00 11.11 ? 21  ARG A C   1 
ATOM   169  O O   . ARG A 1 21  ? 10.131  -9.601  -3.845  1.00 9.34  ? 21  ARG A O   1 
ATOM   170  C CB  . ARG A 1 21  ? 7.657   -10.212 -4.950  1.00 14.79 ? 21  ARG A CB  1 
ATOM   171  C CG  . ARG A 1 21  ? 6.433   -10.744 -5.661  1.00 17.17 ? 21  ARG A CG  1 
ATOM   172  C CD  . ARG A 1 21  ? 6.874   -11.530 -6.902  1.00 22.50 ? 21  ARG A CD  1 
ATOM   173  N NE  . ARG A 1 21  ? 7.496   -10.563 -7.774  1.00 26.32 ? 21  ARG A NE  1 
ATOM   174  C CZ  . ARG A 1 21  ? 8.336   -10.531 -8.777  1.00 27.73 ? 21  ARG A CZ  1 
ATOM   175  N NH1 . ARG A 1 21  ? 8.964   -11.608 -9.258  1.00 27.45 ? 21  ARG A NH1 1 
ATOM   176  N NH2 . ARG A 1 21  ? 8.548   -9.314  -9.306  1.00 27.96 ? 21  ARG A NH2 1 
ATOM   177  N N   . GLY A 1 22  ? 10.126  -11.274 -2.319  1.00 11.19 ? 22  GLY A N   1 
ATOM   178  C CA  . GLY A 1 22  ? 11.393  -10.897 -1.634  1.00 10.24 ? 22  GLY A CA  1 
ATOM   179  C C   . GLY A 1 22  ? 11.227  -9.726  -0.679  1.00 10.79 ? 22  GLY A C   1 
ATOM   180  O O   . GLY A 1 22  ? 12.285  -9.197  -0.226  1.00 11.78 ? 22  GLY A O   1 
ATOM   181  N N   . ILE A 1 23  ? 10.003  -9.309  -0.382  1.00 9.64  ? 23  ILE A N   1 
ATOM   182  C CA  . ILE A 1 23  ? 9.794   -8.125  0.501   1.00 9.04  ? 23  ILE A CA  1 
ATOM   183  C C   . ILE A 1 23  ? 9.338   -8.551  1.912   1.00 8.03  ? 23  ILE A C   1 
ATOM   184  O O   . ILE A 1 23  ? 8.266   -9.099  2.071   1.00 7.79  ? 23  ILE A O   1 
ATOM   185  C CB  . ILE A 1 23  ? 8.684   -7.198  -0.114  1.00 9.32  ? 23  ILE A CB  1 
ATOM   186  C CG1 . ILE A 1 23  ? 9.072   -6.854  -1.595  1.00 8.06  ? 23  ILE A CG1 1 
ATOM   187  C CG2 . ILE A 1 23  ? 8.478   -5.932  0.776   1.00 9.60  ? 23  ILE A CG2 1 
ATOM   188  C CD1 . ILE A 1 23  ? 7.836   -6.423  -2.419  1.00 10.44 ? 23  ILE A CD1 1 
ATOM   189  N N   . SER A 1 24  ? 10.143  -8.208  2.895   1.00 8.69  ? 24  SER A N   1 
ATOM   190  C CA  . SER A 1 24  ? 9.889   -8.564  4.292   1.00 7.93  ? 24  SER A CA  1 
ATOM   191  C C   . SER A 1 24  ? 8.745   -7.759  4.869   1.00 9.25  ? 24  SER A C   1 
ATOM   192  O O   . SER A 1 24  ? 8.453   -6.634  4.441   1.00 8.54  ? 24  SER A O   1 
ATOM   193  C CB  . SER A 1 24  ? 11.140  -8.388  5.156   1.00 8.95  ? 24  SER A CB  1 
ATOM   194  O OG  . SER A 1 24  ? 11.301  -6.962  5.297   1.00 10.13 ? 24  SER A OG  1 
ATOM   195  N N   . LEU A 1 25  ? 8.177   -8.349  5.944   1.00 7.67  ? 25  LEU A N   1 
ATOM   196  C CA  . LEU A 1 25  ? 7.053   -7.682  6.591   1.00 8.52  ? 25  LEU A CA  1 
ATOM   197  C C   . LEU A 1 25  ? 7.461   -6.269  7.093   1.00 7.37  ? 25  LEU A C   1 
ATOM   198  O O   . LEU A 1 25  ? 6.571   -5.411  6.980   1.00 6.63  ? 25  LEU A O   1 
ATOM   199  C CB  . LEU A 1 25  ? 6.519   -8.623  7.697   1.00 8.25  ? 25  LEU A CB  1 
ATOM   200  C CG  . LEU A 1 25  ? 5.259   -8.267  8.403   1.00 11.98 ? 25  LEU A CG  1 
ATOM   201  C CD1 . LEU A 1 25  ? 4.010   -8.327  7.567   1.00 13.87 ? 25  LEU A CD1 1 
ATOM   202  C CD2 . LEU A 1 25  ? 5.139   -9.307  9.565   1.00 13.13 ? 25  LEU A CD2 1 
ATOM   203  N N   . ALA A 1 26  ? 8.666   -6.143  7.604   1.00 7.19  ? 26  ALA A N   1 
ATOM   204  C CA  . ALA A 1 26  ? 9.089   -4.809  8.110   1.00 7.57  ? 26  ALA A CA  1 
ATOM   205  C C   . ALA A 1 26  ? 9.051   -3.744  7.013   1.00 8.17  ? 26  ALA A C   1 
ATOM   206  O O   . ALA A 1 26  ? 8.781   -2.538  7.314   1.00 7.92  ? 26  ALA A O   1 
ATOM   207  C CB  . ALA A 1 26  ? 10.476  -4.979  8.713   1.00 8.62  ? 26  ALA A CB  1 
ATOM   208  N N   . ASN A 1 27  ? 9.392   -4.189  5.791   1.00 7.54  ? 27  ASN A N   1 
ATOM   209  C CA  . ASN A 1 27  ? 9.333   -3.261  4.621   1.00 6.87  ? 27  ASN A CA  1 
ATOM   210  C C   . ASN A 1 27  ? 7.891   -2.838  4.319   1.00 8.73  ? 27  ASN A C   1 
ATOM   211  O O   . ASN A 1 27  ? 7.621   -1.638  4.020   1.00 8.30  ? 27  ASN A O   1 
ATOM   212  C CB  . ASN A 1 27  ? 10.048  -3.782  3.424   1.00 8.45  ? 27  ASN A CB  1 
ATOM   213  C CG  . ASN A 1 27  ? 11.556  -3.545  3.587   1.00 12.31 ? 27  ASN A CG  1 
ATOM   214  O OD1 . ASN A 1 27  ? 12.027  -2.393  3.613   1.00 13.77 ? 27  ASN A OD1 1 
ATOM   215  N ND2 . ASN A 1 27  ? 12.218  -4.673  3.804   1.00 12.67 ? 27  ASN A ND2 1 
ATOM   216  N N   . TRP A 1 28  ? 6.924   -3.740  4.294   1.00 8.69  ? 28  TRP A N   1 
ATOM   217  C CA  . TRP A 1 28  ? 5.510   -3.339  4.082   1.00 6.82  ? 28  TRP A CA  1 
ATOM   218  C C   . TRP A 1 28  ? 5.002   -2.432  5.204   1.00 7.24  ? 28  TRP A C   1 
ATOM   219  O O   . TRP A 1 28  ? 4.085   -1.595  4.985   1.00 7.53  ? 28  TRP A O   1 
ATOM   220  C CB  . TRP A 1 28  ? 4.576   -4.565  4.100   1.00 8.60  ? 28  TRP A CB  1 
ATOM   221  C CG  . TRP A 1 28  ? 4.769   -5.479  2.928   1.00 10.04 ? 28  TRP A CG  1 
ATOM   222  C CD1 . TRP A 1 28  ? 5.325   -6.747  2.961   1.00 10.12 ? 28  TRP A CD1 1 
ATOM   223  C CD2 . TRP A 1 28  ? 4.456   -5.213  1.560   1.00 10.10 ? 28  TRP A CD2 1 
ATOM   224  N NE1 . TRP A 1 28  ? 5.327   -7.298  1.727   1.00 10.03 ? 28  TRP A NE1 1 
ATOM   225  C CE2 . TRP A 1 28  ? 4.795   -6.374  0.837   1.00 12.08 ? 28  TRP A CE2 1 
ATOM   226  C CE3 . TRP A 1 28  ? 3.911   -4.115  0.926   1.00 11.92 ? 28  TRP A CE3 1 
ATOM   227  C CZ2 . TRP A 1 28  ? 4.583   -6.460  -0.526  1.00 13.38 ? 28  TRP A CZ2 1 
ATOM   228  C CZ3 . TRP A 1 28  ? 3.715   -4.193  -0.459  1.00 13.91 ? 28  TRP A CZ3 1 
ATOM   229  C CH2 . TRP A 1 28  ? 4.035   -5.347  -1.164  1.00 12.20 ? 28  TRP A CH2 1 
ATOM   230  N N   . MET A 1 29  ? 5.429   -2.669  6.434   1.00 7.29  ? 29  MET A N   1 
ATOM   231  C CA  . MET A 1 29  ? 5.057   -1.907  7.628   1.00 7.29  ? 29  MET A CA  1 
ATOM   232  C C   . MET A 1 29  ? 5.605   -0.459  7.432   1.00 7.39  ? 29  MET A C   1 
ATOM   233  O O   . MET A 1 29  ? 4.870   0.499   7.643   1.00 7.05  ? 29  MET A O   1 
ATOM   234  C CB  . MET A 1 29  ? 5.608   -2.530  8.881   1.00 8.36  ? 29  MET A CB  1 
ATOM   235  C CG  . MET A 1 29  ? 4.783   -3.727  9.340   1.00 9.20  ? 29  MET A CG  1 
ATOM   236  S SD  . MET A 1 29  ? 3.047   -3.301  9.770   1.00 11.96 ? 29  MET A SD  1 
ATOM   237  C CE  . MET A 1 29  ? 3.180   -2.333  11.237  1.00 12.42 ? 29  MET A CE  1 
ATOM   238  N N   . CYS A 1 30  ? 6.869   -0.380  7.056   1.00 8.78  ? 30  CYS A N   1 
ATOM   239  C CA  . CYS A 1 30  ? 7.560   0.914   6.796   1.00 9.04  ? 30  CYS A CA  1 
ATOM   240  C C   . CYS A 1 30  ? 6.735   1.699   5.740   1.00 7.72  ? 30  CYS A C   1 
ATOM   241  O O   . CYS A 1 30  ? 6.392   2.874   5.949   1.00 7.78  ? 30  CYS A O   1 
ATOM   242  C CB  . CYS A 1 30  ? 9.005   0.731   6.399   1.00 8.35  ? 30  CYS A CB  1 
ATOM   243  S SG  . CYS A 1 30  ? 9.921   2.357   6.284   1.00 10.51 ? 30  CYS A SG  1 
ATOM   244  N N   . LEU A 1 31  ? 6.401   1.032   4.655   1.00 8.35  ? 31  LEU A N   1 
ATOM   245  C CA  . LEU A 1 31  ? 5.582   1.604   3.590   1.00 8.96  ? 31  LEU A CA  1 
ATOM   246  C C   . LEU A 1 31  ? 4.232   2.104   4.121   1.00 9.03  ? 31  LEU A C   1 
ATOM   247  O O   . LEU A 1 31  ? 3.932   3.290   3.822   1.00 7.97  ? 31  LEU A O   1 
ATOM   248  C CB  . LEU A 1 31  ? 5.430   0.626   2.398   1.00 7.27  ? 31  LEU A CB  1 
ATOM   249  C CG  . LEU A 1 31  ? 4.523   1.128   1.230   1.00 7.77  ? 31  LEU A CG  1 
ATOM   250  C CD1 . LEU A 1 31  ? 5.216   2.172   0.346   1.00 10.86 ? 31  LEU A CD1 1 
ATOM   251  C CD2 . LEU A 1 31  ? 4.130   -0.090  0.364   1.00 9.97  ? 31  LEU A CD2 1 
ATOM   252  N N   . ALA A 1 32  ? 3.409   1.319   4.799   1.00 6.55  ? 32  ALA A N   1 
ATOM   253  C CA  . ALA A 1 32  ? 2.098   1.771   5.270   1.00 5.72  ? 32  ALA A CA  1 
ATOM   254  C C   . ALA A 1 32  ? 2.219   2.960   6.199   1.00 7.72  ? 32  ALA A C   1 
ATOM   255  O O   . ALA A 1 32  ? 1.381   3.845   6.209   1.00 7.92  ? 32  ALA A O   1 
ATOM   256  C CB  . ALA A 1 32  ? 1.341   0.592   5.965   1.00 7.67  ? 32  ALA A CB  1 
ATOM   257  N N   . LYS A 1 33  ? 3.277   2.945   7.036   1.00 7.06  ? 33  LYS A N   1 
ATOM   258  C CA  . LYS A 1 33  ? 3.490   4.020   7.990   1.00 10.90 ? 33  LYS A CA  1 
ATOM   259  C C   . LYS A 1 33  ? 3.677   5.385   7.297   1.00 10.48 ? 33  LYS A C   1 
ATOM   260  O O   . LYS A 1 33  ? 2.965   6.310   7.705   1.00 11.38 ? 33  LYS A O   1 
ATOM   261  C CB  . LYS A 1 33  ? 4.723   3.712   8.847   1.00 12.90 ? 33  LYS A CB  1 
ATOM   262  C CG  . LYS A 1 33  ? 4.560   4.488   10.174  1.00 16.58 ? 33  LYS A CG  1 
ATOM   263  C CD  . LYS A 1 33  ? 5.566   5.576   10.292  1.00 20.24 ? 33  LYS A CD  1 
ATOM   264  C CE  . LYS A 1 33  ? 5.139   6.537   11.449  1.00 21.68 ? 33  LYS A CE  1 
ATOM   265  N NZ  . LYS A 1 33  ? 5.466   7.904   10.919  1.00 25.10 ? 33  LYS A NZ  1 
ATOM   266  N N   . TRP A 1 34  ? 4.576   5.453   6.341   1.00 11.98 ? 34  TRP A N   1 
ATOM   267  C CA  . TRP A 1 34  ? 4.871   6.725   5.637   1.00 11.95 ? 34  TRP A CA  1 
ATOM   268  C C   . TRP A 1 34  ? 3.826   7.065   4.618   1.00 13.49 ? 34  TRP A C   1 
ATOM   269  O O   . TRP A 1 34  ? 3.664   8.255   4.355   1.00 15.36 ? 34  TRP A O   1 
ATOM   270  C CB  . TRP A 1 34  ? 6.300   6.739   5.099   1.00 15.06 ? 34  TRP A CB  1 
ATOM   271  C CG  . TRP A 1 34  ? 7.209   6.681   6.301   1.00 18.01 ? 34  TRP A CG  1 
ATOM   272  C CD1 . TRP A 1 34  ? 7.963   5.615   6.696   1.00 17.92 ? 34  TRP A CD1 1 
ATOM   273  C CD2 . TRP A 1 34  ? 7.434   7.728   7.254   1.00 20.42 ? 34  TRP A CD2 1 
ATOM   274  N NE1 . TRP A 1 34  ? 8.656   5.938   7.840   1.00 18.90 ? 34  TRP A NE1 1 
ATOM   275  C CE2 . TRP A 1 34  ? 8.346   7.226   8.195   1.00 21.17 ? 34  TRP A CE2 1 
ATOM   276  C CE3 . TRP A 1 34  ? 7.006   9.049   7.339   1.00 21.89 ? 34  TRP A CE3 1 
ATOM   277  C CZ2 . TRP A 1 34  ? 8.796   7.993   9.274   1.00 24.09 ? 34  TRP A CZ2 1 
ATOM   278  C CZ3 . TRP A 1 34  ? 7.455   9.806   8.409   1.00 24.90 ? 34  TRP A CZ3 1 
ATOM   279  C CH2 . TRP A 1 34  ? 8.351   9.317   9.352   1.00 24.41 ? 34  TRP A CH2 1 
ATOM   280  N N   . GLU A 1 35  ? 3.103   6.107   4.052   1.00 10.80 ? 35  GLU A N   1 
ATOM   281  C CA  . GLU A 1 35  ? 2.094   6.486   3.094   1.00 10.99 ? 35  GLU A CA  1 
ATOM   282  C C   . GLU A 1 35  ? 0.813   6.979   3.730   1.00 10.47 ? 35  GLU A C   1 
ATOM   283  O O   . GLU A 1 35  ? 0.250   7.948   3.245   1.00 10.71 ? 35  GLU A O   1 
ATOM   284  C CB  . GLU A 1 35  ? 1.735   5.332   2.145   1.00 10.30 ? 35  GLU A CB  1 
ATOM   285  C CG  . GLU A 1 35  ? 2.784   4.894   1.106   1.00 11.66 ? 35  GLU A CG  1 
ATOM   286  C CD  . GLU A 1 35  ? 3.058   5.892   0.019   1.00 12.84 ? 35  GLU A CD  1 
ATOM   287  O OE1 . GLU A 1 35  ? 2.350   6.818   -0.187  1.00 13.67 ? 35  GLU A OE1 1 
ATOM   288  O OE2 . GLU A 1 35  ? 4.177   5.731   -0.539  1.00 17.27 ? 35  GLU A OE2 1 
ATOM   289  N N   . SER A 1 36  ? 0.304   6.297   4.758   1.00 9.59  ? 36  SER A N   1 
ATOM   290  C CA  . SER A 1 36  ? -1.006  6.675   5.317   1.00 8.65  ? 36  SER A CA  1 
ATOM   291  C C   . SER A 1 36  ? -1.058  6.742   6.829   1.00 8.57  ? 36  SER A C   1 
ATOM   292  O O   . SER A 1 36  ? -2.127  7.030   7.371   1.00 9.02  ? 36  SER A O   1 
ATOM   293  C CB  . SER A 1 36  ? -2.003  5.562   4.854   1.00 9.10  ? 36  SER A CB  1 
ATOM   294  O OG  . SER A 1 36  ? -1.726  4.299   5.518   1.00 11.83 ? 36  SER A OG  1 
ATOM   295  N N   . GLY A 1 37  ? 0.058   6.443   7.480   1.00 10.29 ? 37  GLY A N   1 
ATOM   296  C CA  . GLY A 1 37  ? -0.023  6.418   8.954   1.00 11.64 ? 37  GLY A CA  1 
ATOM   297  C C   . GLY A 1 37  ? -0.956  5.259   9.345   1.00 12.49 ? 37  GLY A C   1 
ATOM   298  O O   . GLY A 1 37  ? -1.585  5.386   10.422  1.00 13.85 ? 37  GLY A O   1 
ATOM   299  N N   . TYR A 1 38  ? -1.050  4.178   8.593   1.00 9.81  ? 38  TYR A N   1 
ATOM   300  C CA  . TYR A 1 38  ? -1.864  3.007   8.917   1.00 10.19 ? 38  TYR A CA  1 
ATOM   301  C C   . TYR A 1 38  ? -3.349  3.264   8.833   1.00 10.47 ? 38  TYR A C   1 
ATOM   302  O O   . TYR A 1 38  ? -4.170  2.538   9.427   1.00 10.24 ? 38  TYR A O   1 
ATOM   303  C CB  . TYR A 1 38  ? -1.467  2.368   10.256  1.00 9.16  ? 38  TYR A CB  1 
ATOM   304  C CG  . TYR A 1 38  ? -0.021  2.114   10.593  1.00 11.29 ? 38  TYR A CG  1 
ATOM   305  C CD1 . TYR A 1 38  ? 0.915   1.585   9.694   1.00 9.83  ? 38  TYR A CD1 1 
ATOM   306  C CD2 . TYR A 1 38  ? 0.447   2.340   11.896  1.00 8.42  ? 38  TYR A CD2 1 
ATOM   307  C CE1 . TYR A 1 38  ? 2.231   1.372   10.027  1.00 10.50 ? 38  TYR A CE1 1 
ATOM   308  C CE2 . TYR A 1 38  ? 1.770   2.125   12.259  1.00 10.13 ? 38  TYR A CE2 1 
ATOM   309  C CZ  . TYR A 1 38  ? 2.658   1.651   11.339  1.00 11.39 ? 38  TYR A CZ  1 
ATOM   310  O OH  . TYR A 1 38  ? 3.998   1.381   11.657  1.00 12.53 ? 38  TYR A OH  1 
ATOM   311  N N   . ASN A 1 39  ? -3.738  4.266   8.032   1.00 10.33 ? 39  ASN A N   1 
ATOM   312  C CA  . ASN A 1 39  ? -5.168  4.635   7.890   1.00 10.98 ? 39  ASN A CA  1 
ATOM   313  C C   . ASN A 1 39  ? -5.749  4.194   6.551   1.00 10.86 ? 39  ASN A C   1 
ATOM   314  O O   . ASN A 1 39  ? -5.311  4.661   5.494   1.00 8.90  ? 39  ASN A O   1 
ATOM   315  C CB  . ASN A 1 39  ? -5.212  6.149   8.153   1.00 11.75 ? 39  ASN A CB  1 
ATOM   316  C CG  . ASN A 1 39  ? -6.597  6.757   8.142   1.00 13.34 ? 39  ASN A CG  1 
ATOM   317  O OD1 . ASN A 1 39  ? -7.653  6.147   8.028   1.00 11.88 ? 39  ASN A OD1 1 
ATOM   318  N ND2 . ASN A 1 39  ? -6.605  8.098   8.157   1.00 15.85 ? 39  ASN A ND2 1 
ATOM   319  N N   . THR A 1 40  ? -6.743  3.328   6.572   1.00 9.70  ? 40  THR A N   1 
ATOM   320  C CA  . THR A 1 40  ? -7.406  2.811   5.389   1.00 10.72 ? 40  THR A CA  1 
ATOM   321  C C   . THR A 1 40  ? -8.288  3.850   4.670   1.00 11.89 ? 40  THR A C   1 
ATOM   322  O O   . THR A 1 40  ? -8.663  3.637   3.501   1.00 13.64 ? 40  THR A O   1 
ATOM   323  C CB  . THR A 1 40  ? -8.318  1.549   5.829   1.00 10.54 ? 40  THR A CB  1 
ATOM   324  O OG1 . THR A 1 40  ? -9.430  2.101   6.625   1.00 10.77 ? 40  THR A OG1 1 
ATOM   325  C CG2 . THR A 1 40  ? -7.514  0.468   6.554   1.00 8.76  ? 40  THR A CG2 1 
ATOM   326  N N   . ARG A 1 41  ? -8.704  4.909   5.338   1.00 12.84 ? 41  ARG A N   1 
ATOM   327  C CA  . ARG A 1 41  ? -9.550  5.919   4.668   1.00 17.05 ? 41  ARG A CA  1 
ATOM   328  C C   . ARG A 1 41  ? -8.711  7.052   4.027   1.00 15.25 ? 41  ARG A C   1 
ATOM   329  O O   . ARG A 1 41  ? -9.330  7.966   3.431   1.00 16.27 ? 41  ARG A O   1 
ATOM   330  C CB  . ARG A 1 41  ? -10.639 6.425   5.601   1.00 20.78 ? 41  ARG A CB  1 
ATOM   331  C CG  . ARG A 1 41  ? -10.565 7.754   6.276   1.00 25.30 ? 41  ARG A CG  1 
ATOM   332  C CD  . ARG A 1 41  ? -11.879 8.148   6.907   1.00 30.75 ? 41  ARG A CD  1 
ATOM   333  N NE  . ARG A 1 41  ? -12.790 8.955   6.064   1.00 33.26 ? 41  ARG A NE  1 
ATOM   334  C CZ  . ARG A 1 41  ? -14.095 8.609   6.004   1.00 34.39 ? 41  ARG A CZ  1 
ATOM   335  N NH1 . ARG A 1 41  ? -14.524 7.534   6.682   1.00 33.10 ? 41  ARG A NH1 1 
ATOM   336  N NH2 . ARG A 1 41  ? -14.961 9.321   5.260   1.00 33.11 ? 41  ARG A NH2 1 
ATOM   337  N N   . ALA A 1 42  ? -7.409  7.040   4.146   1.00 13.29 ? 42  ALA A N   1 
ATOM   338  C CA  . ALA A 1 42  ? -6.539  8.064   3.575   1.00 13.58 ? 42  ALA A CA  1 
ATOM   339  C C   . ALA A 1 42  ? -6.670  8.218   2.043   1.00 15.28 ? 42  ALA A C   1 
ATOM   340  O O   . ALA A 1 42  ? -6.663  7.220   1.269   1.00 12.44 ? 42  ALA A O   1 
ATOM   341  C CB  . ALA A 1 42  ? -5.086  7.724   3.894   1.00 13.79 ? 42  ALA A CB  1 
ATOM   342  N N   . THR A 1 43  ? -6.824  9.487   1.633   1.00 15.32 ? 43  THR A N   1 
ATOM   343  C CA  . THR A 1 43  ? -6.893  9.786   0.197   1.00 17.69 ? 43  THR A CA  1 
ATOM   344  C C   . THR A 1 43  ? -6.021  11.025  -0.079  1.00 17.75 ? 43  THR A C   1 
ATOM   345  O O   . THR A 1 43  ? -6.016  11.958  0.734   1.00 18.32 ? 43  THR A O   1 
ATOM   346  C CB  . THR A 1 43  ? -8.305  10.030  -0.405  1.00 20.34 ? 43  THR A CB  1 
ATOM   347  O OG1 . THR A 1 43  ? -8.713  11.243  0.321   1.00 22.26 ? 43  THR A OG1 1 
ATOM   348  C CG2 . THR A 1 43  ? -9.242  8.828   -0.296  1.00 20.73 ? 43  THR A CG2 1 
ATOM   349  N N   . ASN A 1 44  ? -5.328  10.987  -1.200  1.00 17.97 ? 44  ASN A N   1 
ATOM   350  C CA  . ASN A 1 44  ? -4.412  12.110  -1.594  1.00 17.58 ? 44  ASN A CA  1 
ATOM   351  C C   . ASN A 1 44  ? -4.655  12.441  -3.079  1.00 16.52 ? 44  ASN A C   1 
ATOM   352  O O   . ASN A 1 44  ? -4.338  11.602  -3.948  1.00 15.73 ? 44  ASN A O   1 
ATOM   353  C CB  . ASN A 1 44  ? -2.933  11.791  -1.334  1.00 20.41 ? 44  ASN A CB  1 
ATOM   354  C CG  . ASN A 1 44  ? -1.919  12.779  -1.954  1.00 24.33 ? 44  ASN A CG  1 
ATOM   355  O OD1 . ASN A 1 44  ? -1.865  13.958  -1.534  1.00 24.89 ? 44  ASN A OD1 1 
ATOM   356  N ND2 . ASN A 1 44  ? -1.092  12.359  -2.917  1.00 22.60 ? 44  ASN A ND2 1 
ATOM   357  N N   . TYR A 1 45  ? -5.210  13.633  -3.303  1.00 16.48 ? 45  TYR A N   1 
ATOM   358  C CA  . TYR A 1 45  ? -5.431  14.070  -4.685  1.00 15.24 ? 45  TYR A CA  1 
ATOM   359  C C   . TYR A 1 45  ? -4.136  14.665  -5.230  1.00 14.46 ? 45  TYR A C   1 
ATOM   360  O O   . TYR A 1 45  ? -3.509  15.470  -4.536  1.00 15.75 ? 45  TYR A O   1 
ATOM   361  C CB  . TYR A 1 45  ? -6.572  15.051  -4.777  1.00 17.37 ? 45  TYR A CB  1 
ATOM   362  C CG  . TYR A 1 45  ? -6.842  15.559  -6.178  1.00 17.53 ? 45  TYR A CG  1 
ATOM   363  C CD1 . TYR A 1 45  ? -7.258  14.725  -7.188  1.00 18.72 ? 45  TYR A CD1 1 
ATOM   364  C CD2 . TYR A 1 45  ? -6.686  16.932  -6.437  1.00 19.09 ? 45  TYR A CD2 1 
ATOM   365  C CE1 . TYR A 1 45  ? -7.529  15.231  -8.462  1.00 20.13 ? 45  TYR A CE1 1 
ATOM   366  C CE2 . TYR A 1 45  ? -6.905  17.484  -7.712  1.00 19.78 ? 45  TYR A CE2 1 
ATOM   367  C CZ  . TYR A 1 45  ? -7.328  16.590  -8.702  1.00 21.58 ? 45  TYR A CZ  1 
ATOM   368  O OH  . TYR A 1 45  ? -7.585  17.048  -9.947  1.00 23.49 ? 45  TYR A OH  1 
ATOM   369  N N   . ASN A 1 46  ? -3.690  14.311  -6.414  1.00 13.86 ? 46  ASN A N   1 
ATOM   370  C CA  . ASN A 1 46  ? -2.469  14.828  -7.059  1.00 15.81 ? 46  ASN A CA  1 
ATOM   371  C C   . ASN A 1 46  ? -2.997  15.856  -8.102  1.00 17.26 ? 46  ASN A C   1 
ATOM   372  O O   . ASN A 1 46  ? -3.339  15.411  -9.200  1.00 17.28 ? 46  ASN A O   1 
ATOM   373  C CB  . ASN A 1 46  ? -1.673  13.702  -7.699  1.00 16.33 ? 46  ASN A CB  1 
ATOM   374  C CG  . ASN A 1 46  ? -1.333  12.649  -6.622  1.00 18.70 ? 46  ASN A CG  1 
ATOM   375  O OD1 . ASN A 1 46  ? -0.484  12.938  -5.761  1.00 19.47 ? 46  ASN A OD1 1 
ATOM   376  N ND2 . ASN A 1 46  ? -2.041  11.536  -6.656  1.00 18.60 ? 46  ASN A ND2 1 
ATOM   377  N N   . ALA A 1 47  ? -3.012  17.131  -7.695  1.00 18.28 ? 47  ALA A N   1 
ATOM   378  C CA  . ALA A 1 47  ? -3.539  18.159  -8.611  1.00 18.81 ? 47  ALA A CA  1 
ATOM   379  C C   . ALA A 1 47  ? -2.787  18.194  -9.935  1.00 18.58 ? 47  ALA A C   1 
ATOM   380  O O   . ALA A 1 47  ? -3.441  18.424  -10.968 1.00 19.17 ? 47  ALA A O   1 
ATOM   381  C CB  . ALA A 1 47  ? -3.596  19.557  -7.992  1.00 17.77 ? 47  ALA A CB  1 
ATOM   382  N N   . GLY A 1 48  ? -1.504  17.919  -9.900  1.00 18.26 ? 48  GLY A N   1 
ATOM   383  C CA  . GLY A 1 48  ? -0.666  17.915  -11.086 1.00 18.42 ? 48  GLY A CA  1 
ATOM   384  C C   . GLY A 1 48  ? -1.024  17.002  -12.220 1.00 18.24 ? 48  GLY A C   1 
ATOM   385  O O   . GLY A 1 48  ? -0.880  17.400  -13.407 1.00 18.20 ? 48  GLY A O   1 
ATOM   386  N N   . ASP A 1 49  ? -1.477  15.797  -11.917 1.00 16.54 ? 49  ASP A N   1 
ATOM   387  C CA  . ASP A 1 49  ? -1.830  14.816  -12.960 1.00 15.88 ? 49  ASP A CA  1 
ATOM   388  C C   . ASP A 1 49  ? -3.260  14.309  -12.895 1.00 14.88 ? 49  ASP A C   1 
ATOM   389  O O   . ASP A 1 49  ? -3.635  13.442  -13.723 1.00 13.46 ? 49  ASP A O   1 
ATOM   390  C CB  . ASP A 1 49  ? -0.800  13.702  -12.978 1.00 18.43 ? 49  ASP A CB  1 
ATOM   391  C CG  . ASP A 1 49  ? -1.075  12.615  -11.933 1.00 20.95 ? 49  ASP A CG  1 
ATOM   392  O OD1 . ASP A 1 49  ? -1.684  12.804  -10.906 1.00 22.78 ? 49  ASP A OD1 1 
ATOM   393  O OD2 . ASP A 1 49  ? -0.612  11.491  -12.165 1.00 22.68 ? 49  ASP A OD2 1 
ATOM   394  N N   . ARG A 1 50  ? -4.019  14.834  -11.975 1.00 14.35 ? 50  ARG A N   1 
ATOM   395  C CA  . ARG A 1 50  ? -5.409  14.595  -11.687 1.00 15.87 ? 50  ARG A CA  1 
ATOM   396  C C   . ARG A 1 50  ? -5.727  13.141  -11.314 1.00 15.75 ? 50  ARG A C   1 
ATOM   397  O O   . ARG A 1 50  ? -6.840  12.612  -11.579 1.00 17.64 ? 50  ARG A O   1 
ATOM   398  C CB  . ARG A 1 50  ? -6.334  15.024  -12.829 1.00 21.29 ? 50  ARG A CB  1 
ATOM   399  C CG  . ARG A 1 50  ? -6.118  16.514  -13.185 1.00 26.46 ? 50  ARG A CG  1 
ATOM   400  C CD  . ARG A 1 50  ? -7.330  16.964  -13.957 1.00 29.72 ? 50  ARG A CD  1 
ATOM   401  N NE  . ARG A 1 50  ? -6.965  18.090  -14.796 1.00 33.78 ? 50  ARG A NE  1 
ATOM   402  C CZ  . ARG A 1 50  ? -7.753  19.183  -14.862 1.00 36.09 ? 50  ARG A CZ  1 
ATOM   403  N NH1 . ARG A 1 50  ? -8.879  19.387  -14.184 1.00 35.99 ? 50  ARG A NH1 1 
ATOM   404  N NH2 . ARG A 1 50  ? -7.363  20.149  -15.712 1.00 38.83 ? 50  ARG A NH2 1 
ATOM   405  N N   . SER A 1 51  ? -4.767  12.554  -10.623 1.00 13.83 ? 51  SER A N   1 
ATOM   406  C CA  . SER A 1 51  ? -4.973  11.144  -10.152 1.00 13.13 ? 51  SER A CA  1 
ATOM   407  C C   . SER A 1 51  ? -5.147  11.267  -8.622  1.00 12.44 ? 51  SER A C   1 
ATOM   408  O O   . SER A 1 51  ? -4.849  12.313  -8.064  1.00 12.16 ? 51  SER A O   1 
ATOM   409  C CB  . SER A 1 51  ? -3.853  10.215  -10.541 1.00 11.95 ? 51  SER A CB  1 
ATOM   410  O OG  . SER A 1 51  ? -2.620  10.582  -9.867  1.00 13.82 ? 51  SER A OG  1 
ATOM   411  N N   . THR A 1 52  ? -5.595  10.171  -8.011  1.00 10.98 ? 52  THR A N   1 
ATOM   412  C CA  . THR A 1 52  ? -5.780  10.071  -6.582  1.00 9.86  ? 52  THR A CA  1 
ATOM   413  C C   . THR A 1 52  ? -5.140  8.776   -6.030  1.00 9.84  ? 52  THR A C   1 
ATOM   414  O O   . THR A 1 52  ? -5.238  7.734   -6.704  1.00 8.39  ? 52  THR A O   1 
ATOM   415  C CB  . THR A 1 52  ? -7.293  10.094  -6.127  1.00 11.11 ? 52  THR A CB  1 
ATOM   416  O OG1 . THR A 1 52  ? -7.822  11.392  -6.609  1.00 10.29 ? 52  THR A OG1 1 
ATOM   417  C CG2 . THR A 1 52  ? -7.453  10.003  -4.599  1.00 8.80  ? 52  THR A CG2 1 
ATOM   418  N N   . ASP A 1 53  ? -4.529  8.880   -4.872  1.00 10.19 ? 53  ASP A N   1 
ATOM   419  C CA  . ASP A 1 53  ? -3.901  7.718   -4.203  1.00 10.18 ? 53  ASP A CA  1 
ATOM   420  C C   . ASP A 1 53  ? -4.910  7.341   -3.062  1.00 8.02  ? 53  ASP A C   1 
ATOM   421  O O   . ASP A 1 53  ? -5.383  8.187   -2.332  1.00 6.83  ? 53  ASP A O   1 
ATOM   422  C CB  . ASP A 1 53  ? -2.525  7.986   -3.596  1.00 12.43 ? 53  ASP A CB  1 
ATOM   423  C CG  . ASP A 1 53  ? -1.560  8.605   -4.595  1.00 14.28 ? 53  ASP A CG  1 
ATOM   424  O OD1 . ASP A 1 53  ? -1.396  8.019   -5.635  1.00 13.31 ? 53  ASP A OD1 1 
ATOM   425  O OD2 . ASP A 1 53  ? -0.967  9.651   -4.272  1.00 16.36 ? 53  ASP A OD2 1 
ATOM   426  N N   . TYR A 1 54  ? -5.162  6.044   -2.990  1.00 7.30  ? 54  TYR A N   1 
ATOM   427  C CA  . TYR A 1 54  ? -6.119  5.502   -2.078  1.00 7.64  ? 54  TYR A CA  1 
ATOM   428  C C   . TYR A 1 54  ? -5.744  4.477   -1.035  1.00 8.01  ? 54  TYR A C   1 
ATOM   429  O O   . TYR A 1 54  ? -5.075  3.506   -1.365  1.00 8.02  ? 54  TYR A O   1 
ATOM   430  C CB  . TYR A 1 54  ? -7.206  4.830   -2.959  1.00 6.29  ? 54  TYR A CB  1 
ATOM   431  C CG  . TYR A 1 54  ? -8.079  5.714   -3.791  1.00 7.25  ? 54  TYR A CG  1 
ATOM   432  C CD1 . TYR A 1 54  ? -9.261  6.281   -3.301  1.00 9.73  ? 54  TYR A CD1 1 
ATOM   433  C CD2 . TYR A 1 54  ? -7.736  6.038   -5.114  1.00 9.28  ? 54  TYR A CD2 1 
ATOM   434  C CE1 . TYR A 1 54  ? -10.098 7.075   -4.080  1.00 10.14 ? 54  TYR A CE1 1 
ATOM   435  C CE2 . TYR A 1 54  ? -8.567  6.815   -5.936  1.00 8.20  ? 54  TYR A CE2 1 
ATOM   436  C CZ  . TYR A 1 54  ? -9.738  7.345   -5.399  1.00 10.12 ? 54  TYR A CZ  1 
ATOM   437  O OH  . TYR A 1 54  ? -10.538 8.111   -6.237  1.00 10.71 ? 54  TYR A OH  1 
ATOM   438  N N   . GLY A 1 55  ? -6.222  4.790   0.198   1.00 9.58  ? 55  GLY A N   1 
ATOM   439  C CA  . GLY A 1 55  ? -6.042  3.736   1.233   1.00 10.48 ? 55  GLY A CA  1 
ATOM   440  C C   . GLY A 1 55  ? -4.764  3.619   1.958   1.00 11.07 ? 55  GLY A C   1 
ATOM   441  O O   . GLY A 1 55  ? -3.850  4.489   1.885   1.00 10.94 ? 55  GLY A O   1 
ATOM   442  N N   . ILE A 1 56  ? -4.691  2.461   2.673   1.00 8.13  ? 56  ILE A N   1 
ATOM   443  C CA  . ILE A 1 56  ? -3.486  2.247   3.492   1.00 8.87  ? 56  ILE A CA  1 
ATOM   444  C C   . ILE A 1 56  ? -2.154  2.240   2.776   1.00 7.51  ? 56  ILE A C   1 
ATOM   445  O O   . ILE A 1 56  ? -1.103  2.587   3.371   1.00 7.88  ? 56  ILE A O   1 
ATOM   446  C CB  . ILE A 1 56  ? -3.691  0.959   4.390   1.00 7.25  ? 56  ILE A CB  1 
ATOM   447  C CG1 . ILE A 1 56  ? -2.773  1.103   5.628   1.00 7.71  ? 56  ILE A CG1 1 
ATOM   448  C CG2 . ILE A 1 56  ? -3.362  -0.323  3.585   1.00 8.41  ? 56  ILE A CG2 1 
ATOM   449  C CD1 . ILE A 1 56  ? -3.295  0.210   6.805   1.00 10.32 ? 56  ILE A CD1 1 
ATOM   450  N N   . PHE A 1 57  ? -2.148  1.771   1.553   1.00 7.20  ? 57  PHE A N   1 
ATOM   451  C CA  . PHE A 1 57  ? -0.902  1.728   0.749   1.00 7.65  ? 57  PHE A CA  1 
ATOM   452  C C   . PHE A 1 57  ? -0.874  2.908   -0.256  1.00 8.14  ? 57  PHE A C   1 
ATOM   453  O O   . PHE A 1 57  ? 0.157   2.946   -0.980  1.00 9.20  ? 57  PHE A O   1 
ATOM   454  C CB  . PHE A 1 57  ? -0.752  0.398   0.012   1.00 9.22  ? 57  PHE A CB  1 
ATOM   455  C CG  . PHE A 1 57  ? -0.542  -0.761  0.997   1.00 12.51 ? 57  PHE A CG  1 
ATOM   456  C CD1 . PHE A 1 57  ? 0.564   -0.689  1.861   1.00 12.38 ? 57  PHE A CD1 1 
ATOM   457  C CD2 . PHE A 1 57  ? -1.413  -1.842  1.000   1.00 13.16 ? 57  PHE A CD2 1 
ATOM   458  C CE1 . PHE A 1 57  ? 0.786   -1.739  2.776   1.00 12.79 ? 57  PHE A CE1 1 
ATOM   459  C CE2 . PHE A 1 57  ? -1.234  -2.888  1.920   1.00 13.55 ? 57  PHE A CE2 1 
ATOM   460  C CZ  . PHE A 1 57  ? -0.124  -2.825  2.777   1.00 14.35 ? 57  PHE A CZ  1 
ATOM   461  N N   . GLN A 1 58  ? -1.895  3.737   -0.288  1.00 7.80  ? 58  GLN A N   1 
ATOM   462  C CA  . GLN A 1 58  ? -1.876  4.871   -1.236  1.00 9.67  ? 58  GLN A CA  1 
ATOM   463  C C   . GLN A 1 58  ? -1.611  4.386   -2.671  1.00 9.13  ? 58  GLN A C   1 
ATOM   464  O O   . GLN A 1 58  ? -0.664  4.767   -3.352  1.00 10.41 ? 58  GLN A O   1 
ATOM   465  C CB  . GLN A 1 58  ? -0.899  6.009   -0.860  1.00 8.85  ? 58  GLN A CB  1 
ATOM   466  C CG  . GLN A 1 58  ? -1.326  6.652   0.458   1.00 9.43  ? 58  GLN A CG  1 
ATOM   467  C CD  . GLN A 1 58  ? -2.542  7.550   0.250   1.00 13.82 ? 58  GLN A CD  1 
ATOM   468  O OE1 . GLN A 1 58  ? -2.383  8.733   -0.144  1.00 12.67 ? 58  GLN A OE1 1 
ATOM   469  N NE2 . GLN A 1 58  ? -3.751  7.079   0.550   1.00 10.68 ? 58  GLN A NE2 1 
ATOM   470  N N   . ILE A 1 59  ? -2.520  3.588   -3.135  1.00 8.83  ? 59  ILE A N   1 
ATOM   471  C CA  . ILE A 1 59  ? -2.452  3.040   -4.516  1.00 10.08 ? 59  ILE A CA  1 
ATOM   472  C C   . ILE A 1 59  ? -3.106  4.042   -5.467  1.00 9.91  ? 59  ILE A C   1 
ATOM   473  O O   . ILE A 1 59  ? -4.210  4.518   -5.186  1.00 7.62  ? 59  ILE A O   1 
ATOM   474  C CB  . ILE A 1 59  ? -3.156  1.639   -4.499  1.00 10.54 ? 59  ILE A CB  1 
ATOM   475  C CG1 . ILE A 1 59  ? -2.150  0.749   -3.695  1.00 12.01 ? 59  ILE A CG1 1 
ATOM   476  C CG2 . ILE A 1 59  ? -3.408  1.181   -5.953  1.00 11.73 ? 59  ILE A CG2 1 
ATOM   477  C CD1 . ILE A 1 59  ? -2.636  -0.636  -3.237  1.00 10.78 ? 59  ILE A CD1 1 
ATOM   478  N N   . ASN A 1 60  ? -2.428  4.221   -6.603  1.00 11.41 ? 60  ASN A N   1 
ATOM   479  C CA  . ASN A 1 60  ? -2.894  5.264   -7.578  1.00 12.41 ? 60  ASN A CA  1 
ATOM   480  C C   . ASN A 1 60  ? -3.896  4.807   -8.598  1.00 12.82 ? 60  ASN A C   1 
ATOM   481  O O   . ASN A 1 60  ? -3.787  3.727   -9.175  1.00 13.67 ? 60  ASN A O   1 
ATOM   482  C CB  . ASN A 1 60  ? -1.623  5.978   -8.017  1.00 14.15 ? 60  ASN A CB  1 
ATOM   483  C CG  . ASN A 1 60  ? -1.854  7.184   -8.947  1.00 13.64 ? 60  ASN A CG  1 
ATOM   484  O OD1 . ASN A 1 60  ? -1.889  6.891   -10.158 1.00 15.14 ? 60  ASN A OD1 1 
ATOM   485  N ND2 . ASN A 1 60  ? -1.966  8.390   -8.421  1.00 13.76 ? 60  ASN A ND2 1 
ATOM   486  N N   . SER A 1 61  ? -4.883  5.696   -8.812  1.00 12.66 ? 61  SER A N   1 
ATOM   487  C CA  . SER A 1 61  ? -5.995  5.465   -9.718  1.00 13.89 ? 61  SER A CA  1 
ATOM   488  C C   . SER A 1 61  ? -5.660  5.534   -11.213 1.00 14.08 ? 61  SER A C   1 
ATOM   489  O O   . SER A 1 61  ? -6.606  5.349   -12.019 1.00 15.19 ? 61  SER A O   1 
ATOM   490  C CB  . SER A 1 61  ? -7.081  6.515   -9.413  1.00 10.86 ? 61  SER A CB  1 
ATOM   491  O OG  . SER A 1 61  ? -6.615  7.814   -9.711  1.00 12.67 ? 61  SER A OG  1 
ATOM   492  N N   . ARG A 1 62  ? -4.443  5.847   -11.633 1.00 15.29 ? 62  ARG A N   1 
ATOM   493  C CA  . ARG A 1 62  ? -4.213  5.896   -13.107 1.00 15.42 ? 62  ARG A CA  1 
ATOM   494  C C   . ARG A 1 62  ? -3.967  4.488   -13.636 1.00 17.12 ? 62  ARG A C   1 
ATOM   495  O O   . ARG A 1 62  ? -4.546  4.065   -14.684 1.00 17.06 ? 62  ARG A O   1 
ATOM   496  C CB  . ARG A 1 62  ? -3.165  6.921   -13.505 1.00 15.60 ? 62  ARG A CB  1 
ATOM   497  C CG  . ARG A 1 62  ? -2.776  6.818   -14.985 1.00 17.53 ? 62  ARG A CG  1 
ATOM   498  C CD  . ARG A 1 62  ? -2.124  8.072   -15.498 1.00 22.90 ? 62  ARG A CD  1 
ATOM   499  N NE  . ARG A 1 62  ? -3.052  9.204   -15.678 1.00 22.87 ? 62  ARG A NE  1 
ATOM   500  C CZ  . ARG A 1 62  ? -2.963  10.190  -14.760 1.00 25.30 ? 62  ARG A CZ  1 
ATOM   501  N NH1 . ARG A 1 62  ? -1.976  10.171  -13.866 1.00 25.59 ? 62  ARG A NH1 1 
ATOM   502  N NH2 . ARG A 1 62  ? -3.949  11.090  -14.708 1.00 23.96 ? 62  ARG A NH2 1 
ATOM   503  N N   . TYR A 1 63  ? -3.231  3.640   -12.945 1.00 15.16 ? 63  TYR A N   1 
ATOM   504  C CA  . TYR A 1 63  ? -2.973  2.301   -13.453 1.00 17.44 ? 63  TYR A CA  1 
ATOM   505  C C   . TYR A 1 63  ? -3.504  1.136   -12.644 1.00 16.10 ? 63  TYR A C   1 
ATOM   506  O O   . TYR A 1 63  ? -3.599  0.042   -13.252 1.00 15.57 ? 63  TYR A O   1 
ATOM   507  C CB  . TYR A 1 63  ? -1.414  2.119   -13.512 1.00 23.36 ? 63  TYR A CB  1 
ATOM   508  C CG  . TYR A 1 63  ? -0.948  0.977   -14.381 1.00 28.35 ? 63  TYR A CG  1 
ATOM   509  C CD1 . TYR A 1 63  ? -0.988  1.044   -15.790 1.00 30.00 ? 63  TYR A CD1 1 
ATOM   510  C CD2 . TYR A 1 63  ? -0.435  -0.176  -13.785 1.00 30.72 ? 63  TYR A CD2 1 
ATOM   511  C CE1 . TYR A 1 63  ? -0.524  0.000   -16.592 1.00 30.90 ? 63  TYR A CE1 1 
ATOM   512  C CE2 . TYR A 1 63  ? 0.061   -1.228  -14.562 1.00 31.83 ? 63  TYR A CE2 1 
ATOM   513  C CZ  . TYR A 1 63  ? -0.009  -1.134  -15.958 1.00 32.61 ? 63  TYR A CZ  1 
ATOM   514  O OH  . TYR A 1 63  ? 0.451   -2.225  -16.657 1.00 34.30 ? 63  TYR A OH  1 
ATOM   515  N N   . TRP A 1 64  ? -3.817  1.372   -11.365 1.00 14.87 ? 64  TRP A N   1 
ATOM   516  C CA  . TRP A 1 64  ? -4.230  0.214   -10.521 1.00 13.45 ? 64  TRP A CA  1 
ATOM   517  C C   . TRP A 1 64  ? -5.653  -0.018  -10.157 1.00 13.01 ? 64  TRP A C   1 
ATOM   518  O O   . TRP A 1 64  ? -6.098  -1.180  -10.023 1.00 11.65 ? 64  TRP A O   1 
ATOM   519  C CB  . TRP A 1 64  ? -3.350  0.323   -9.242  1.00 12.68 ? 64  TRP A CB  1 
ATOM   520  C CG  . TRP A 1 64  ? -1.912  0.437   -9.574  1.00 12.79 ? 64  TRP A CG  1 
ATOM   521  C CD1 . TRP A 1 64  ? -1.105  1.537   -9.473  1.00 12.93 ? 64  TRP A CD1 1 
ATOM   522  C CD2 . TRP A 1 64  ? -1.141  -0.611  -10.211 1.00 14.32 ? 64  TRP A CD2 1 
ATOM   523  N NE1 . TRP A 1 64  ? 0.144   1.192   -9.951  1.00 15.18 ? 64  TRP A NE1 1 
ATOM   524  C CE2 . TRP A 1 64  ? 0.148   -0.115  -10.390 1.00 13.61 ? 64  TRP A CE2 1 
ATOM   525  C CE3 . TRP A 1 64  ? -1.431  -1.940  -10.560 1.00 13.77 ? 64  TRP A CE3 1 
ATOM   526  C CZ2 . TRP A 1 64  ? 1.178   -0.888  -10.903 1.00 15.47 ? 64  TRP A CZ2 1 
ATOM   527  C CZ3 . TRP A 1 64  ? -0.396  -2.695  -11.090 1.00 15.49 ? 64  TRP A CZ3 1 
ATOM   528  C CH2 . TRP A 1 64  ? 0.894   -2.194  -11.282 1.00 14.46 ? 64  TRP A CH2 1 
ATOM   529  N N   . CYS A 1 65  ? -6.400  1.054   -9.909  1.00 13.85 ? 65  CYS A N   1 
ATOM   530  C CA  . CYS A 1 65  ? -7.844  0.917   -9.522  1.00 12.99 ? 65  CYS A CA  1 
ATOM   531  C C   . CYS A 1 65  ? -8.629  1.892   -10.388 1.00 12.83 ? 65  CYS A C   1 
ATOM   532  O O   . CYS A 1 65  ? -8.023  2.893   -10.840 1.00 15.02 ? 65  CYS A O   1 
ATOM   533  C CB  . CYS A 1 65  ? -7.999  1.138   -8.004  1.00 8.90  ? 65  CYS A CB  1 
ATOM   534  S SG  . CYS A 1 65  ? -7.722  2.794   -7.338  1.00 11.45 ? 65  CYS A SG  1 
ATOM   535  N N   . ASN A 1 66  ? -9.896  1.695   -10.588 1.00 12.68 ? 66  ASN A N   1 
ATOM   536  C CA  . ASN A 1 66  ? -10.715 2.598   -11.404 1.00 12.70 ? 66  ASN A CA  1 
ATOM   537  C C   . ASN A 1 66  ? -11.565 3.509   -10.525 1.00 12.20 ? 66  ASN A C   1 
ATOM   538  O O   . ASN A 1 66  ? -12.268 2.975   -9.653  1.00 9.63  ? 66  ASN A O   1 
ATOM   539  C CB  . ASN A 1 66  ? -11.660 1.764   -12.329 1.00 15.94 ? 66  ASN A CB  1 
ATOM   540  C CG  . ASN A 1 66  ? -12.584 2.688   -13.092 1.00 18.83 ? 66  ASN A CG  1 
ATOM   541  O OD1 . ASN A 1 66  ? -12.090 3.639   -13.744 1.00 21.78 ? 66  ASN A OD1 1 
ATOM   542  N ND2 . ASN A 1 66  ? -13.883 2.488   -13.033 1.00 21.33 ? 66  ASN A ND2 1 
ATOM   543  N N   . ASP A 1 67  ? -11.517 4.794   -10.790 1.00 12.14 ? 67  ASP A N   1 
ATOM   544  C CA  . ASP A 1 67  ? -12.343 5.781   -10.043 1.00 13.20 ? 67  ASP A CA  1 
ATOM   545  C C   . ASP A 1 67  ? -13.136 6.639   -11.051 1.00 13.82 ? 67  ASP A C   1 
ATOM   546  O O   . ASP A 1 67  ? -13.816 7.614   -10.653 1.00 14.02 ? 67  ASP A O   1 
ATOM   547  C CB  . ASP A 1 67  ? -11.532 6.543   -9.020  1.00 12.73 ? 67  ASP A CB  1 
ATOM   548  C CG  . ASP A 1 67  ? -10.599 7.629   -9.568  1.00 15.55 ? 67  ASP A CG  1 
ATOM   549  O OD1 . ASP A 1 67  ? -10.463 7.787   -10.805 1.00 13.45 ? 67  ASP A OD1 1 
ATOM   550  O OD2 . ASP A 1 67  ? -10.000 8.292   -8.693  1.00 12.76 ? 67  ASP A OD2 1 
ATOM   551  N N   . GLY A 1 68  ? -13.021 6.359   -12.348 1.00 14.32 ? 68  GLY A N   1 
ATOM   552  C CA  . GLY A 1 68  ? -13.752 7.085   -13.370 1.00 16.25 ? 68  GLY A CA  1 
ATOM   553  C C   . GLY A 1 68  ? -13.367 8.504   -13.697 1.00 17.53 ? 68  GLY A C   1 
ATOM   554  O O   . GLY A 1 68  ? -13.489 8.907   -14.886 1.00 19.81 ? 68  GLY A O   1 
ATOM   555  N N   . LYS A 1 69  ? -12.877 9.292   -12.770 1.00 17.01 ? 69  LYS A N   1 
ATOM   556  C CA  . LYS A 1 69  ? -12.528 10.688  -12.970 1.00 17.29 ? 69  LYS A CA  1 
ATOM   557  C C   . LYS A 1 69  ? -11.060 10.903  -13.322 1.00 18.22 ? 69  LYS A C   1 
ATOM   558  O O   . LYS A 1 69  ? -10.724 12.044  -13.749 1.00 19.29 ? 69  LYS A O   1 
ATOM   559  C CB  . LYS A 1 69  ? -12.975 11.587  -11.821 1.00 17.68 ? 69  LYS A CB  1 
ATOM   560  C CG  . LYS A 1 69  ? -12.294 11.275  -10.515 1.00 19.34 ? 69  LYS A CG  1 
ATOM   561  C CD  . LYS A 1 69  ? -12.644 12.215  -9.369  1.00 21.85 ? 69  LYS A CD  1 
ATOM   562  C CE  . LYS A 1 69  ? -11.810 11.727  -8.180  1.00 22.80 ? 69  LYS A CE  1 
ATOM   563  N NZ  . LYS A 1 69  ? -12.530 11.994  -6.900  1.00 28.57 ? 69  LYS A NZ  1 
ATOM   564  N N   . THR A 1 70  ? -10.236 9.873   -13.272 1.00 17.29 ? 70  THR A N   1 
ATOM   565  C CA  . THR A 1 70  ? -8.831  10.045  -13.666 1.00 17.39 ? 70  THR A CA  1 
ATOM   566  C C   . THR A 1 70  ? -8.653  9.962   -15.177 1.00 19.45 ? 70  THR A C   1 
ATOM   567  O O   . THR A 1 70  ? -9.000  8.964   -15.838 1.00 19.06 ? 70  THR A O   1 
ATOM   568  C CB  . THR A 1 70  ? -7.953  8.984   -12.902 1.00 15.28 ? 70  THR A CB  1 
ATOM   569  O OG1 . THR A 1 70  ? -8.211  9.133   -11.473 1.00 13.56 ? 70  THR A OG1 1 
ATOM   570  C CG2 . THR A 1 70  ? -6.480  9.132   -13.289 1.00 15.41 ? 70  THR A CG2 1 
ATOM   571  N N   . PRO A 1 71  ? -8.044  11.001  -15.771 1.00 22.77 ? 71  PRO A N   1 
ATOM   572  C CA  . PRO A 1 71  ? -7.800  11.029  -17.227 1.00 24.38 ? 71  PRO A CA  1 
ATOM   573  C C   . PRO A 1 71  ? -6.727  10.038  -17.592 1.00 27.12 ? 71  PRO A C   1 
ATOM   574  O O   . PRO A 1 71  ? -5.833  9.835   -16.758 1.00 28.12 ? 71  PRO A O   1 
ATOM   575  C CB  . PRO A 1 71  ? -7.342  12.457  -17.526 1.00 23.36 ? 71  PRO A CB  1 
ATOM   576  C CG  . PRO A 1 71  ? -6.773  12.941  -16.245 1.00 24.06 ? 71  PRO A CG  1 
ATOM   577  C CD  . PRO A 1 71  ? -7.553  12.226  -15.108 1.00 22.36 ? 71  PRO A CD  1 
ATOM   578  N N   . GLY A 1 72  ? -6.777  9.451   -18.744 1.00 31.33 ? 72  GLY A N   1 
ATOM   579  C CA  . GLY A 1 72  ? -5.733  8.516   -19.191 1.00 37.37 ? 72  GLY A CA  1 
ATOM   580  C C   . GLY A 1 72  ? -5.550  7.262   -18.376 1.00 41.62 ? 72  GLY A C   1 
ATOM   581  O O   . GLY A 1 72  ? -4.494  6.595   -18.394 1.00 42.39 ? 72  GLY A O   1 
ATOM   582  N N   . ALA A 1 73  ? -6.606  6.922   -17.662 1.00 44.59 ? 73  ALA A N   1 
ATOM   583  C CA  . ALA A 1 73  ? -6.650  5.695   -16.850 1.00 48.18 ? 73  ALA A CA  1 
ATOM   584  C C   . ALA A 1 73  ? -7.415  4.721   -17.769 1.00 50.78 ? 73  ALA A C   1 
ATOM   585  O O   . ALA A 1 73  ? -7.914  3.684   -17.357 1.00 51.24 ? 73  ALA A O   1 
ATOM   586  C CB  . ALA A 1 73  ? -7.367  5.940   -15.545 1.00 48.28 ? 73  ALA A CB  1 
ATOM   587  N N   . VAL A 1 74  ? -7.510  5.173   -18.993 1.00 53.28 ? 74  VAL A N   1 
ATOM   588  C CA  . VAL A 1 74  ? -8.140  4.582   -20.169 1.00 55.78 ? 74  VAL A CA  1 
ATOM   589  C C   . VAL A 1 74  ? -8.460  3.117   -19.908 1.00 56.86 ? 74  VAL A C   1 
ATOM   590  O O   . VAL A 1 74  ? -7.710  2.234   -20.389 1.00 57.11 ? 74  VAL A O   1 
ATOM   591  C CB  . VAL A 1 74  ? -7.165  4.777   -21.363 1.00 56.69 ? 74  VAL A CB  1 
ATOM   592  C CG1 . VAL A 1 74  ? -7.067  6.265   -21.757 1.00 57.80 ? 74  VAL A CG1 1 
ATOM   593  C CG2 . VAL A 1 74  ? -5.793  4.175   -21.133 1.00 56.35 ? 74  VAL A CG2 1 
ATOM   594  N N   . ASN A 1 75  ? -9.520  2.943   -19.133 1.00 57.50 ? 75  ASN A N   1 
ATOM   595  C CA  . ASN A 1 75  ? -9.956  1.585   -18.707 1.00 57.77 ? 75  ASN A CA  1 
ATOM   596  C C   . ASN A 1 75  ? -8.729  0.867   -18.137 1.00 57.15 ? 75  ASN A C   1 
ATOM   597  O O   . ASN A 1 75  ? -7.583  1.354   -18.034 1.00 57.50 ? 75  ASN A O   1 
ATOM   598  C CB  . ASN A 1 75  ? -10.707 0.820   -19.785 1.00 58.62 ? 75  ASN A CB  1 
ATOM   599  C CG  . ASN A 1 75  ? -11.346 -0.468  -19.282 1.00 59.29 ? 75  ASN A CG  1 
ATOM   600  O OD1 . ASN A 1 75  ? -11.245 -1.543  -19.903 1.00 59.07 ? 75  ASN A OD1 1 
ATOM   601  N ND2 . ASN A 1 75  ? -11.987 -0.358  -18.117 1.00 59.69 ? 75  ASN A ND2 1 
ATOM   602  N N   . ALA A 1 76  ? -8.947  -0.368  -17.742 1.00 56.44 ? 76  ALA A N   1 
ATOM   603  C CA  . ALA A 1 76  ? -7.870  -1.200  -17.175 1.00 55.37 ? 76  ALA A CA  1 
ATOM   604  C C   . ALA A 1 76  ? -7.730  -0.920  -15.673 1.00 53.93 ? 76  ALA A C   1 
ATOM   605  O O   . ALA A 1 76  ? -7.436  0.159   -15.128 1.00 54.04 ? 76  ALA A O   1 
ATOM   606  C CB  . ALA A 1 76  ? -6.578  -1.034  -17.959 1.00 55.26 ? 76  ALA A CB  1 
ATOM   607  N N   . ALA A 1 77  ? -8.003  -2.036  -15.011 1.00 51.34 ? 77  ALA A N   1 
ATOM   608  C CA  . ALA A 1 77  ? -7.997  -2.245  -13.575 1.00 47.14 ? 77  ALA A CA  1 
ATOM   609  C C   . ALA A 1 77  ? -9.152  -3.209  -13.288 1.00 43.58 ? 77  ALA A C   1 
ATOM   610  O O   . ALA A 1 77  ? -8.912  -4.402  -13.032 1.00 45.44 ? 77  ALA A O   1 
ATOM   611  C CB  . ALA A 1 77  ? -8.080  -0.995  -12.726 1.00 46.76 ? 77  ALA A CB  1 
ATOM   612  N N   . HIS A 1 78  ? -10.342 -2.700  -13.378 1.00 39.03 ? 78  HIS A N   1 
ATOM   613  C CA  . HIS A 1 78  ? -11.496 -3.573  -13.051 1.00 35.07 ? 78  HIS A CA  1 
ATOM   614  C C   . HIS A 1 78  ? -11.686 -3.415  -11.524 1.00 30.87 ? 78  HIS A C   1 
ATOM   615  O O   . HIS A 1 78  ? -12.909 -3.344  -11.172 1.00 32.40 ? 78  HIS A O   1 
ATOM   616  C CB  . HIS A 1 78  ? -11.660 -4.911  -13.652 1.00 37.87 ? 78  HIS A CB  1 
ATOM   617  C CG  . HIS A 1 78  ? -11.059 -5.998  -14.437 1.00 38.54 ? 78  HIS A CG  1 
ATOM   618  N ND1 . HIS A 1 78  ? -11.123 -6.126  -15.812 1.00 38.83 ? 78  HIS A ND1 1 
ATOM   619  C CD2 . HIS A 1 78  ? -10.401 -7.135  -14.057 1.00 38.71 ? 78  HIS A CD2 1 
ATOM   620  C CE1 . HIS A 1 78  ? -10.515 -7.221  -16.243 1.00 38.06 ? 78  HIS A CE1 1 
ATOM   621  N NE2 . HIS A 1 78  ? -10.056 -7.858  -15.178 1.00 38.72 ? 78  HIS A NE2 1 
ATOM   622  N N   . LEU A 1 79  ? -10.729 -3.306  -10.622 1.00 24.83 ? 79  LEU A N   1 
ATOM   623  C CA  . LEU A 1 79  ? -11.026 -3.072  -9.204  1.00 20.13 ? 79  LEU A CA  1 
ATOM   624  C C   . LEU A 1 79  ? -11.423 -1.602  -8.990  1.00 16.40 ? 79  LEU A C   1 
ATOM   625  O O   . LEU A 1 79  ? -10.663 -0.700  -9.449  1.00 13.99 ? 79  LEU A O   1 
ATOM   626  C CB  . LEU A 1 79  ? -9.819  -3.323  -8.261  1.00 19.75 ? 79  LEU A CB  1 
ATOM   627  C CG  . LEU A 1 79  ? -10.140 -3.214  -6.770  1.00 19.34 ? 79  LEU A CG  1 
ATOM   628  C CD1 . LEU A 1 79  ? -10.778 -4.466  -6.181  1.00 18.15 ? 79  LEU A CD1 1 
ATOM   629  C CD2 . LEU A 1 79  ? -8.849  -3.028  -5.956  1.00 20.49 ? 79  LEU A CD2 1 
ATOM   630  N N   . SER A 1 80  ? -12.531 -1.376  -8.331  1.00 13.32 ? 80  SER A N   1 
ATOM   631  C CA  . SER A 1 80  ? -12.990 0.000   -8.017  1.00 11.23 ? 80  SER A CA  1 
ATOM   632  C C   . SER A 1 80  ? -12.082 0.534   -6.893  1.00 11.71 ? 80  SER A C   1 
ATOM   633  O O   . SER A 1 80  ? -11.710 -0.147  -5.920  1.00 9.21  ? 80  SER A O   1 
ATOM   634  C CB  . SER A 1 80  ? -14.405 0.008   -7.481  1.00 11.67 ? 80  SER A CB  1 
ATOM   635  O OG  . SER A 1 80  ? -14.807 1.262   -6.950  1.00 14.60 ? 80  SER A OG  1 
ATOM   636  N N   . CYS A 1 81  ? -11.706 1.813   -7.018  1.00 10.95 ? 81  CYS A N   1 
ATOM   637  C CA  . CYS A 1 81  ? -10.868 2.442   -6.000  1.00 11.05 ? 81  CYS A CA  1 
ATOM   638  C C   . CYS A 1 81  ? -11.530 2.392   -4.624  1.00 11.15 ? 81  CYS A C   1 
ATOM   639  O O   . CYS A 1 81  ? -10.788 2.357   -3.623  1.00 11.88 ? 81  CYS A O   1 
ATOM   640  C CB  . CYS A 1 81  ? -10.516 3.888   -6.436  1.00 11.76 ? 81  CYS A CB  1 
ATOM   641  S SG  . CYS A 1 81  ? -9.389  3.853   -7.850  1.00 11.49 ? 81  CYS A SG  1 
ATOM   642  N N   . SER A 1 82  ? -12.850 2.417   -4.595  1.00 11.75 ? 82  SER A N   1 
ATOM   643  C CA  . SER A 1 82  ? -13.678 2.354   -3.389  1.00 11.51 ? 82  SER A CA  1 
ATOM   644  C C   . SER A 1 82  ? -13.278 1.129   -2.558  1.00 10.77 ? 82  SER A C   1 
ATOM   645  O O   . SER A 1 82  ? -13.366 1.215   -1.309  1.00 11.88 ? 82  SER A O   1 
ATOM   646  C CB  . SER A 1 82  ? -15.155 2.195   -3.798  1.00 13.31 ? 82  SER A CB  1 
ATOM   647  O OG  . SER A 1 82  ? -16.018 2.151   -2.646  1.00 17.61 ? 82  SER A OG  1 
ATOM   648  N N   . ALA A 1 83  ? -12.800 0.088   -3.215  1.00 10.65 ? 83  ALA A N   1 
ATOM   649  C CA  . ALA A 1 83  ? -12.395 -1.146  -2.517  1.00 11.18 ? 83  ALA A CA  1 
ATOM   650  C C   . ALA A 1 83  ? -11.203 -0.927  -1.606  1.00 11.80 ? 83  ALA A C   1 
ATOM   651  O O   . ALA A 1 83  ? -10.994 -1.680  -0.625  1.00 13.23 ? 83  ALA A O   1 
ATOM   652  C CB  . ALA A 1 83  ? -12.156 -2.308  -3.487  1.00 10.00 ? 83  ALA A CB  1 
ATOM   653  N N   . LEU A 1 84  ? -10.430 0.098   -1.872  1.00 12.29 ? 84  LEU A N   1 
ATOM   654  C CA  . LEU A 1 84  ? -9.249  0.433   -1.106  1.00 11.81 ? 84  LEU A CA  1 
ATOM   655  C C   . LEU A 1 84  ? -9.586  1.404   0.042   1.00 10.95 ? 84  LEU A C   1 
ATOM   656  O O   . LEU A 1 84  ? -8.591  1.891   0.623   1.00 10.61 ? 84  LEU A O   1 
ATOM   657  C CB  . LEU A 1 84  ? -8.145  1.015   -2.004  1.00 11.62 ? 84  LEU A CB  1 
ATOM   658  C CG  . LEU A 1 84  ? -7.821  0.268   -3.282  1.00 15.48 ? 84  LEU A CG  1 
ATOM   659  C CD1 . LEU A 1 84  ? -6.781  0.983   -4.139  1.00 15.41 ? 84  LEU A CD1 1 
ATOM   660  C CD2 . LEU A 1 84  ? -7.336  -1.119  -2.863  1.00 17.39 ? 84  LEU A CD2 1 
ATOM   661  N N   . LEU A 1 85  ? -10.859 1.622   0.279   1.00 10.44 ? 85  LEU A N   1 
ATOM   662  C CA  . LEU A 1 85  ? -11.169 2.529   1.407   1.00 12.17 ? 85  LEU A CA  1 
ATOM   663  C C   . LEU A 1 85  ? -11.905 1.691   2.473   1.00 12.39 ? 85  LEU A C   1 
ATOM   664  O O   . LEU A 1 85  ? -12.436 2.265   3.463   1.00 14.78 ? 85  LEU A O   1 
ATOM   665  C CB  . LEU A 1 85  ? -11.892 3.802   0.978   1.00 10.45 ? 85  LEU A CB  1 
ATOM   666  C CG  . LEU A 1 85  ? -11.174 4.708   -0.030  1.00 10.66 ? 85  LEU A CG  1 
ATOM   667  C CD1 . LEU A 1 85  ? -12.075 5.857   -0.470  1.00 11.64 ? 85  LEU A CD1 1 
ATOM   668  C CD2 . LEU A 1 85  ? -9.846  5.168   0.555   1.00 10.52 ? 85  LEU A CD2 1 
ATOM   669  N N   . GLN A 1 86  ? -11.962 0.399   2.267   1.00 12.19 ? 86  GLN A N   1 
ATOM   670  C CA  . GLN A 1 86  ? -12.642 -0.457  3.282   1.00 13.12 ? 86  GLN A CA  1 
ATOM   671  C C   . GLN A 1 86  ? -11.752 -0.643  4.517   1.00 13.90 ? 86  GLN A C   1 
ATOM   672  O O   . GLN A 1 86  ? -10.513 -0.409  4.571   1.00 13.76 ? 86  GLN A O   1 
ATOM   673  C CB  . GLN A 1 86  ? -12.950 -1.810  2.659   1.00 14.54 ? 86  GLN A CB  1 
ATOM   674  C CG  . GLN A 1 86  ? -13.793 -1.773  1.421   1.00 16.97 ? 86  GLN A CG  1 
ATOM   675  C CD  . GLN A 1 86  ? -13.949 -3.197  0.861   1.00 20.78 ? 86  GLN A CD  1 
ATOM   676  O OE1 . GLN A 1 86  ? -14.822 -3.917  1.386   1.00 24.62 ? 86  GLN A OE1 1 
ATOM   677  N NE2 . GLN A 1 86  ? -13.189 -3.615  -0.139  1.00 20.43 ? 86  GLN A NE2 1 
ATOM   678  N N   . ASP A 1 87  ? -12.423 -1.014  5.629   1.00 14.88 ? 87  ASP A N   1 
ATOM   679  C CA  . ASP A 1 87  ? -11.782 -1.307  6.916   1.00 14.26 ? 87  ASP A CA  1 
ATOM   680  C C   . ASP A 1 87  ? -11.058 -2.667  6.767   1.00 13.29 ? 87  ASP A C   1 
ATOM   681  O O   . ASP A 1 87  ? -10.034 -2.870  7.428   1.00 15.69 ? 87  ASP A O   1 
ATOM   682  C CB  . ASP A 1 87  ? -12.750 -1.341  8.091   1.00 14.64 ? 87  ASP A CB  1 
ATOM   683  C CG  . ASP A 1 87  ? -13.105 0.042   8.632   1.00 16.44 ? 87  ASP A CG  1 
ATOM   684  O OD1 . ASP A 1 87  ? -12.628 1.066   8.134   1.00 15.37 ? 87  ASP A OD1 1 
ATOM   685  O OD2 . ASP A 1 87  ? -13.868 0.071   9.652   1.00 15.95 ? 87  ASP A OD2 1 
ATOM   686  N N   . ASN A 1 88  ? -11.618 -3.563  5.985   1.00 13.46 ? 88  ASN A N   1 
ATOM   687  C CA  . ASN A 1 88  ? -11.042 -4.881  5.708   1.00 14.03 ? 88  ASN A CA  1 
ATOM   688  C C   . ASN A 1 88  ? -9.970  -4.637  4.625   1.00 12.47 ? 88  ASN A C   1 
ATOM   689  O O   . ASN A 1 88  ? -10.380 -4.174  3.543   1.00 13.78 ? 88  ASN A O   1 
ATOM   690  C CB  . ASN A 1 88  ? -12.171 -5.854  5.302   1.00 18.52 ? 88  ASN A CB  1 
ATOM   691  C CG  . ASN A 1 88  ? -11.613 -7.234  4.998   1.00 24.07 ? 88  ASN A CG  1 
ATOM   692  O OD1 . ASN A 1 88  ? -10.880 -7.461  4.029   1.00 27.10 ? 88  ASN A OD1 1 
ATOM   693  N ND2 . ASN A 1 88  ? -11.872 -8.244  5.848   1.00 26.96 ? 88  ASN A ND2 1 
ATOM   694  N N   . ILE A 1 89  ? -8.705  -4.961  4.847   1.00 10.46 ? 89  ILE A N   1 
ATOM   695  C CA  . ILE A 1 89  ? -7.654  -4.657  3.833   1.00 10.46 ? 89  ILE A CA  1 
ATOM   696  C C   . ILE A 1 89  ? -7.336  -5.757  2.849   1.00 10.42 ? 89  ILE A C   1 
ATOM   697  O O   . ILE A 1 89  ? -6.310  -5.702  2.115   1.00 9.89  ? 89  ILE A O   1 
ATOM   698  C CB  . ILE A 1 89  ? -6.353  -4.111  4.585   1.00 9.88  ? 89  ILE A CB  1 
ATOM   699  C CG1 . ILE A 1 89  ? -5.700  -5.198  5.503   1.00 10.79 ? 89  ILE A CG1 1 
ATOM   700  C CG2 . ILE A 1 89  ? -6.817  -2.880  5.388   1.00 8.81  ? 89  ILE A CG2 1 
ATOM   701  C CD1 . ILE A 1 89  ? -4.291  -4.781  6.077   1.00 12.95 ? 89  ILE A CD1 1 
ATOM   702  N N   . ALA A 1 90  ? -8.203  -6.788  2.891   1.00 11.16 ? 90  ALA A N   1 
ATOM   703  C CA  . ALA A 1 90  ? -7.911  -7.905  1.947   1.00 11.57 ? 90  ALA A CA  1 
ATOM   704  C C   . ALA A 1 90  ? -7.714  -7.473  0.510   1.00 10.72 ? 90  ALA A C   1 
ATOM   705  O O   . ALA A 1 90  ? -6.777  -7.993  -0.124  1.00 10.23 ? 90  ALA A O   1 
ATOM   706  C CB  . ALA A 1 90  ? -8.986  -8.979  2.030   1.00 12.71 ? 90  ALA A CB  1 
ATOM   707  N N   . ASP A 1 91  ? -8.578  -6.596  -0.013  1.00 11.91 ? 91  ASP A N   1 
ATOM   708  C CA  . ASP A 1 91  ? -8.473  -6.163  -1.449  1.00 11.79 ? 91  ASP A CA  1 
ATOM   709  C C   . ASP A 1 91  ? -7.232  -5.293  -1.610  1.00 10.98 ? 91  ASP A C   1 
ATOM   710  O O   . ASP A 1 91  ? -6.573  -5.421  -2.632  1.00 9.86  ? 91  ASP A O   1 
ATOM   711  C CB  . ASP A 1 91  ? -9.692  -5.360  -1.936  1.00 13.85 ? 91  ASP A CB  1 
ATOM   712  C CG  . ASP A 1 91  ? -10.953 -6.168  -1.944  1.00 16.36 ? 91  ASP A CG  1 
ATOM   713  O OD1 . ASP A 1 91  ? -10.818 -7.374  -2.268  1.00 19.16 ? 91  ASP A OD1 1 
ATOM   714  O OD2 . ASP A 1 91  ? -12.042 -5.691  -1.574  1.00 20.44 ? 91  ASP A OD2 1 
ATOM   715  N N   . ALA A 1 92  ? -6.984  -4.461  -0.558  1.00 11.23 ? 92  ALA A N   1 
ATOM   716  C CA  . ALA A 1 92  ? -5.810  -3.564  -0.684  1.00 10.70 ? 92  ALA A CA  1 
ATOM   717  C C   . ALA A 1 92  ? -4.557  -4.416  -0.761  1.00 9.91  ? 92  ALA A C   1 
ATOM   718  O O   . ALA A 1 92  ? -3.629  -4.107  -1.547  1.00 10.34 ? 92  ALA A O   1 
ATOM   719  C CB  . ALA A 1 92  ? -5.731  -2.469  0.379   1.00 10.18 ? 92  ALA A CB  1 
ATOM   720  N N   . VAL A 1 93  ? -4.524  -5.482  0.056   1.00 10.34 ? 93  VAL A N   1 
ATOM   721  C CA  . VAL A 1 93  ? -3.338  -6.366  0.006   1.00 10.26 ? 93  VAL A CA  1 
ATOM   722  C C   . VAL A 1 93  ? -3.236  -7.092  -1.342  1.00 10.53 ? 93  VAL A C   1 
ATOM   723  O O   . VAL A 1 93  ? -2.081  -7.250  -1.827  1.00 9.86  ? 93  VAL A O   1 
ATOM   724  C CB  . VAL A 1 93  ? -3.421  -7.356  1.213   1.00 10.93 ? 93  VAL A CB  1 
ATOM   725  C CG1 . VAL A 1 93  ? -2.549  -8.579  0.993   1.00 10.54 ? 93  VAL A CG1 1 
ATOM   726  C CG2 . VAL A 1 93  ? -2.984  -6.574  2.462   1.00 12.26 ? 93  VAL A CG2 1 
ATOM   727  N N   . ALA A 1 94  ? -4.350  -7.588  -1.873  1.00 9.50  ? 94  ALA A N   1 
ATOM   728  C CA  . ALA A 1 94  ? -4.324  -8.302  -3.150  1.00 10.05 ? 94  ALA A CA  1 
ATOM   729  C C   . ALA A 1 94  ? -3.735  -7.336  -4.193  1.00 9.75  ? 94  ALA A C   1 
ATOM   730  O O   . ALA A 1 94  ? -2.898  -7.733  -4.999  1.00 9.89  ? 94  ALA A O   1 
ATOM   731  C CB  . ALA A 1 94  ? -5.674  -8.842  -3.573  1.00 8.82  ? 94  ALA A CB  1 
ATOM   732  N N   . CYS A 1 95  ? -4.111  -6.095  -4.110  1.00 8.25  ? 95  CYS A N   1 
ATOM   733  C CA  . CYS A 1 95  ? -3.678  -5.041  -5.046  1.00 9.07  ? 95  CYS A CA  1 
ATOM   734  C C   . CYS A 1 95  ? -2.210  -4.727  -4.845  1.00 10.31 ? 95  CYS A C   1 
ATOM   735  O O   . CYS A 1 95  ? -1.441  -4.677  -5.859  1.00 10.04 ? 95  CYS A O   1 
ATOM   736  C CB  . CYS A 1 95  ? -4.647  -3.855  -4.924  1.00 9.63  ? 95  CYS A CB  1 
ATOM   737  S SG  . CYS A 1 95  ? -4.290  -2.593  -6.241  1.00 11.46 ? 95  CYS A SG  1 
ATOM   738  N N   . ALA A 1 96  ? -1.758  -4.486  -3.602  1.00 8.90  ? 96  ALA A N   1 
ATOM   739  C CA  . ALA A 1 96  ? -0.319  -4.210  -3.399  1.00 7.49  ? 96  ALA A CA  1 
ATOM   740  C C   . ALA A 1 96  ? 0.529   -5.364  -3.916  1.00 8.33  ? 96  ALA A C   1 
ATOM   741  O O   . ALA A 1 96  ? 1.666   -5.123  -4.405  1.00 6.74  ? 96  ALA A O   1 
ATOM   742  C CB  . ALA A 1 96  ? -0.028  -3.936  -1.923  1.00 10.59 ? 96  ALA A CB  1 
ATOM   743  N N   . LYS A 1 97  ? 0.070   -6.632  -3.798  1.00 7.56  ? 97  LYS A N   1 
ATOM   744  C CA  . LYS A 1 97  ? 0.884   -7.760  -4.311  1.00 6.03  ? 97  LYS A CA  1 
ATOM   745  C C   . LYS A 1 97  ? 0.918   -7.635  -5.853  1.00 8.71  ? 97  LYS A C   1 
ATOM   746  O O   . LYS A 1 97  ? 1.998   -7.895  -6.431  1.00 9.69  ? 97  LYS A O   1 
ATOM   747  C CB  . LYS A 1 97  ? 0.237   -9.094  -3.950  1.00 9.60  ? 97  LYS A CB  1 
ATOM   748  C CG  . LYS A 1 97  ? 0.373   -9.473  -2.427  1.00 6.75  ? 97  LYS A CG  1 
ATOM   749  C CD  . LYS A 1 97  ? -0.416  -10.828 -2.199  1.00 9.77  ? 97  LYS A CD  1 
ATOM   750  C CE  . LYS A 1 97  ? -0.434  -11.109 -0.700  1.00 10.16 ? 97  LYS A CE  1 
ATOM   751  N NZ  . LYS A 1 97  ? -1.083  -12.388 -0.427  1.00 9.90  ? 97  LYS A NZ  1 
ATOM   752  N N   . ARG A 1 98  ? -0.186  -7.206  -6.477  1.00 9.21  ? 98  ARG A N   1 
ATOM   753  C CA  . ARG A 1 98  ? -0.191  -7.030  -7.950  1.00 9.62  ? 98  ARG A CA  1 
ATOM   754  C C   . ARG A 1 98  ? 0.888   -6.022  -8.321  1.00 9.99  ? 98  ARG A C   1 
ATOM   755  O O   . ARG A 1 98  ? 1.681   -6.224  -9.285  1.00 11.77 ? 98  ARG A O   1 
ATOM   756  C CB  . ARG A 1 98  ? -1.542  -6.575  -8.528  1.00 11.85 ? 98  ARG A CB  1 
ATOM   757  C CG  . ARG A 1 98  ? -1.595  -6.225  -10.013 1.00 10.23 ? 98  ARG A CG  1 
ATOM   758  C CD  . ARG A 1 98  ? -1.173  -7.359  -10.914 1.00 14.26 ? 98  ARG A CD  1 
ATOM   759  N NE  . ARG A 1 98  ? -1.023  -6.916  -12.319 1.00 17.69 ? 98  ARG A NE  1 
ATOM   760  C CZ  . ARG A 1 98  ? 0.024   -6.268  -12.813 1.00 19.13 ? 98  ARG A CZ  1 
ATOM   761  N NH1 . ARG A 1 98  ? 1.123   -5.959  -12.098 1.00 20.07 ? 98  ARG A NH1 1 
ATOM   762  N NH2 . ARG A 1 98  ? 0.050   -5.886  -14.095 1.00 20.71 ? 98  ARG A NH2 1 
ATOM   763  N N   . VAL A 1 99  ? 0.905   -4.895  -7.596  1.00 9.36  ? 99  VAL A N   1 
ATOM   764  C CA  . VAL A 1 99  ? 1.872   -3.838  -7.922  1.00 11.76 ? 99  VAL A CA  1 
ATOM   765  C C   . VAL A 1 99  ? 3.291   -4.317  -7.933  1.00 12.52 ? 99  VAL A C   1 
ATOM   766  O O   . VAL A 1 99  ? 4.056   -3.954  -8.871  1.00 15.39 ? 99  VAL A O   1 
ATOM   767  C CB  . VAL A 1 99  ? 1.700   -2.669  -6.926  1.00 12.53 ? 99  VAL A CB  1 
ATOM   768  C CG1 . VAL A 1 99  ? 2.814   -1.599  -7.057  1.00 13.88 ? 99  VAL A CG1 1 
ATOM   769  C CG2 . VAL A 1 99  ? 0.317   -2.067  -7.061  1.00 12.46 ? 99  VAL A CG2 1 
ATOM   770  N N   . VAL A 1 100 ? 3.729   -5.076  -6.950  1.00 11.71 ? 100 VAL A N   1 
ATOM   771  C CA  . VAL A 1 100 ? 5.114   -5.545  -6.825  1.00 11.05 ? 100 VAL A CA  1 
ATOM   772  C C   . VAL A 1 100 ? 5.428   -6.701  -7.767  1.00 12.44 ? 100 VAL A C   1 
ATOM   773  O O   . VAL A 1 100 ? 6.601   -7.124  -7.860  1.00 12.30 ? 100 VAL A O   1 
ATOM   774  C CB  . VAL A 1 100 ? 5.504   -5.732  -5.330  1.00 7.89  ? 100 VAL A CB  1 
ATOM   775  C CG1 . VAL A 1 100 ? 5.377   -4.449  -4.555  1.00 7.58  ? 100 VAL A CG1 1 
ATOM   776  C CG2 . VAL A 1 100 ? 4.735   -6.913  -4.737  1.00 8.54  ? 100 VAL A CG2 1 
ATOM   777  N N   . ARG A 1 101 ? 4.421   -7.230  -8.440  1.00 13.08 ? 101 ARG A N   1 
ATOM   778  C CA  . ARG A 1 101 ? 4.716   -8.287  -9.441  1.00 15.19 ? 101 ARG A CA  1 
ATOM   779  C C   . ARG A 1 101 ? 5.437   -7.632  -10.621 1.00 17.09 ? 101 ARG A C   1 
ATOM   780  O O   . ARG A 1 101 ? 6.127   -8.380  -11.379 1.00 19.59 ? 101 ARG A O   1 
ATOM   781  C CB  . ARG A 1 101 ? 3.501   -9.089  -9.807  1.00 16.03 ? 101 ARG A CB  1 
ATOM   782  C CG  . ARG A 1 101 ? 3.134   -10.077 -8.698  1.00 17.77 ? 101 ARG A CG  1 
ATOM   783  C CD  . ARG A 1 101 ? 2.342   -11.276 -9.116  1.00 18.94 ? 101 ARG A CD  1 
ATOM   784  N NE  . ARG A 1 101 ? 0.999   -10.987 -9.584  1.00 17.89 ? 101 ARG A NE  1 
ATOM   785  C CZ  . ARG A 1 101 ? -0.029  -10.724 -8.762  1.00 18.85 ? 101 ARG A CZ  1 
ATOM   786  N NH1 . ARG A 1 101 ? 0.043   -10.752 -7.441  1.00 17.34 ? 101 ARG A NH1 1 
ATOM   787  N NH2 . ARG A 1 101 ? -1.163  -10.349 -9.370  1.00 18.35 ? 101 ARG A NH2 1 
ATOM   788  N N   . ASP A 1 102 ? 5.376   -6.332  -10.813 1.00 15.90 ? 102 ASP A N   1 
ATOM   789  C CA  . ASP A 1 102 ? 6.081   -5.579  -11.871 1.00 17.26 ? 102 ASP A CA  1 
ATOM   790  C C   . ASP A 1 102 ? 7.550   -5.477  -11.499 1.00 16.47 ? 102 ASP A C   1 
ATOM   791  O O   . ASP A 1 102 ? 7.842   -5.577  -10.300 1.00 17.53 ? 102 ASP A O   1 
ATOM   792  C CB  . ASP A 1 102 ? 5.439   -4.200  -12.039 1.00 19.10 ? 102 ASP A CB  1 
ATOM   793  C CG  . ASP A 1 102 ? 4.250   -4.174  -12.961 1.00 23.28 ? 102 ASP A CG  1 
ATOM   794  O OD1 . ASP A 1 102 ? 3.678   -5.247  -13.314 1.00 24.72 ? 102 ASP A OD1 1 
ATOM   795  O OD2 . ASP A 1 102 ? 3.888   -3.031  -13.351 1.00 26.29 ? 102 ASP A OD2 1 
ATOM   796  N N   . PRO A 1 103 ? 8.448   -5.234  -12.421 1.00 17.35 ? 103 PRO A N   1 
ATOM   797  C CA  . PRO A 1 103 ? 9.892   -5.176  -12.181 1.00 19.16 ? 103 PRO A CA  1 
ATOM   798  C C   . PRO A 1 103 ? 10.396  -4.296  -11.057 1.00 19.36 ? 103 PRO A C   1 
ATOM   799  O O   . PRO A 1 103 ? 11.278  -4.808  -10.308 1.00 21.06 ? 103 PRO A O   1 
ATOM   800  C CB  . PRO A 1 103 ? 10.565  -4.897  -13.521 1.00 19.15 ? 103 PRO A CB  1 
ATOM   801  C CG  . PRO A 1 103 ? 9.469   -4.967  -14.553 1.00 19.17 ? 103 PRO A CG  1 
ATOM   802  C CD  . PRO A 1 103 ? 8.135   -5.120  -13.860 1.00 18.36 ? 103 PRO A CD  1 
ATOM   803  N N   . GLN A 1 104 ? 9.889   -3.101  -10.909 1.00 19.42 ? 104 GLN A N   1 
ATOM   804  C CA  . GLN A 1 104 ? 10.220  -2.132  -9.852  1.00 20.06 ? 104 GLN A CA  1 
ATOM   805  C C   . GLN A 1 104 ? 10.047  -2.686  -8.430  1.00 17.89 ? 104 GLN A C   1 
ATOM   806  O O   . GLN A 1 104 ? 10.695  -2.232  -7.472  1.00 17.17 ? 104 GLN A O   1 
ATOM   807  C CB  . GLN A 1 104 ? 9.339   -0.871  -9.943  1.00 21.72 ? 104 GLN A CB  1 
ATOM   808  C CG  . GLN A 1 104 ? 9.899   0.143   -10.926 1.00 28.92 ? 104 GLN A CG  1 
ATOM   809  C CD  . GLN A 1 104 ? 9.222   1.488   -10.686 1.00 31.43 ? 104 GLN A CD  1 
ATOM   810  O OE1 . GLN A 1 104 ? 8.058   1.671   -11.020 1.00 34.42 ? 104 GLN A OE1 1 
ATOM   811  N NE2 . GLN A 1 104 ? 9.965   2.401   -10.060 1.00 34.19 ? 104 GLN A NE2 1 
ATOM   812  N N   . GLY A 1 105 ? 9.144   -3.649  -8.311  1.00 17.17 ? 105 GLY A N   1 
ATOM   813  C CA  . GLY A 1 105 ? 8.919   -4.256  -6.958  1.00 15.02 ? 105 GLY A CA  1 
ATOM   814  C C   . GLY A 1 105 ? 8.459   -3.124  -6.033  1.00 14.51 ? 105 GLY A C   1 
ATOM   815  O O   . GLY A 1 105 ? 7.709   -2.262  -6.469  1.00 14.51 ? 105 GLY A O   1 
ATOM   816  N N   . ILE A 1 106 ? 8.878   -3.168  -4.802  1.00 15.22 ? 106 ILE A N   1 
ATOM   817  C CA  . ILE A 1 106 ? 8.471   -2.164  -3.761  1.00 16.36 ? 106 ILE A CA  1 
ATOM   818  C C   . ILE A 1 106 ? 8.929   -0.762  -4.141  1.00 16.11 ? 106 ILE A C   1 
ATOM   819  O O   . ILE A 1 106 ? 8.381   0.231   -3.621  1.00 15.92 ? 106 ILE A O   1 
ATOM   820  C CB  . ILE A 1 106 ? 9.070   -2.691  -2.403  1.00 17.91 ? 106 ILE A CB  1 
ATOM   821  C CG1 . ILE A 1 106 ? 8.541   -1.936  -1.169  1.00 19.82 ? 106 ILE A CG1 1 
ATOM   822  C CG2 . ILE A 1 106 ? 10.628  -2.657  -2.413  1.00 18.10 ? 106 ILE A CG2 1 
ATOM   823  C CD1 . ILE A 1 106 ? 7.213   -2.340  -0.510  1.00 18.79 ? 106 ILE A CD1 1 
ATOM   824  N N   . ARG A 1 107 ? 9.922   -0.677  -5.036  1.00 15.34 ? 107 ARG A N   1 
ATOM   825  C CA  . ARG A 1 107 ? 10.455  0.641   -5.480  1.00 15.47 ? 107 ARG A CA  1 
ATOM   826  C C   . ARG A 1 107 ? 9.457   1.493   -6.208  1.00 14.68 ? 107 ARG A C   1 
ATOM   827  O O   . ARG A 1 107 ? 9.700   2.673   -6.455  1.00 14.04 ? 107 ARG A O   1 
ATOM   828  C CB  . ARG A 1 107 ? 11.714  0.486   -6.360  1.00 16.30 ? 107 ARG A CB  1 
ATOM   829  C CG  . ARG A 1 107 ? 12.968  0.309   -5.473  1.00 20.59 ? 107 ARG A CG  1 
ATOM   830  C CD  . ARG A 1 107 ? 14.112  -0.271  -6.251  1.00 24.83 ? 107 ARG A CD  1 
ATOM   831  N NE  . ARG A 1 107 ? 15.258  -0.529  -5.433  1.00 27.34 ? 107 ARG A NE  1 
ATOM   832  C CZ  . ARG A 1 107 ? 15.526  -1.426  -4.506  1.00 29.33 ? 107 ARG A CZ  1 
ATOM   833  N NH1 . ARG A 1 107 ? 14.700  -2.451  -4.223  1.00 29.08 ? 107 ARG A NH1 1 
ATOM   834  N NH2 . ARG A 1 107 ? 16.692  -1.279  -3.829  1.00 28.15 ? 107 ARG A NH2 1 
ATOM   835  N N   . ALA A 1 108 ? 8.310   0.937   -6.513  1.00 16.06 ? 108 ALA A N   1 
ATOM   836  C CA  . ALA A 1 108 ? 7.262   1.700   -7.227  1.00 15.39 ? 108 ALA A CA  1 
ATOM   837  C C   . ALA A 1 108 ? 6.724   2.828   -6.397  1.00 15.03 ? 108 ALA A C   1 
ATOM   838  O O   . ALA A 1 108 ? 6.124   3.803   -6.894  1.00 17.35 ? 108 ALA A O   1 
ATOM   839  C CB  . ALA A 1 108 ? 6.192   0.700   -7.652  1.00 16.00 ? 108 ALA A CB  1 
ATOM   840  N N   . TRP A 1 109 ? 6.893   2.759   -5.098  1.00 13.82 ? 109 TRP A N   1 
ATOM   841  C CA  . TRP A 1 109 ? 6.412   3.826   -4.190  1.00 13.44 ? 109 TRP A CA  1 
ATOM   842  C C   . TRP A 1 109 ? 7.642   4.655   -3.854  1.00 13.87 ? 109 TRP A C   1 
ATOM   843  O O   . TRP A 1 109 ? 8.609   4.177   -3.234  1.00 11.30 ? 109 TRP A O   1 
ATOM   844  C CB  . TRP A 1 109 ? 5.789   3.235   -2.947  1.00 11.87 ? 109 TRP A CB  1 
ATOM   845  C CG  . TRP A 1 109 ? 4.452   2.620   -3.000  1.00 10.63 ? 109 TRP A CG  1 
ATOM   846  C CD1 . TRP A 1 109 ? 3.257   3.270   -2.888  1.00 11.80 ? 109 TRP A CD1 1 
ATOM   847  C CD2 . TRP A 1 109 ? 4.147   1.217   -3.145  1.00 12.48 ? 109 TRP A CD2 1 
ATOM   848  N NE1 . TRP A 1 109 ? 2.237   2.349   -2.948  1.00 13.28 ? 109 TRP A NE1 1 
ATOM   849  C CE2 . TRP A 1 109 ? 2.741   1.098   -3.101  1.00 13.56 ? 109 TRP A CE2 1 
ATOM   850  C CE3 . TRP A 1 109 ? 4.951   0.084   -3.304  1.00 11.65 ? 109 TRP A CE3 1 
ATOM   851  C CZ2 . TRP A 1 109 ? 2.080   -0.134  -3.186  1.00 12.65 ? 109 TRP A CZ2 1 
ATOM   852  C CZ3 . TRP A 1 109 ? 4.288   -1.139  -3.367  1.00 13.62 ? 109 TRP A CZ3 1 
ATOM   853  C CH2 . TRP A 1 109 ? 2.892   -1.255  -3.345  1.00 14.61 ? 109 TRP A CH2 1 
ATOM   854  N N   . VAL A 1 110 ? 7.591   5.927   -4.259  1.00 14.60 ? 110 VAL A N   1 
ATOM   855  C CA  . VAL A 1 110 ? 8.768   6.776   -3.966  1.00 15.45 ? 110 VAL A CA  1 
ATOM   856  C C   . VAL A 1 110 ? 8.935   6.955   -2.479  1.00 13.32 ? 110 VAL A C   1 
ATOM   857  O O   . VAL A 1 110 ? 10.099  7.111   -2.082  1.00 12.58 ? 110 VAL A O   1 
ATOM   858  C CB  . VAL A 1 110 ? 8.688   8.105   -4.791  1.00 18.71 ? 110 VAL A CB  1 
ATOM   859  C CG1 . VAL A 1 110 ? 7.363   8.787   -4.539  1.00 21.09 ? 110 VAL A CG1 1 
ATOM   860  C CG2 . VAL A 1 110 ? 9.866   9.002   -4.394  1.00 19.98 ? 110 VAL A CG2 1 
ATOM   861  N N   . ALA A 1 111 ? 7.886   6.900   -1.672  1.00 13.46 ? 111 ALA A N   1 
ATOM   862  C CA  . ALA A 1 111 ? 8.023   7.020   -0.212  1.00 13.65 ? 111 ALA A CA  1 
ATOM   863  C C   . ALA A 1 111 ? 8.897   5.898   0.333   1.00 12.65 ? 111 ALA A C   1 
ATOM   864  O O   . ALA A 1 111 ? 9.615   6.156   1.332   1.00 12.82 ? 111 ALA A O   1 
ATOM   865  C CB  . ALA A 1 111 ? 6.690   7.165   0.541   1.00 10.51 ? 111 ALA A CB  1 
ATOM   866  N N   . TRP A 1 112 ? 8.830   4.697   -0.230  1.00 13.33 ? 112 TRP A N   1 
ATOM   867  C CA  . TRP A 1 112 ? 9.643   3.522   0.215   1.00 12.11 ? 112 TRP A CA  1 
ATOM   868  C C   . TRP A 1 112 ? 11.139  3.805   0.079   1.00 12.21 ? 112 TRP A C   1 
ATOM   869  O O   . TRP A 1 112 ? 12.041  3.662   0.917   1.00 11.83 ? 112 TRP A O   1 
ATOM   870  C CB  . TRP A 1 112 ? 9.174   2.188   -0.462  1.00 12.15 ? 112 TRP A CB  1 
ATOM   871  C CG  . TRP A 1 112 ? 9.975   1.070   0.138   1.00 13.67 ? 112 TRP A CG  1 
ATOM   872  C CD1 . TRP A 1 112 ? 9.710   0.387   1.305   1.00 14.75 ? 112 TRP A CD1 1 
ATOM   873  C CD2 . TRP A 1 112 ? 11.235  0.547   -0.333  1.00 15.12 ? 112 TRP A CD2 1 
ATOM   874  N NE1 . TRP A 1 112 ? 10.682  -0.506  1.595   1.00 15.59 ? 112 TRP A NE1 1 
ATOM   875  C CE2 . TRP A 1 112 ? 11.638  -0.475  0.600   1.00 15.74 ? 112 TRP A CE2 1 
ATOM   876  C CE3 . TRP A 1 112 ? 12.043  0.817   -1.411  1.00 13.59 ? 112 TRP A CE3 1 
ATOM   877  C CZ2 . TRP A 1 112 ? 12.821  -1.159  0.458   1.00 16.17 ? 112 TRP A CZ2 1 
ATOM   878  C CZ3 . TRP A 1 112 ? 13.222  0.109   -1.568  1.00 14.46 ? 112 TRP A CZ3 1 
ATOM   879  C CH2 . TRP A 1 112 ? 13.586  -0.890  -0.662  1.00 15.05 ? 112 TRP A CH2 1 
ATOM   880  N N   . ARG A 1 113 ? 11.472  4.412   -1.055  1.00 14.08 ? 113 ARG A N   1 
ATOM   881  C CA  . ARG A 1 113 ? 12.847  4.812   -1.375  1.00 15.11 ? 113 ARG A CA  1 
ATOM   882  C C   . ARG A 1 113 ? 13.358  5.918   -0.445  1.00 13.81 ? 113 ARG A C   1 
ATOM   883  O O   . ARG A 1 113 ? 14.507  5.785   -0.054  1.00 14.77 ? 113 ARG A O   1 
ATOM   884  C CB  . ARG A 1 113 ? 12.926  5.393   -2.793  1.00 18.11 ? 113 ARG A CB  1 
ATOM   885  C CG  . ARG A 1 113 ? 12.690  4.386   -3.890  1.00 21.97 ? 113 ARG A CG  1 
ATOM   886  C CD  . ARG A 1 113 ? 12.825  5.115   -5.204  1.00 26.22 ? 113 ARG A CD  1 
ATOM   887  N NE  . ARG A 1 113 ? 11.833  4.590   -6.118  1.00 28.56 ? 113 ARG A NE  1 
ATOM   888  C CZ  . ARG A 1 113 ? 11.573  5.190   -7.268  1.00 32.69 ? 113 ARG A CZ  1 
ATOM   889  N NH1 . ARG A 1 113 ? 12.280  6.288   -7.576  1.00 33.94 ? 113 ARG A NH1 1 
ATOM   890  N NH2 . ARG A 1 113 ? 10.626  4.674   -8.056  1.00 32.69 ? 113 ARG A NH2 1 
ATOM   891  N N   . ASN A 1 114 ? 12.559  6.916   -0.170  1.00 14.56 ? 114 ASN A N   1 
ATOM   892  C CA  . ASN A 1 114 ? 12.955  8.071   0.689   1.00 14.39 ? 114 ASN A CA  1 
ATOM   893  C C   . ASN A 1 114 ? 13.131  7.716   2.147   1.00 14.05 ? 114 ASN A C   1 
ATOM   894  O O   . ASN A 1 114 ? 14.086  8.108   2.855   1.00 14.59 ? 114 ASN A O   1 
ATOM   895  C CB  . ASN A 1 114 ? 11.868  9.191   0.637   1.00 13.34 ? 114 ASN A CB  1 
ATOM   896  C CG  . ASN A 1 114 ? 11.713  9.739   -0.783  1.00 14.87 ? 114 ASN A CG  1 
ATOM   897  O OD1 . ASN A 1 114 ? 12.500  9.490   -1.670  1.00 13.24 ? 114 ASN A OD1 1 
ATOM   898  N ND2 . ASN A 1 114 ? 10.592  10.411  -1.031  1.00 18.47 ? 114 ASN A ND2 1 
ATOM   899  N N   . ARG A 1 115 ? 12.159  6.895   2.595   1.00 12.78 ? 115 ARG A N   1 
ATOM   900  C CA  . ARG A 1 115 ? 12.044  6.537   3.994   1.00 13.76 ? 115 ARG A CA  1 
ATOM   901  C C   . ARG A 1 115 ? 12.345  5.143   4.489   1.00 14.26 ? 115 ARG A C   1 
ATOM   902  O O   . ARG A 1 115 ? 12.418  4.989   5.734   1.00 14.58 ? 115 ARG A O   1 
ATOM   903  C CB  . ARG A 1 115 ? 10.512  6.724   4.336   1.00 18.04 ? 115 ARG A CB  1 
ATOM   904  C CG  . ARG A 1 115 ? 9.835   8.028   3.806   1.00 21.69 ? 115 ARG A CG  1 
ATOM   905  C CD  . ARG A 1 115 ? 10.090  9.073   4.842   1.00 24.43 ? 115 ARG A CD  1 
ATOM   906  N NE  . ARG A 1 115 ? 9.602   10.435  4.599   1.00 26.30 ? 115 ARG A NE  1 
ATOM   907  C CZ  . ARG A 1 115 ? 9.617   11.298  5.633   1.00 26.85 ? 115 ARG A CZ  1 
ATOM   908  N NH1 . ARG A 1 115 ? 10.077  10.947  6.839   1.00 27.44 ? 115 ARG A NH1 1 
ATOM   909  N NH2 . ARG A 1 115 ? 9.118   12.521  5.451   1.00 27.80 ? 115 ARG A NH2 1 
ATOM   910  N N   . CYS A 1 116 ? 12.434  4.201   3.605   1.00 13.52 ? 116 CYS A N   1 
ATOM   911  C CA  . CYS A 1 116 ? 12.645  2.787   4.075   1.00 13.01 ? 116 CYS A CA  1 
ATOM   912  C C   . CYS A 1 116 ? 13.875  2.128   3.484   1.00 13.02 ? 116 CYS A C   1 
ATOM   913  O O   . CYS A 1 116 ? 14.539  1.393   4.249   1.00 12.55 ? 116 CYS A O   1 
ATOM   914  C CB  . CYS A 1 116 ? 11.367  1.983   3.751   1.00 10.83 ? 116 CYS A CB  1 
ATOM   915  S SG  . CYS A 1 116 ? 9.833   2.739   4.308   1.00 10.85 ? 116 CYS A SG  1 
ATOM   916  N N   . GLN A 1 117 ? 14.131  2.365   2.221   1.00 13.19 ? 117 GLN A N   1 
ATOM   917  C CA  . GLN A 1 117 ? 15.305  1.740   1.561   1.00 16.27 ? 117 GLN A CA  1 
ATOM   918  C C   . GLN A 1 117 ? 16.632  2.047   2.234   1.00 17.10 ? 117 GLN A C   1 
ATOM   919  O O   . GLN A 1 117 ? 16.907  3.185   2.643   1.00 15.95 ? 117 GLN A O   1 
ATOM   920  C CB  . GLN A 1 117 ? 15.306  2.051   0.085   1.00 19.17 ? 117 GLN A CB  1 
ATOM   921  C CG  . GLN A 1 117 ? 16.549  1.681   -0.657  1.00 21.60 ? 117 GLN A CG  1 
ATOM   922  C CD  . GLN A 1 117 ? 16.544  2.070   -2.104  1.00 25.60 ? 117 GLN A CD  1 
ATOM   923  O OE1 . GLN A 1 117 ? 17.540  1.682   -2.708  1.00 29.72 ? 117 GLN A OE1 1 
ATOM   924  N NE2 . GLN A 1 117 ? 15.589  2.759   -2.694  1.00 27.12 ? 117 GLN A NE2 1 
ATOM   925  N N   . ASN A 1 118 ? 17.434  1.004   2.361   1.00 18.95 ? 118 ASN A N   1 
ATOM   926  C CA  . ASN A 1 118 ? 18.751  1.019   3.001   1.00 22.90 ? 118 ASN A CA  1 
ATOM   927  C C   . ASN A 1 118 ? 18.647  1.529   4.429   1.00 21.83 ? 118 ASN A C   1 
ATOM   928  O O   . ASN A 1 118 ? 19.540  2.249   4.882   1.00 22.53 ? 118 ASN A O   1 
ATOM   929  C CB  . ASN A 1 118 ? 19.813  1.834   2.227   1.00 28.54 ? 118 ASN A CB  1 
ATOM   930  C CG  . ASN A 1 118 ? 19.741  1.630   0.733   1.00 34.29 ? 118 ASN A CG  1 
ATOM   931  O OD1 . ASN A 1 118 ? 19.440  2.561   -0.071  1.00 38.71 ? 118 ASN A OD1 1 
ATOM   932  N ND2 . ASN A 1 118 ? 19.928  0.358   0.336   1.00 37.16 ? 118 ASN A ND2 1 
ATOM   933  N N   . ARG A 1 119 ? 17.566  1.228   5.122   1.00 21.00 ? 119 ARG A N   1 
ATOM   934  C CA  . ARG A 1 119 ? 17.374  1.671   6.510   1.00 19.91 ? 119 ARG A CA  1 
ATOM   935  C C   . ARG A 1 119 ? 17.072  0.468   7.420   1.00 19.12 ? 119 ARG A C   1 
ATOM   936  O O   . ARG A 1 119 ? 16.620  -0.558  6.914   1.00 19.72 ? 119 ARG A O   1 
ATOM   937  C CB  . ARG A 1 119 ? 16.220  2.659   6.719   1.00 20.72 ? 119 ARG A CB  1 
ATOM   938  C CG  . ARG A 1 119 ? 16.444  3.864   5.793   1.00 25.52 ? 119 ARG A CG  1 
ATOM   939  C CD  . ARG A 1 119 ? 16.232  5.094   6.599   1.00 26.11 ? 119 ARG A CD  1 
ATOM   940  N NE  . ARG A 1 119 ? 15.950  6.165   5.660   1.00 28.76 ? 119 ARG A NE  1 
ATOM   941  C CZ  . ARG A 1 119 ? 16.058  7.450   6.035   1.00 30.39 ? 119 ARG A CZ  1 
ATOM   942  N NH1 . ARG A 1 119 ? 16.465  7.769   7.261   1.00 30.33 ? 119 ARG A NH1 1 
ATOM   943  N NH2 . ARG A 1 119 ? 15.772  8.373   5.115   1.00 30.26 ? 119 ARG A NH2 1 
ATOM   944  N N   . ASP A 1 120 ? 17.268  0.704   8.706   1.00 17.62 ? 120 ASP A N   1 
ATOM   945  C CA  . ASP A 1 120 ? 16.963  -0.434  9.631   1.00 17.77 ? 120 ASP A CA  1 
ATOM   946  C C   . ASP A 1 120 ? 15.459  -0.305  9.879   1.00 17.48 ? 120 ASP A C   1 
ATOM   947  O O   . ASP A 1 120 ? 15.019  0.558   10.651  1.00 16.65 ? 120 ASP A O   1 
ATOM   948  C CB  . ASP A 1 120 ? 17.922  -0.357  10.808  1.00 20.63 ? 120 ASP A CB  1 
ATOM   949  C CG  . ASP A 1 120 ? 17.668  -1.415  11.878  1.00 22.04 ? 120 ASP A CG  1 
ATOM   950  O OD1 . ASP A 1 120 ? 16.798  -2.270  11.729  1.00 21.65 ? 120 ASP A OD1 1 
ATOM   951  O OD2 . ASP A 1 120 ? 18.387  -1.278  12.881  1.00 23.94 ? 120 ASP A OD2 1 
ATOM   952  N N   . VAL A 1 121 ? 14.689  -1.146  9.241   1.00 14.70 ? 121 VAL A N   1 
ATOM   953  C CA  . VAL A 1 121 ? 13.205  -1.083  9.416   1.00 14.01 ? 121 VAL A CA  1 
ATOM   954  C C   . VAL A 1 121 ? 12.749  -2.089  10.503  1.00 14.12 ? 121 VAL A C   1 
ATOM   955  O O   . VAL A 1 121 ? 11.514  -2.238  10.670  1.00 13.57 ? 121 VAL A O   1 
ATOM   956  C CB  . VAL A 1 121 ? 12.565  -1.350  8.049   1.00 11.34 ? 121 VAL A CB  1 
ATOM   957  C CG1 . VAL A 1 121 ? 12.786  -0.225  7.055   1.00 12.73 ? 121 VAL A CG1 1 
ATOM   958  C CG2 . VAL A 1 121 ? 13.199  -2.617  7.418   1.00 12.10 ? 121 VAL A CG2 1 
ATOM   959  N N   . ARG A 1 122 ? 13.625  -2.727  11.214  1.00 14.23 ? 122 ARG A N   1 
ATOM   960  C CA  . ARG A 1 122 ? 13.201  -3.747  12.231  1.00 15.51 ? 122 ARG A CA  1 
ATOM   961  C C   . ARG A 1 122 ? 12.268  -3.116  13.245  1.00 15.77 ? 122 ARG A C   1 
ATOM   962  O O   . ARG A 1 122 ? 11.403  -3.792  13.813  1.00 14.80 ? 122 ARG A O   1 
ATOM   963  C CB  . ARG A 1 122 ? 14.407  -4.382  12.924  1.00 18.37 ? 122 ARG A CB  1 
ATOM   964  C CG  . ARG A 1 122 ? 15.314  -5.188  12.013  1.00 21.50 ? 122 ARG A CG  1 
ATOM   965  C CD  . ARG A 1 122 ? 16.579  -5.666  12.633  1.00 25.75 ? 122 ARG A CD  1 
ATOM   966  N NE  . ARG A 1 122 ? 17.501  -4.628  13.058  1.00 28.65 ? 122 ARG A NE  1 
ATOM   967  C CZ  . ARG A 1 122 ? 18.569  -4.807  13.828  1.00 31.69 ? 122 ARG A CZ  1 
ATOM   968  N NH1 . ARG A 1 122 ? 18.905  -6.031  14.264  1.00 32.69 ? 122 ARG A NH1 1 
ATOM   969  N NH2 . ARG A 1 122 ? 19.345  -3.777  14.210  1.00 31.44 ? 122 ARG A NH2 1 
ATOM   970  N N   . GLN A 1 123 ? 12.429  -1.836  13.516  1.00 15.96 ? 123 GLN A N   1 
ATOM   971  C CA  . GLN A 1 123 ? 11.648  -1.076  14.476  1.00 17.29 ? 123 GLN A CA  1 
ATOM   972  C C   . GLN A 1 123 ? 10.147  -1.204  14.190  1.00 17.81 ? 123 GLN A C   1 
ATOM   973  O O   . GLN A 1 123 ? 9.372   -1.187  15.162  1.00 17.72 ? 123 GLN A O   1 
ATOM   974  C CB  . GLN A 1 123 ? 11.926  0.440   14.512  1.00 23.62 ? 123 GLN A CB  1 
ATOM   975  C CG  . GLN A 1 123 ? 11.915  1.142   13.155  1.00 28.60 ? 123 GLN A CG  1 
ATOM   976  C CD  . GLN A 1 123 ? 12.362  2.594   13.327  1.00 33.62 ? 123 GLN A CD  1 
ATOM   977  O OE1 . GLN A 1 123 ? 11.688  3.353   14.035  1.00 36.72 ? 123 GLN A OE1 1 
ATOM   978  N NE2 . GLN A 1 123 ? 13.487  2.984   12.716  1.00 33.81 ? 123 GLN A NE2 1 
ATOM   979  N N   . TYR A 1 124 ? 9.759   -1.301  12.929  1.00 15.22 ? 124 TYR A N   1 
ATOM   980  C CA  . TYR A 1 124 ? 8.319   -1.379  12.659  1.00 15.94 ? 124 TYR A CA  1 
ATOM   981  C C   . TYR A 1 124 ? 7.642   -2.657  13.121  1.00 15.38 ? 124 TYR A C   1 
ATOM   982  O O   . TYR A 1 124 ? 6.403   -2.579  13.343  1.00 15.56 ? 124 TYR A O   1 
ATOM   983  C CB  . TYR A 1 124 ? 7.989   -1.030  11.189  1.00 15.84 ? 124 TYR A CB  1 
ATOM   984  C CG  . TYR A 1 124 ? 8.561   0.317   10.781  1.00 16.60 ? 124 TYR A CG  1 
ATOM   985  C CD1 . TYR A 1 124 ? 7.846   1.493   11.005  1.00 18.67 ? 124 TYR A CD1 1 
ATOM   986  C CD2 . TYR A 1 124 ? 9.831   0.438   10.229  1.00 17.65 ? 124 TYR A CD2 1 
ATOM   987  C CE1 . TYR A 1 124 ? 8.384   2.736   10.668  1.00 16.74 ? 124 TYR A CE1 1 
ATOM   988  C CE2 . TYR A 1 124 ? 10.374  1.668   9.861   1.00 17.16 ? 124 TYR A CE2 1 
ATOM   989  C CZ  . TYR A 1 124 ? 9.632   2.817   10.101  1.00 18.18 ? 124 TYR A CZ  1 
ATOM   990  O OH  . TYR A 1 124 ? 10.168  4.059   9.789   1.00 19.25 ? 124 TYR A OH  1 
ATOM   991  N N   . VAL A 1 125 ? 8.360   -3.727  13.316  1.00 15.89 ? 125 VAL A N   1 
ATOM   992  C CA  . VAL A 1 125 ? 7.768   -5.000  13.735  1.00 16.31 ? 125 VAL A CA  1 
ATOM   993  C C   . VAL A 1 125 ? 8.227   -5.413  15.143  1.00 18.64 ? 125 VAL A C   1 
ATOM   994  O O   . VAL A 1 125 ? 7.801   -6.499  15.595  1.00 18.04 ? 125 VAL A O   1 
ATOM   995  C CB  . VAL A 1 125 ? 8.045   -6.106  12.677  1.00 14.40 ? 125 VAL A CB  1 
ATOM   996  C CG1 . VAL A 1 125 ? 7.340   -5.849  11.339  1.00 14.26 ? 125 VAL A CG1 1 
ATOM   997  C CG2 . VAL A 1 125 ? 9.516   -6.459  12.532  1.00 14.87 ? 125 VAL A CG2 1 
ATOM   998  N N   . GLN A 1 126 ? 9.071   -4.589  15.739  1.00 19.66 ? 126 GLN A N   1 
ATOM   999  C CA  . GLN A 1 126 ? 9.611   -4.942  17.072  1.00 22.69 ? 126 GLN A CA  1 
ATOM   1000 C C   . GLN A 1 126 ? 8.480   -5.196  18.049  1.00 20.82 ? 126 GLN A C   1 
ATOM   1001 O O   . GLN A 1 126 ? 7.556   -4.379  18.197  1.00 19.95 ? 126 GLN A O   1 
ATOM   1002 C CB  . GLN A 1 126 ? 10.583  -3.831  17.550  1.00 28.17 ? 126 GLN A CB  1 
ATOM   1003 C CG  . GLN A 1 126 ? 9.792   -2.572  17.868  1.00 33.79 ? 126 GLN A CG  1 
ATOM   1004 C CD  . GLN A 1 126 ? 10.515  -1.268  18.115  1.00 38.10 ? 126 GLN A CD  1 
ATOM   1005 O OE1 . GLN A 1 126 ? 9.870   -0.205  18.300  1.00 39.91 ? 126 GLN A OE1 1 
ATOM   1006 N NE2 . GLN A 1 126 ? 11.853  -1.285  18.104  1.00 39.53 ? 126 GLN A NE2 1 
ATOM   1007 N N   . GLY A 1 127 ? 8.492   -6.361  18.719  1.00 19.49 ? 127 GLY A N   1 
ATOM   1008 C CA  . GLY A 1 127 ? 7.462   -6.690  19.713  1.00 18.76 ? 127 GLY A CA  1 
ATOM   1009 C C   . GLY A 1 127 ? 6.109   -7.113  19.302  1.00 16.85 ? 127 GLY A C   1 
ATOM   1010 O O   . GLY A 1 127 ? 5.221   -7.325  20.152  1.00 18.74 ? 127 GLY A O   1 
ATOM   1011 N N   . CYS A 1 128 ? 5.814   -7.273  18.029  1.00 15.05 ? 128 CYS A N   1 
ATOM   1012 C CA  . CYS A 1 128 ? 4.529   -7.682  17.515  1.00 13.27 ? 128 CYS A CA  1 
ATOM   1013 C C   . CYS A 1 128 ? 4.284   -9.185  17.472  1.00 14.01 ? 128 CYS A C   1 
ATOM   1014 O O   . CYS A 1 128 ? 3.177   -9.628  17.125  1.00 13.77 ? 128 CYS A O   1 
ATOM   1015 C CB  . CYS A 1 128 ? 4.338   -7.072  16.118  1.00 12.83 ? 128 CYS A CB  1 
ATOM   1016 S SG  . CYS A 1 128 ? 4.510   -5.242  16.173  1.00 13.64 ? 128 CYS A SG  1 
ATOM   1017 N N   . GLY A 1 129 ? 5.311   -9.957  17.711  1.00 15.62 ? 129 GLY A N   1 
ATOM   1018 C CA  . GLY A 1 129 ? 5.271   -11.406 17.701  1.00 19.41 ? 129 GLY A CA  1 
ATOM   1019 C C   . GLY A 1 129 ? 5.060   -11.991 16.334  1.00 20.74 ? 129 GLY A C   1 
ATOM   1020 O O   . GLY A 1 129 ? 4.279   -12.961 16.196  1.00 22.95 ? 129 GLY A O   1 
ATOM   1021 N N   . VAL A 1 130 ? 5.704   -11.466 15.316  1.00 21.66 ? 130 VAL A N   1 
ATOM   1022 C CA  . VAL A 1 130 ? 5.530   -11.989 13.942  1.00 23.09 ? 130 VAL A CA  1 
ATOM   1023 C C   . VAL A 1 130 ? 6.906   -12.415 13.434  1.00 24.61 ? 130 VAL A C   1 
ATOM   1024 O O   . VAL A 1 130 ? 7.823   -12.362 14.262  1.00 25.95 ? 130 VAL A O   1 
ATOM   1025 C CB  . VAL A 1 130 ? 4.871   -10.895 13.093  1.00 21.53 ? 130 VAL A CB  1 
ATOM   1026 C CG1 . VAL A 1 130 ? 3.477   -10.539 13.602  1.00 21.79 ? 130 VAL A CG1 1 
ATOM   1027 C CG2 . VAL A 1 130 ? 5.799   -9.667  13.093  1.00 23.26 ? 130 VAL A CG2 1 
ATOM   1028 O OXT . VAL A 1 130 ? 7.007   -12.726 12.237  1.00 29.08 ? 130 VAL A OXT 1 
HETATM 1029 N N1  . GSH B 2 .   ? -3.203  -1.770  -15.304 1.00 30.82 ? 500 GSH A N1  1 
HETATM 1030 C CA1 . GSH B 2 .   ? -2.591  -3.073  -14.867 1.00 30.61 ? 500 GSH A CA1 1 
HETATM 1031 C C1  . GSH B 2 .   ? -3.058  -4.284  -15.683 1.00 32.05 ? 500 GSH A C1  1 
HETATM 1032 O O11 . GSH B 2 .   ? -2.318  -5.295  -15.640 1.00 32.04 ? 500 GSH A O11 1 
HETATM 1033 O O12 . GSH B 2 .   ? -4.168  -4.126  -16.242 1.00 33.64 ? 500 GSH A O12 1 
HETATM 1034 C CB1 . GSH B 2 .   ? -2.981  -3.317  -13.409 1.00 27.28 ? 500 GSH A CB1 1 
HETATM 1035 C CG1 . GSH B 2 .   ? -4.513  -3.098  -13.158 1.00 23.79 ? 500 GSH A CG1 1 
HETATM 1036 C CD1 . GSH B 2 .   ? -4.779  -4.080  -12.070 1.00 22.70 ? 500 GSH A CD1 1 
HETATM 1037 O OE1 . GSH B 2 .   ? -4.428  -5.274  -12.173 1.00 23.10 ? 500 GSH A OE1 1 
HETATM 1038 N N2  . GSH B 2 .   ? -5.356  -3.647  -10.970 1.00 21.49 ? 500 GSH A N2  1 
HETATM 1039 C CA2 . GSH B 2 .   ? -5.682  -4.602  -9.914  1.00 19.58 ? 500 GSH A CA2 1 
HETATM 1040 C C2  . GSH B 2 .   ? -7.028  -5.189  -10.144 1.00 21.37 ? 500 GSH A C2  1 
HETATM 1041 O O2  . GSH B 2 .   ? -7.862  -4.565  -10.805 1.00 19.68 ? 500 GSH A O2  1 
HETATM 1042 C CB2 . GSH B 2 .   ? -5.738  -3.869  -8.570  1.00 16.81 ? 500 GSH A CB2 1 
HETATM 1043 S SG2 . GSH B 2 .   ? -4.037  -3.596  -8.016  1.00 15.84 ? 500 GSH A SG2 1 
HETATM 1044 N N3  . GSH B 2 .   ? -7.378  -6.343  -9.571  1.00 24.84 ? 500 GSH A N3  1 
HETATM 1045 C CA3 . GSH B 2 .   ? -8.840  -6.401  -9.438  1.00 29.39 ? 500 GSH A CA3 1 
HETATM 1046 C C3  . GSH B 2 .   ? -9.228  -7.859  -9.553  1.00 32.86 ? 500 GSH A C3  1 
HETATM 1047 O O31 . GSH B 2 .   ? -10.192 -8.071  -8.673  1.00 35.47 ? 500 GSH A O31 1 
HETATM 1048 O O32 . GSH B 2 .   ? -8.556  -8.459  -10.367 1.00 34.27 ? 500 GSH A O32 1 
HETATM 1049 O O   . HOH C 3 .   ? 21.253  -4.913  16.128  1.00 40.05 ? 131 HOH A O   1 
HETATM 1050 O O   . HOH C 3 .   ? 0.464   2.261   16.386  1.00 25.50 ? 132 HOH A O   1 
HETATM 1051 O O   . HOH C 3 .   ? 0.857   -2.031  18.721  1.00 15.63 ? 133 HOH A O   1 
HETATM 1052 O O   . HOH C 3 .   ? 10.062  -8.769  18.540  1.00 39.29 ? 134 HOH A O   1 
HETATM 1053 O O   . HOH C 3 .   ? 5.022   3.087   13.855  1.00 16.07 ? 135 HOH A O   1 
HETATM 1054 O O   . HOH C 3 .   ? 18.412  3.607   9.311   1.00 18.14 ? 136 HOH A O   1 
HETATM 1055 O O   . HOH C 3 .   ? -1.616  3.703   14.761  1.00 24.65 ? 137 HOH A O   1 
HETATM 1056 O O   . HOH C 3 .   ? -1.637  -5.549  19.464  1.00 26.82 ? 138 HOH A O   1 
HETATM 1057 O O   . HOH C 3 .   ? 7.817   -10.579 19.246  1.00 24.86 ? 139 HOH A O   1 
HETATM 1058 O O   . HOH C 3 .   ? 12.354  3.948   8.582   1.00 37.02 ? 140 HOH A O   1 
HETATM 1059 O O   . HOH C 3 .   ? -9.952  3.636   13.767  1.00 14.82 ? 141 HOH A O   1 
HETATM 1060 O O   . HOH C 3 .   ? 8.641   10.684  1.773   1.00 15.76 ? 142 HOH A O   1 
HETATM 1061 O O   . HOH C 3 .   ? 15.819  5.776   2.658   1.00 24.38 ? 143 HOH A O   1 
HETATM 1062 O O   . HOH C 3 .   ? -9.952  5.340   9.317   1.00 21.45 ? 144 HOH A O   1 
HETATM 1063 O O   . HOH C 3 .   ? 14.517  -1.563  3.893   1.00 11.35 ? 145 HOH A O   1 
HETATM 1064 O O   . HOH C 3 .   ? 4.870   7.280   -2.714  1.00 13.93 ? 146 HOH A O   1 
HETATM 1065 O O   . HOH C 3 .   ? -8.230  -6.341  7.572   1.00 17.29 ? 147 HOH A O   1 
HETATM 1066 O O   . HOH C 3 .   ? -6.547  0.410   2.157   1.00 11.02 ? 148 HOH A O   1 
HETATM 1067 O O   . HOH C 3 .   ? 1.412   6.598   -3.431  1.00 23.52 ? 149 HOH A O   1 
HETATM 1068 O O   . HOH C 3 .   ? 0.759   16.865  -7.791  1.00 34.22 ? 150 HOH A O   1 
HETATM 1069 O O   . HOH C 3 .   ? -15.205 -2.405  5.696   1.00 16.71 ? 151 HOH A O   1 
HETATM 1070 O O   . HOH C 3 .   ? -8.612  -1.188  2.675   1.00 10.01 ? 152 HOH A O   1 
HETATM 1071 O O   . HOH C 3 .   ? -4.369  1.086   -0.202  1.00 10.94 ? 153 HOH A O   1 
HETATM 1072 O O   . HOH C 3 .   ? 3.217   -13.566 5.677   1.00 14.59 ? 154 HOH A O   1 
HETATM 1073 O O   . HOH C 3 .   ? -15.317 2.005   0.713   1.00 19.52 ? 155 HOH A O   1 
HETATM 1074 O O   . HOH C 3 .   ? -11.804 10.295  -4.829  1.00 23.07 ? 156 HOH A O   1 
HETATM 1075 O O   . HOH C 3 .   ? 5.157   -16.042 4.091   1.00 40.50 ? 157 HOH A O   1 
HETATM 1076 O O   . HOH C 3 .   ? -9.292  -3.337  1.016   1.00 8.77  ? 158 HOH A O   1 
HETATM 1077 O O   . HOH C 3 .   ? -16.089 4.158   -1.368  1.00 19.69 ? 159 HOH A O   1 
HETATM 1078 O O   . HOH C 3 .   ? 0.396   3.152   -6.604  1.00 32.33 ? 160 HOH A O   1 
HETATM 1079 O O   . HOH C 3 .   ? 12.514  -3.507  -5.438  1.00 38.41 ? 161 HOH A O   1 
HETATM 1080 O O   . HOH C 3 .   ? -11.187 -5.937  1.372   1.00 20.60 ? 162 HOH A O   1 
HETATM 1081 O O   . HOH C 3 .   ? -8.645  10.849  -9.307  1.00 21.45 ? 163 HOH A O   1 
HETATM 1082 O O   . HOH C 3 .   ? 0.038   8.755   -11.384 1.00 29.09 ? 164 HOH A O   1 
HETATM 1083 O O   . HOH C 3 .   ? -3.790  -11.687 -1.397  1.00 26.60 ? 165 HOH A O   1 
HETATM 1084 O O   . HOH C 3 .   ? 6.206   -2.399  -9.030  1.00 24.93 ? 166 HOH A O   1 
HETATM 1085 O O   . HOH C 3 .   ? 6.433   -14.541 -3.521  1.00 23.52 ? 167 HOH A O   1 
HETATM 1086 O O   . HOH C 3 .   ? 9.366   -7.442  -8.493  1.00 33.35 ? 168 HOH A O   1 
HETATM 1087 O O   . HOH C 3 .   ? -14.987 2.691   -9.347  1.00 11.63 ? 169 HOH A O   1 
HETATM 1088 O O   . HOH C 3 .   ? -9.302  5.449   -12.678 1.00 14.79 ? 170 HOH A O   1 
HETATM 1089 O O   . HOH C 3 .   ? -2.614  -10.426 -6.525  1.00 26.06 ? 171 HOH A O   1 
HETATM 1090 O O   . HOH C 3 .   ? 0.125   -13.744 -5.787  1.00 42.55 ? 172 HOH A O   1 
HETATM 1091 O O   . HOH C 3 .   ? -10.588 6.896   -14.654 1.00 25.09 ? 173 HOH A O   1 
HETATM 1092 O O   . HOH C 3 .   ? 16.011  9.247   10.458  1.00 41.00 ? 174 HOH A O   1 
HETATM 1093 O O   . HOH C 3 .   ? 8.975   5.617   12.462  1.00 44.37 ? 175 HOH A O   1 
HETATM 1094 O O   . HOH C 3 .   ? -1.239  -3.205  18.402  1.00 33.75 ? 176 HOH A O   1 
HETATM 1095 O O   . HOH C 3 .   ? 7.909   -9.272  15.909  1.00 35.25 ? 178 HOH A O   1 
HETATM 1096 O O   . HOH C 3 .   ? 0.569   10.339  5.934   1.00 45.77 ? 179 HOH A O   1 
HETATM 1097 O O   . HOH C 3 .   ? -4.202  -9.192  15.823  1.00 39.89 ? 180 HOH A O   1 
HETATM 1098 O O   . HOH C 3 .   ? 13.055  -7.665  11.007  1.00 48.36 ? 181 HOH A O   1 
HETATM 1099 O O   . HOH C 3 .   ? 17.943  -8.346  8.004   1.00 70.93 ? 182 HOH A O   1 
HETATM 1100 O O   . HOH C 3 .   ? 10.237  -8.595  8.839   1.00 6.88  ? 184 HOH A O   1 
HETATM 1101 O O   . HOH C 3 .   ? -14.026 -1.829  11.262  1.00 57.89 ? 185 HOH A O   1 
HETATM 1102 O O   . HOH C 3 .   ? -2.803  10.822  1.661   1.00 36.53 ? 186 HOH A O   1 
HETATM 1103 O O   . HOH C 3 .   ? -6.483  15.434  -1.121  1.00 34.30 ? 188 HOH A O   1 
HETATM 1104 O O   . HOH C 3 .   ? -0.413  -13.176 12.381  1.00 26.88 ? 189 HOH A O   1 
HETATM 1105 O O   . HOH C 3 .   ? -9.598  -4.542  9.730   1.00 39.62 ? 190 HOH A O   1 
HETATM 1106 O O   . HOH C 3 .   ? -12.065 2.339   6.047   1.00 19.94 ? 191 HOH A O   1 
HETATM 1107 O O   . HOH C 3 .   ? -0.418  9.877   -1.439  1.00 40.51 ? 192 HOH A O   1 
HETATM 1108 O O   . HOH C 3 .   ? -7.682  -14.631 12.405  1.00 33.44 ? 193 HOH A O   1 
HETATM 1109 O O   . HOH C 3 .   ? 6.381   -15.082 7.685   1.00 62.20 ? 194 HOH A O   1 
HETATM 1110 O O   . HOH C 3 .   ? 4.904   7.079   -5.438  1.00 21.29 ? 195 HOH A O   1 
HETATM 1111 O O   . HOH C 3 .   ? -9.979  12.616  -5.139  1.00 22.11 ? 196 HOH A O   1 
HETATM 1112 O O   . HOH C 3 .   ? -5.624  19.314  -10.834 1.00 45.44 ? 197 HOH A O   1 
HETATM 1113 O O   . HOH C 3 .   ? 1.090   7.672   -6.194  1.00 39.74 ? 198 HOH A O   1 
HETATM 1114 O O   . HOH C 3 .   ? -9.691  20.375  -10.398 1.00 48.44 ? 199 HOH A O   1 
HETATM 1115 O O   . HOH C 3 .   ? 2.753   5.213   -6.206  1.00 28.45 ? 200 HOH A O   1 
HETATM 1116 O O   . HOH C 3 .   ? -9.221  13.729  -11.248 1.00 37.23 ? 201 HOH A O   1 
HETATM 1117 O O   . HOH C 3 .   ? -12.724 -9.614  1.312   1.00 39.97 ? 202 HOH A O   1 
HETATM 1118 O O   . HOH C 3 .   ? -5.969  -10.501 0.327   1.00 25.73 ? 203 HOH A O   1 
HETATM 1119 O O   . HOH C 3 .   ? 2.657   -15.076 0.416   1.00 30.87 ? 204 HOH A O   1 
HETATM 1120 O O   . HOH C 3 .   ? 1.691   4.691   -9.737  1.00 47.40 ? 205 HOH A O   1 
HETATM 1121 O O   . HOH C 3 .   ? -11.067 14.527  -13.947 1.00 35.35 ? 206 HOH A O   1 
HETATM 1122 O O   . HOH C 3 .   ? 0.166   -14.485 -1.566  1.00 36.72 ? 207 HOH A O   1 
HETATM 1123 O O   . HOH C 3 .   ? 5.291   -0.701  -10.905 1.00 41.42 ? 208 HOH A O   1 
HETATM 1124 O O   . HOH C 3 .   ? 8.009   -1.728  -12.611 1.00 34.96 ? 209 HOH A O   1 
HETATM 1125 O O   . HOH C 3 .   ? -5.718  -7.392  -7.412  1.00 21.45 ? 211 HOH A O   1 
HETATM 1126 O O   . HOH C 3 .   ? -11.637 8.400   -17.101 1.00 50.89 ? 213 HOH A O   1 
HETATM 1127 O O   . HOH C 3 .   ? 11.789  9.205   8.420   1.00 40.14 ? 402 HOH A O   1 
HETATM 1128 O O   . HOH C 3 .   ? 15.687  -4.187  9.268   1.00 61.11 ? 403 HOH A O   1 
HETATM 1129 O O   . HOH C 3 .   ? 17.199  -2.589  4.640   1.00 34.77 ? 404 HOH A O   1 
HETATM 1130 O O   . HOH C 3 .   ? 15.412  -5.267  3.911   1.00 12.19 ? 405 HOH A O   1 
HETATM 1131 O O   . HOH C 3 .   ? 16.992  -2.735  -0.983  1.00 7.41  ? 406 HOH A O   1 
HETATM 1132 O O   . HOH C 3 .   ? 5.425   -14.817 0.716   1.00 51.93 ? 409 HOH A O   1 
HETATM 1133 O O   . HOH C 3 .   ? -8.726  10.476  -20.593 1.00 23.06 ? 411 HOH A O   1 
HETATM 1134 O O   . HOH C 3 .   ? 1.047   -9.920  -12.813 1.00 44.25 ? 413 HOH A O   1 
HETATM 1135 O O   . HOH C 3 .   ? 7.305   -9.819  22.419  1.00 45.85 ? 421 HOH A O   1 
HETATM 1136 O O   . HOH C 3 .   ? 11.325  6.186   12.153  1.00 42.11 ? 422 HOH A O   1 
HETATM 1137 O O   . HOH C 3 .   ? 18.912  -3.655  17.094  1.00 37.06 ? 423 HOH A O   1 
HETATM 1138 O O   . HOH C 3 .   ? 18.568  6.405   8.881   1.00 29.10 ? 424 HOH A O   1 
HETATM 1139 O O   . HOH C 3 .   ? -6.557  3.203   16.110  1.00 57.62 ? 426 HOH A O   1 
HETATM 1140 O O   . HOH C 3 .   ? -7.102  -0.620  15.042  1.00 40.62 ? 428 HOH A O   1 
HETATM 1141 O O   . HOH C 3 .   ? -2.670  10.920  5.079   1.00 52.98 ? 429 HOH A O   1 
HETATM 1142 O O   . HOH C 3 .   ? 15.997  -6.710  7.943   1.00 33.89 ? 430 HOH A O   1 
HETATM 1143 O O   . HOH C 3 .   ? -14.255 2.093   11.314  1.00 35.29 ? 431 HOH A O   1 
HETATM 1144 O O   . HOH C 3 .   ? -11.514 -2.966  13.542  1.00 45.27 ? 432 HOH A O   1 
HETATM 1145 O O   . HOH C 3 .   ? 16.215  5.561   -1.781  1.00 47.30 ? 434 HOH A O   1 
HETATM 1146 O O   . HOH C 3 .   ? -14.987 11.779  3.643   1.00 35.45 ? 436 HOH A O   1 
HETATM 1147 O O   . HOH C 3 .   ? 9.482   -11.862 8.947   1.00 45.73 ? 437 HOH A O   1 
HETATM 1148 O O   . HOH C 3 .   ? 16.883  -2.066  1.438   1.00 46.82 ? 438 HOH A O   1 
HETATM 1149 O O   . HOH C 3 .   ? -1.229  18.181  -5.092  1.00 35.50 ? 439 HOH A O   1 
HETATM 1150 O O   . HOH C 3 .   ? -13.371 5.235   3.778   1.00 70.97 ? 441 HOH A O   1 
HETATM 1151 O O   . HOH C 3 .   ? 1.801   8.599   -1.857  1.00 40.11 ? 442 HOH A O   1 
HETATM 1152 O O   . HOH C 3 .   ? -9.584  13.534  -2.402  1.00 33.84 ? 443 HOH A O   1 
HETATM 1153 O O   . HOH C 3 .   ? -6.239  -10.998 8.619   1.00 41.44 ? 444 HOH A O   1 
HETATM 1154 O O   . HOH C 3 .   ? 2.955   2.416   -6.579  1.00 40.91 ? 446 HOH A O   1 
HETATM 1155 O O   . HOH C 3 .   ? -13.677 -6.493  2.049   1.00 37.25 ? 447 HOH A O   1 
HETATM 1156 O O   . HOH C 3 .   ? -7.639  -6.277  -5.185  1.00 37.97 ? 450 HOH A O   1 
HETATM 1157 O O   . HOH C 3 .   ? -6.975  1.952   -13.448 1.00 40.65 ? 454 HOH A O   1 
HETATM 1158 O O   . HOH C 3 .   ? -9.359  2.391   -15.526 1.00 30.61 ? 457 HOH A O   1 
HETATM 1159 O O   . HOH C 3 .   ? 1.988   -3.919  -15.516 1.00 44.71 ? 458 HOH A O   1 
HETATM 1160 O O   . HOH C 3 .   ? -15.909 1.805   -14.386 1.00 30.60 ? 459 HOH A O   1 
HETATM 1161 O O   . HOH C 3 .   ? -3.128  -7.303  -13.810 1.00 27.44 ? 461 HOH A O   1 
# 
